data_7UWR
#
_entry.id   7UWR
#
loop_
_entity.id
_entity.type
_entity.pdbx_description
1 polymer 'Narbonolide/10-deoxymethynolide synthase PikA1, modules 1 and 2'
2 water water
#
_entity_poly.entity_id   1
_entity_poly.type   'polypeptide(L)'
_entity_poly.pdbx_seq_one_letter_code
;EPVAVVGISCRVPGARDPREFWELLAAGGQAVTDVPADRWNAGDFYDPDRSAPGRSNSRWGGFIEDVDRFDAAFFGISPR
EAAEMDPQQRLALELGWEALERAGIDPSSLTGTRTGVFAGAIWDDYATLKHRQGGAAITPHTVTGLHRGIIANRLSYTLG
LRGPSMVVDSGQSSSLVAVHLACESLRRGESELALAGGVSLNLVPDSIIGASKFGGLSPDGRAYTFDARANGYVRGEGGG
FVVLKRLSRAVADGDPVLAVIRGSAVNNGGAAQGMTTPDAQAQEAVLREAHERAGTAPADVRYVELHGTGTPVGDPIEAA
ALGAALGTGRPAGQPLLVGSVKTNIGHLEGAAGIAGLIKAVLAVRGRALPASLNYETPNPAIPFEELNLRVNTEYLPWEP
EHDGQRMVVGVSSFGMGGTNAHVVLEEAPGVVEGASVVESTVGGSAVGGGVVPWVVSAKSAAALDAQIERLAAFASRDRT
DGVDAGAVDAGAVDAGAVARVLAGGRAQFEHRAVVVGSGPDDLAAALAAPEGLVRGVASGVGRVAFVFPGQGTQWAGMGA
ELLDSSAVFAAAMAECEAALSPYVDWSLEAVVRQAPGAPTLERVDVVQPVTFAVMVSLARVWQHHGVTPQAVVGHSQGEI
AAAYVAGALSLDDAARVVTLRSKSIAAHLAGKGGMLSLALSEDAVLERLAGFDGLSVAAVNGPTATVVSGDPVQIEELAR
ACEADGVRARVIPVDYASHSRQVEIIESELAEVLAGLSPQAPRVPFFSTLEGAWITEPVLDGGYWYRNLRHRVGFAPAVE
TLATDEGFTHFVEVSAHPVLTMALPGTVTGLATLRRDNGGQDRLVASLAEAWANGLAVDWSPLLPSATGHHSDLPTYAFQ
TERHWL
;
_entity_poly.pdbx_strand_id   A,B
#
# COMPACT_ATOMS: atom_id res chain seq x y z
N GLU A 1 -2.52 18.69 -3.95
CA GLU A 1 -1.47 18.31 -3.01
C GLU A 1 -1.97 18.28 -1.54
N PRO A 2 -2.56 19.37 -1.04
CA PRO A 2 -2.95 19.38 0.37
C PRO A 2 -4.15 18.48 0.59
N VAL A 3 -4.12 17.70 1.67
CA VAL A 3 -5.20 16.77 1.97
C VAL A 3 -5.88 17.20 3.27
N ALA A 4 -7.18 17.50 3.20
CA ALA A 4 -7.91 17.81 4.42
C ALA A 4 -8.18 16.54 5.23
N VAL A 5 -7.80 16.57 6.51
CA VAL A 5 -8.41 15.74 7.54
C VAL A 5 -9.77 16.35 7.88
N VAL A 6 -10.85 15.67 7.48
CA VAL A 6 -12.19 16.17 7.71
C VAL A 6 -12.89 15.49 8.88
N GLY A 7 -12.47 14.29 9.24
CA GLY A 7 -13.03 13.61 10.39
C GLY A 7 -11.97 12.76 11.04
N ILE A 8 -12.17 12.49 12.32
CA ILE A 8 -11.28 11.62 13.09
C ILE A 8 -12.13 10.74 13.98
N SER A 9 -11.62 9.54 14.24
CA SER A 9 -12.04 8.78 15.41
C SER A 9 -10.84 8.02 15.96
N CYS A 10 -10.89 7.76 17.26
CA CYS A 10 -9.85 6.98 17.90
C CYS A 10 -10.47 6.18 19.05
N ARG A 11 -9.75 5.13 19.43
CA ARG A 11 -10.06 4.31 20.60
C ARG A 11 -8.70 3.97 21.19
N VAL A 12 -8.33 4.66 22.26
CA VAL A 12 -6.98 4.56 22.80
C VAL A 12 -7.09 4.28 24.30
N PRO A 13 -6.00 3.81 24.93
CA PRO A 13 -6.10 3.19 26.27
C PRO A 13 -6.92 3.95 27.30
N GLY A 14 -6.86 5.28 27.31
CA GLY A 14 -7.65 6.02 28.28
C GLY A 14 -8.75 6.89 27.71
N ALA A 15 -9.16 6.65 26.47
CA ALA A 15 -9.97 7.63 25.76
C ALA A 15 -10.80 6.95 24.68
N ARG A 16 -12.11 7.17 24.73
CA ARG A 16 -13.06 6.59 23.78
C ARG A 16 -13.10 7.33 22.45
N ASP A 17 -12.65 8.58 22.40
CA ASP A 17 -12.89 9.42 21.24
C ASP A 17 -11.87 10.57 21.24
N PRO A 18 -11.81 11.37 20.17
CA PRO A 18 -10.75 12.38 20.08
C PRO A 18 -10.86 13.50 21.10
N ARG A 19 -12.06 13.81 21.59
CA ARG A 19 -12.17 14.76 22.70
C ARG A 19 -11.58 14.18 23.97
N GLU A 20 -11.94 12.94 24.31
CA GLU A 20 -11.35 12.27 25.45
C GLU A 20 -9.84 12.16 25.33
N PHE A 21 -9.36 11.90 24.11
CA PHE A 21 -7.92 11.82 23.85
C PHE A 21 -7.23 13.17 24.09
N TRP A 22 -7.83 14.26 23.59
CA TRP A 22 -7.29 15.59 23.86
C TRP A 22 -7.35 15.95 25.34
N GLU A 23 -8.44 15.60 26.03
CA GLU A 23 -8.50 15.81 27.47
C GLU A 23 -7.38 15.09 28.21
N LEU A 24 -7.13 13.84 27.86
CA LEU A 24 -5.99 13.10 28.44
C LEU A 24 -4.66 13.79 28.14
N LEU A 25 -4.46 14.21 26.89
CA LEU A 25 -3.20 14.86 26.49
C LEU A 25 -2.98 16.20 27.18
N ALA A 26 -3.98 17.08 27.15
CA ALA A 26 -3.87 18.38 27.81
C ALA A 26 -3.68 18.24 29.32
N ALA A 27 -4.38 17.29 29.93
CA ALA A 27 -4.22 17.02 31.35
C ALA A 27 -2.88 16.38 31.69
N GLY A 28 -2.12 15.95 30.70
CA GLY A 28 -0.93 15.18 30.98
C GLY A 28 -1.24 13.82 31.58
N GLY A 29 -2.34 13.22 31.16
CA GLY A 29 -2.77 11.97 31.74
C GLY A 29 -2.02 10.78 31.15
N GLN A 30 -1.79 9.78 31.98
CA GLN A 30 -1.13 8.54 31.59
C GLN A 30 -2.10 7.39 31.73
N ALA A 31 -2.37 6.71 30.62
CA ALA A 31 -3.35 5.63 30.54
C ALA A 31 -2.70 4.24 30.57
N VAL A 32 -1.42 4.16 30.92
CA VAL A 32 -0.76 2.87 31.10
C VAL A 32 -1.15 2.29 32.45
N THR A 33 -1.64 1.05 32.43
CA THR A 33 -2.19 0.38 33.60
C THR A 33 -1.57 -1.01 33.72
N ASP A 34 -1.90 -1.71 34.81
CA ASP A 34 -1.70 -3.15 34.85
C ASP A 34 -2.37 -3.86 33.68
N VAL A 35 -1.88 -5.03 33.34
CA VAL A 35 -2.53 -5.92 32.36
C VAL A 35 -3.95 -6.23 32.83
N PRO A 36 -4.94 -6.26 31.93
CA PRO A 36 -6.30 -6.60 32.33
C PRO A 36 -6.39 -8.03 32.85
N ALA A 37 -7.02 -8.18 34.03
CA ALA A 37 -7.22 -9.51 34.59
C ALA A 37 -8.17 -10.35 33.74
N ASP A 38 -9.04 -9.71 32.96
CA ASP A 38 -10.07 -10.46 32.24
C ASP A 38 -9.55 -11.14 30.98
N ARG A 39 -8.45 -10.68 30.39
CA ARG A 39 -7.92 -11.37 29.22
C ARG A 39 -6.87 -12.42 29.59
N TRP A 40 -5.80 -12.02 30.27
CA TRP A 40 -4.68 -12.93 30.51
C TRP A 40 -3.85 -12.44 31.67
N ASN A 41 -3.50 -13.35 32.58
CA ASN A 41 -2.95 -12.97 33.88
C ASN A 41 -1.56 -12.36 33.76
N ALA A 42 -1.42 -11.16 34.32
CA ALA A 42 -0.18 -10.39 34.22
C ALA A 42 1.01 -11.15 34.82
N GLY A 43 0.87 -11.56 36.08
CA GLY A 43 1.99 -12.14 36.81
C GLY A 43 2.37 -13.53 36.35
N ASP A 44 1.40 -14.35 35.96
CA ASP A 44 1.70 -15.71 35.49
C ASP A 44 2.67 -15.68 34.33
N PHE A 45 2.62 -14.64 33.51
CA PHE A 45 3.55 -14.41 32.42
C PHE A 45 4.68 -13.44 32.76
N TYR A 46 4.77 -12.96 34.01
CA TYR A 46 5.80 -12.01 34.38
C TYR A 46 7.00 -12.75 34.98
N ASP A 47 8.20 -12.28 34.64
CA ASP A 47 9.44 -12.61 35.31
C ASP A 47 10.40 -11.43 35.08
N PRO A 48 10.99 -10.88 36.14
CA PRO A 48 12.00 -9.82 35.95
C PRO A 48 13.18 -10.24 35.09
N ASP A 49 13.52 -11.53 35.03
CA ASP A 49 14.59 -12.00 34.16
C ASP A 49 14.10 -12.03 32.72
N ARG A 50 14.70 -11.16 31.88
CA ARG A 50 14.39 -11.12 30.46
C ARG A 50 14.59 -12.46 29.77
N SER A 51 15.52 -13.28 30.26
CA SER A 51 15.80 -14.58 29.67
C SER A 51 14.78 -15.66 30.06
N ALA A 52 13.89 -15.38 31.01
CA ALA A 52 13.02 -16.43 31.52
C ALA A 52 12.09 -16.93 30.41
N PRO A 53 11.93 -18.24 30.26
CA PRO A 53 11.19 -18.77 29.09
C PRO A 53 9.71 -18.46 29.17
N GLY A 54 9.16 -17.97 28.07
CA GLY A 54 7.73 -17.78 27.94
C GLY A 54 7.14 -16.71 28.84
N ARG A 55 7.95 -15.80 29.35
CA ARG A 55 7.48 -14.81 30.31
C ARG A 55 8.04 -13.45 29.90
N SER A 56 7.38 -12.39 30.35
CA SER A 56 7.74 -11.03 29.98
C SER A 56 8.19 -10.23 31.20
N ASN A 57 9.14 -9.33 30.98
CA ASN A 57 9.57 -8.38 32.01
C ASN A 57 8.53 -7.31 32.33
N SER A 58 7.42 -7.25 31.60
CA SER A 58 6.47 -6.15 31.69
C SER A 58 5.13 -6.64 32.24
N ARG A 59 4.66 -5.99 33.30
CA ARG A 59 3.32 -6.21 33.84
C ARG A 59 2.30 -5.17 33.36
N TRP A 60 2.67 -4.24 32.49
CA TRP A 60 1.90 -3.04 32.26
C TRP A 60 1.69 -2.83 30.77
N GLY A 61 0.64 -2.08 30.44
CA GLY A 61 0.37 -1.69 29.08
C GLY A 61 -0.74 -0.67 28.99
N GLY A 62 -0.83 -0.04 27.82
CA GLY A 62 -2.05 0.64 27.42
C GLY A 62 -3.09 -0.33 26.87
N PHE A 63 -4.24 -0.45 27.53
CA PHE A 63 -5.29 -1.35 27.07
C PHE A 63 -6.61 -0.62 26.83
N ILE A 64 -7.28 -1.00 25.73
CA ILE A 64 -8.66 -0.57 25.48
C ILE A 64 -9.61 -1.37 26.36
N GLU A 65 -10.51 -0.67 27.03
CA GLU A 65 -11.64 -1.32 27.68
C GLU A 65 -12.63 -1.89 26.68
N ASP A 66 -13.04 -3.15 26.92
CA ASP A 66 -14.12 -3.83 26.19
C ASP A 66 -13.76 -4.17 24.74
N VAL A 67 -12.52 -4.59 24.51
CA VAL A 67 -12.13 -5.04 23.17
C VAL A 67 -12.97 -6.22 22.70
N ASP A 68 -13.47 -7.04 23.62
CA ASP A 68 -14.36 -8.14 23.30
C ASP A 68 -15.79 -7.74 22.97
N ARG A 69 -16.19 -6.48 23.18
CA ARG A 69 -17.56 -6.07 22.93
C ARG A 69 -17.70 -5.35 21.60
N PHE A 70 -18.73 -5.76 20.84
CA PHE A 70 -18.97 -5.29 19.49
C PHE A 70 -20.48 -5.24 19.27
N ASP A 71 -20.95 -4.21 18.56
CA ASP A 71 -22.35 -4.14 18.14
C ASP A 71 -22.52 -4.82 16.79
N ALA A 72 -22.53 -6.17 16.84
CA ALA A 72 -22.58 -6.97 15.62
C ALA A 72 -23.86 -6.74 14.83
N ALA A 73 -24.99 -6.55 15.50
CA ALA A 73 -26.25 -6.31 14.82
C ALA A 73 -26.23 -5.03 13.98
N PHE A 74 -25.60 -3.98 14.49
CA PHE A 74 -25.50 -2.73 13.73
C PHE A 74 -24.85 -2.95 12.37
N PHE A 75 -23.82 -3.79 12.31
CA PHE A 75 -23.13 -4.09 11.06
C PHE A 75 -23.69 -5.32 10.34
N GLY A 76 -24.79 -5.89 10.82
CA GLY A 76 -25.39 -7.03 10.16
C GLY A 76 -24.59 -8.30 10.23
N ILE A 77 -23.80 -8.45 11.30
CA ILE A 77 -22.92 -9.60 11.48
C ILE A 77 -23.60 -10.57 12.44
N SER A 78 -23.64 -11.85 12.08
CA SER A 78 -24.19 -12.83 13.00
C SER A 78 -23.28 -13.00 14.22
N PRO A 79 -23.86 -13.36 15.37
CA PRO A 79 -23.04 -13.65 16.55
C PRO A 79 -21.96 -14.70 16.34
N ARG A 80 -22.19 -15.68 15.47
CA ARG A 80 -21.16 -16.67 15.17
C ARG A 80 -20.00 -16.08 14.38
N GLU A 81 -20.30 -15.27 13.35
CA GLU A 81 -19.25 -14.57 12.63
C GLU A 81 -18.55 -13.57 13.53
N ALA A 82 -19.30 -12.80 14.31
CA ALA A 82 -18.69 -11.84 15.22
C ALA A 82 -17.76 -12.55 16.20
N ALA A 83 -18.17 -13.73 16.67
CA ALA A 83 -17.32 -14.57 17.51
C ALA A 83 -16.03 -14.94 16.80
N GLU A 84 -16.11 -15.32 15.52
CA GLU A 84 -14.90 -15.63 14.77
C GLU A 84 -14.10 -14.37 14.39
N MET A 85 -14.72 -13.21 14.41
CA MET A 85 -14.11 -11.98 13.92
C MET A 85 -13.04 -11.44 14.87
N ASP A 86 -11.86 -11.15 14.31
CA ASP A 86 -10.78 -10.47 15.02
C ASP A 86 -11.29 -9.14 15.59
N PRO A 87 -11.15 -8.92 16.90
CA PRO A 87 -11.45 -7.60 17.48
C PRO A 87 -10.86 -6.40 16.75
N GLN A 88 -9.72 -6.57 16.06
CA GLN A 88 -9.21 -5.51 15.20
C GLN A 88 -10.18 -5.13 14.09
N GLN A 89 -10.81 -6.12 13.47
CA GLN A 89 -11.82 -5.83 12.45
C GLN A 89 -13.04 -5.12 13.04
N ARG A 90 -13.52 -5.59 14.18
CA ARG A 90 -14.65 -4.98 14.86
C ARG A 90 -14.37 -3.52 15.20
N LEU A 91 -13.19 -3.27 15.77
CA LEU A 91 -12.80 -1.92 16.14
C LEU A 91 -12.58 -1.04 14.93
N ALA A 92 -11.98 -1.56 13.86
CA ALA A 92 -11.91 -0.79 12.62
C ALA A 92 -13.29 -0.46 12.04
N LEU A 93 -14.27 -1.36 12.19
CA LEU A 93 -15.63 -1.05 11.74
C LEU A 93 -16.23 0.12 12.51
N GLU A 94 -16.25 0.01 13.84
CA GLU A 94 -16.82 1.06 14.66
C GLU A 94 -16.06 2.38 14.52
N LEU A 95 -14.73 2.32 14.49
CA LEU A 95 -13.93 3.51 14.25
C LEU A 95 -14.21 4.15 12.89
N GLY A 96 -14.36 3.33 11.85
CA GLY A 96 -14.63 3.89 10.53
C GLY A 96 -15.96 4.64 10.49
N TRP A 97 -17.01 4.00 11.01
CA TRP A 97 -18.30 4.67 11.14
C TRP A 97 -18.21 5.95 11.95
N GLU A 98 -17.59 5.89 13.14
CA GLU A 98 -17.47 7.09 13.96
C GLU A 98 -16.70 8.19 13.24
N ALA A 99 -15.60 7.84 12.58
CA ALA A 99 -14.77 8.86 11.93
C ALA A 99 -15.54 9.56 10.83
N LEU A 100 -16.35 8.80 10.08
CA LEU A 100 -17.20 9.42 9.07
C LEU A 100 -18.28 10.31 9.68
N GLU A 101 -18.94 9.84 10.75
CA GLU A 101 -19.88 10.71 11.47
C GLU A 101 -19.22 11.97 12.00
N ARG A 102 -17.96 11.89 12.42
CA ARG A 102 -17.25 13.07 12.89
C ARG A 102 -16.96 14.05 11.77
N ALA A 103 -16.77 13.56 10.55
CA ALA A 103 -16.73 14.45 9.39
C ALA A 103 -18.09 15.09 9.09
N GLY A 104 -19.15 14.63 9.75
CA GLY A 104 -20.49 15.04 9.41
C GLY A 104 -21.04 14.41 8.15
N ILE A 105 -20.52 13.24 7.77
CA ILE A 105 -21.00 12.50 6.61
C ILE A 105 -21.85 11.35 7.11
N ASP A 106 -23.07 11.25 6.59
CA ASP A 106 -23.87 10.05 6.80
C ASP A 106 -23.17 8.88 6.12
N PRO A 107 -22.69 7.88 6.86
CA PRO A 107 -21.90 6.82 6.23
C PRO A 107 -22.69 5.98 5.25
N SER A 108 -24.01 5.90 5.41
CA SER A 108 -24.82 5.14 4.47
C SER A 108 -24.95 5.87 3.14
N SER A 109 -24.63 7.16 3.10
CA SER A 109 -24.60 7.90 1.86
C SER A 109 -23.41 7.52 0.99
N LEU A 110 -22.43 6.78 1.53
CA LEU A 110 -21.19 6.53 0.79
C LEU A 110 -21.24 5.27 -0.06
N THR A 111 -22.36 4.57 -0.12
CA THR A 111 -22.45 3.37 -0.96
C THR A 111 -22.16 3.72 -2.41
N GLY A 112 -21.30 2.92 -3.04
CA GLY A 112 -20.89 3.13 -4.42
C GLY A 112 -19.87 4.21 -4.66
N THR A 113 -19.52 5.00 -3.66
CA THR A 113 -18.51 6.04 -3.82
C THR A 113 -17.11 5.45 -3.93
N ARG A 114 -16.25 6.15 -4.67
CA ARG A 114 -14.81 5.88 -4.73
C ARG A 114 -14.12 6.30 -3.45
N THR A 115 -14.48 5.70 -2.33
CA THR A 115 -13.86 5.96 -1.05
C THR A 115 -12.88 4.83 -0.70
N GLY A 116 -11.61 5.20 -0.55
CA GLY A 116 -10.58 4.22 -0.21
C GLY A 116 -10.52 3.93 1.28
N VAL A 117 -10.14 2.69 1.60
CA VAL A 117 -9.81 2.30 2.97
C VAL A 117 -8.36 1.84 3.00
N PHE A 118 -7.55 2.51 3.84
CA PHE A 118 -6.12 2.25 3.97
C PHE A 118 -5.83 2.04 5.47
N ALA A 119 -5.65 0.79 5.87
CA ALA A 119 -5.43 0.46 7.28
C ALA A 119 -4.06 -0.16 7.50
N GLY A 120 -3.37 0.30 8.54
CA GLY A 120 -2.20 -0.36 9.09
C GLY A 120 -2.54 -1.38 10.16
N ALA A 121 -2.16 -2.64 9.98
CA ALA A 121 -2.30 -3.63 11.04
C ALA A 121 -1.24 -4.71 10.87
N ILE A 122 -0.73 -5.23 12.00
CA ILE A 122 0.51 -6.00 11.97
C ILE A 122 0.48 -7.19 12.93
N TRP A 123 -0.28 -7.07 14.02
CA TRP A 123 -0.39 -8.15 14.98
C TRP A 123 -1.59 -9.05 14.70
N ASP A 124 -1.50 -10.30 15.17
CA ASP A 124 -2.52 -11.31 14.91
C ASP A 124 -2.78 -12.18 16.14
N ASP A 125 -3.13 -11.55 17.26
CA ASP A 125 -3.30 -12.29 18.50
C ASP A 125 -4.57 -13.12 18.52
N TYR A 126 -5.60 -12.67 17.81
CA TYR A 126 -6.81 -13.47 17.65
C TYR A 126 -6.57 -14.66 16.73
N ALA A 127 -5.76 -14.47 15.69
CA ALA A 127 -5.27 -15.62 14.94
C ALA A 127 -4.46 -16.55 15.83
N THR A 128 -3.66 -15.99 16.74
CA THR A 128 -2.89 -16.82 17.67
C THR A 128 -3.80 -17.69 18.53
N LEU A 129 -4.89 -17.12 19.04
CA LEU A 129 -5.90 -17.87 19.77
C LEU A 129 -6.56 -18.94 18.91
N LYS A 130 -7.03 -18.58 17.72
CA LYS A 130 -7.60 -19.57 16.80
C LYS A 130 -6.62 -20.70 16.47
N HIS A 131 -5.33 -20.38 16.34
CA HIS A 131 -4.34 -21.41 16.06
C HIS A 131 -4.14 -22.33 17.26
N ARG A 132 -4.02 -21.73 18.44
CA ARG A 132 -3.85 -22.48 19.71
C ARG A 132 -5.03 -23.46 19.82
N GLN A 133 -6.24 -23.00 19.50
CA GLN A 133 -7.41 -23.87 19.55
C GLN A 133 -7.23 -25.14 18.71
N GLY A 134 -6.30 -25.13 17.76
CA GLY A 134 -6.01 -26.29 16.95
C GLY A 134 -7.03 -26.60 15.87
N GLY A 135 -6.98 -27.86 15.42
CA GLY A 135 -7.92 -28.35 14.44
C GLY A 135 -9.37 -28.36 14.94
N ALA A 136 -10.27 -28.48 13.96
CA ALA A 136 -11.73 -28.55 14.15
C ALA A 136 -12.35 -27.29 14.73
N ALA A 137 -11.56 -26.42 15.36
CA ALA A 137 -12.05 -25.10 15.70
C ALA A 137 -12.21 -24.21 14.48
N ILE A 138 -11.60 -24.57 13.35
CA ILE A 138 -11.71 -23.77 12.13
C ILE A 138 -13.10 -23.93 11.52
N THR A 139 -13.72 -22.80 11.20
CA THR A 139 -15.10 -22.72 10.74
C THR A 139 -15.13 -21.93 9.44
N PRO A 140 -16.29 -21.87 8.76
CA PRO A 140 -16.39 -21.05 7.54
C PRO A 140 -16.13 -19.57 7.74
N HIS A 141 -16.05 -19.09 8.98
CA HIS A 141 -15.77 -17.68 9.26
C HIS A 141 -14.36 -17.44 9.76
N THR A 142 -13.57 -18.49 10.02
CA THR A 142 -12.23 -18.32 10.57
C THR A 142 -11.33 -17.51 9.64
N VAL A 143 -11.31 -17.86 8.36
CA VAL A 143 -10.39 -17.22 7.42
C VAL A 143 -10.69 -15.73 7.27
N THR A 144 -11.94 -15.38 6.99
CA THR A 144 -12.31 -13.96 6.88
C THR A 144 -12.27 -13.25 8.22
N GLY A 145 -12.55 -13.94 9.32
CA GLY A 145 -12.39 -13.37 10.64
C GLY A 145 -10.96 -13.11 11.05
N LEU A 146 -9.99 -13.79 10.46
CA LEU A 146 -8.60 -13.58 10.81
C LEU A 146 -7.77 -12.84 9.77
N HIS A 147 -8.11 -12.93 8.49
CA HIS A 147 -7.27 -12.32 7.47
C HIS A 147 -7.26 -10.81 7.65
N ARG A 148 -6.06 -10.22 7.61
CA ARG A 148 -5.90 -8.83 8.02
C ARG A 148 -6.40 -7.84 6.97
N GLY A 149 -6.22 -8.15 5.68
CA GLY A 149 -6.85 -7.36 4.63
C GLY A 149 -8.36 -7.18 4.77
N ILE A 150 -9.04 -8.15 5.40
CA ILE A 150 -10.46 -8.00 5.67
C ILE A 150 -10.76 -6.87 6.64
N ILE A 151 -9.79 -6.48 7.48
CA ILE A 151 -9.95 -5.27 8.29
C ILE A 151 -10.31 -4.09 7.42
N ALA A 152 -9.62 -3.94 6.30
CA ALA A 152 -10.01 -2.86 5.40
C ALA A 152 -11.25 -3.23 4.60
N ASN A 153 -11.29 -4.47 4.09
CA ASN A 153 -12.31 -4.83 3.12
C ASN A 153 -13.69 -4.89 3.75
N ARG A 154 -13.78 -5.39 4.97
CA ARG A 154 -15.07 -5.45 5.63
C ARG A 154 -15.64 -4.05 5.80
N LEU A 155 -14.80 -3.08 6.16
CA LEU A 155 -15.28 -1.72 6.26
C LEU A 155 -15.75 -1.22 4.90
N SER A 156 -15.01 -1.54 3.84
CA SER A 156 -15.46 -1.21 2.50
C SER A 156 -16.77 -1.91 2.14
N TYR A 157 -16.90 -3.18 2.51
CA TYR A 157 -18.15 -3.90 2.29
C TYR A 157 -19.35 -3.27 2.99
N THR A 158 -19.25 -3.04 4.31
CA THR A 158 -20.43 -2.60 5.05
C THR A 158 -20.88 -1.21 4.61
N LEU A 159 -19.94 -0.29 4.44
CA LEU A 159 -20.23 1.04 3.93
C LEU A 159 -20.40 1.10 2.42
N GLY A 160 -20.17 -0.01 1.71
CA GLY A 160 -20.33 -0.03 0.28
C GLY A 160 -19.30 0.74 -0.50
N LEU A 161 -18.12 0.95 0.08
CA LEU A 161 -17.09 1.77 -0.54
C LEU A 161 -16.51 1.04 -1.75
N ARG A 162 -16.46 1.73 -2.89
CA ARG A 162 -15.94 1.13 -4.11
C ARG A 162 -14.46 1.43 -4.35
N GLY A 163 -13.88 2.39 -3.63
CA GLY A 163 -12.49 2.72 -3.83
C GLY A 163 -11.56 1.60 -3.39
N PRO A 164 -10.27 1.77 -3.63
CA PRO A 164 -9.28 0.78 -3.20
C PRO A 164 -9.39 0.47 -1.71
N SER A 165 -9.08 -0.76 -1.35
CA SER A 165 -9.16 -1.19 0.04
C SER A 165 -8.09 -2.21 0.33
N MET A 166 -7.17 -1.88 1.24
CA MET A 166 -6.06 -2.76 1.53
C MET A 166 -5.55 -2.45 2.92
N VAL A 167 -4.91 -3.45 3.52
CA VAL A 167 -4.15 -3.31 4.75
C VAL A 167 -2.67 -3.28 4.42
N VAL A 168 -1.96 -2.31 4.97
CA VAL A 168 -0.52 -2.21 4.85
C VAL A 168 0.12 -2.69 6.13
N ASP A 169 1.17 -3.49 6.00
CA ASP A 169 2.03 -3.87 7.12
C ASP A 169 3.45 -3.42 6.79
N SER A 170 3.88 -2.36 7.46
CA SER A 170 5.27 -1.93 7.55
C SER A 170 5.68 -1.78 9.01
N GLY A 171 5.13 -2.65 9.85
CA GLY A 171 5.37 -2.59 11.28
C GLY A 171 4.73 -1.39 11.95
N GLN A 172 5.44 -0.79 12.89
CA GLN A 172 4.92 0.33 13.66
C GLN A 172 4.89 1.66 12.91
N SER A 173 5.32 1.72 11.65
CA SER A 173 4.95 2.82 10.76
C SER A 173 3.68 2.59 9.95
N SER A 174 3.07 1.40 10.05
CA SER A 174 2.06 1.00 9.07
C SER A 174 0.90 1.98 8.95
N SER A 175 0.39 2.47 10.09
CA SER A 175 -0.72 3.43 10.03
C SER A 175 -0.34 4.69 9.28
N LEU A 176 0.86 5.19 9.53
CA LEU A 176 1.24 6.42 8.88
C LEU A 176 1.56 6.19 7.42
N VAL A 177 2.08 4.99 7.10
CA VAL A 177 2.19 4.59 5.70
C VAL A 177 0.81 4.53 5.06
N ALA A 178 -0.16 3.95 5.77
CA ALA A 178 -1.52 3.94 5.25
C ALA A 178 -2.02 5.34 4.95
N VAL A 179 -1.73 6.29 5.84
CA VAL A 179 -2.09 7.68 5.59
C VAL A 179 -1.38 8.21 4.36
N HIS A 180 -0.07 7.97 4.28
CA HIS A 180 0.68 8.33 3.08
C HIS A 180 0.04 7.73 1.84
N LEU A 181 -0.28 6.44 1.87
CA LEU A 181 -0.92 5.82 0.71
C LEU A 181 -2.26 6.47 0.38
N ALA A 182 -3.06 6.72 1.41
CA ALA A 182 -4.33 7.40 1.19
C ALA A 182 -4.14 8.77 0.58
N CYS A 183 -3.14 9.52 1.07
CA CYS A 183 -2.88 10.82 0.49
C CYS A 183 -2.52 10.71 -0.98
N GLU A 184 -1.68 9.76 -1.36
CA GLU A 184 -1.38 9.64 -2.78
C GLU A 184 -2.57 9.14 -3.58
N SER A 185 -3.41 8.29 -2.99
CA SER A 185 -4.66 7.94 -3.64
C SER A 185 -5.55 9.15 -3.85
N LEU A 186 -5.53 10.10 -2.92
CA LEU A 186 -6.29 11.32 -3.13
C LEU A 186 -5.65 12.21 -4.19
N ARG A 187 -4.32 12.30 -4.22
CA ARG A 187 -3.65 13.14 -5.20
C ARG A 187 -3.79 12.61 -6.62
N ARG A 188 -3.78 11.30 -6.80
CA ARG A 188 -4.07 10.74 -8.12
C ARG A 188 -5.51 10.94 -8.55
N GLY A 189 -6.42 11.23 -7.62
CA GLY A 189 -7.83 11.14 -7.93
C GLY A 189 -8.34 9.72 -8.06
N GLU A 190 -7.56 8.74 -7.61
CA GLU A 190 -8.04 7.37 -7.52
C GLU A 190 -9.16 7.26 -6.48
N SER A 191 -9.03 7.98 -5.38
CA SER A 191 -10.09 8.12 -4.39
C SER A 191 -10.55 9.57 -4.30
N GLU A 192 -11.86 9.75 -4.11
CA GLU A 192 -12.41 11.04 -3.73
C GLU A 192 -12.33 11.27 -2.23
N LEU A 193 -12.39 10.18 -1.46
CA LEU A 193 -12.42 10.20 -0.01
C LEU A 193 -11.63 8.98 0.43
N ALA A 194 -10.96 9.06 1.57
CA ALA A 194 -10.30 7.88 2.10
C ALA A 194 -10.39 7.78 3.61
N LEU A 195 -10.63 6.57 4.10
CA LEU A 195 -10.42 6.24 5.51
C LEU A 195 -9.01 5.68 5.66
N ALA A 196 -8.12 6.48 6.24
CA ALA A 196 -6.77 6.03 6.56
C ALA A 196 -6.63 5.86 8.06
N GLY A 197 -6.06 4.74 8.49
CA GLY A 197 -5.95 4.52 9.91
C GLY A 197 -5.12 3.32 10.24
N GLY A 198 -5.34 2.83 11.45
CA GLY A 198 -4.76 1.57 11.85
C GLY A 198 -5.22 1.16 13.23
N VAL A 199 -4.96 -0.11 13.53
CA VAL A 199 -5.45 -0.77 14.72
C VAL A 199 -4.38 -1.72 15.21
N SER A 200 -4.26 -1.86 16.53
CA SER A 200 -3.52 -2.96 17.12
C SER A 200 -4.17 -3.32 18.46
N LEU A 201 -4.34 -4.61 18.69
CA LEU A 201 -4.88 -5.09 19.95
C LEU A 201 -4.01 -6.19 20.53
N ASN A 202 -3.69 -6.05 21.82
CA ASN A 202 -2.88 -7.00 22.57
C ASN A 202 -3.77 -8.06 23.22
N LEU A 203 -4.26 -8.96 22.36
CA LEU A 203 -5.29 -9.91 22.76
C LEU A 203 -4.73 -11.17 23.40
N VAL A 204 -3.42 -11.37 23.35
CA VAL A 204 -2.82 -12.59 23.84
C VAL A 204 -1.46 -12.22 24.45
N PRO A 205 -0.97 -12.98 25.45
CA PRO A 205 0.37 -12.71 25.97
C PRO A 205 1.49 -12.91 24.97
N ASP A 206 1.30 -13.77 23.97
CA ASP A 206 2.36 -14.11 23.04
C ASP A 206 3.04 -12.88 22.44
N SER A 207 2.27 -11.83 22.17
CA SER A 207 2.86 -10.62 21.61
C SER A 207 3.70 -9.83 22.61
N ILE A 208 3.34 -9.83 23.89
CA ILE A 208 4.19 -9.19 24.89
C ILE A 208 5.37 -10.06 25.30
N ILE A 209 5.30 -11.37 25.07
CA ILE A 209 6.47 -12.21 25.19
C ILE A 209 7.43 -11.94 24.04
N GLY A 210 6.93 -12.01 22.81
CA GLY A 210 7.78 -11.79 21.66
C GLY A 210 8.43 -10.42 21.65
N ALA A 211 7.69 -9.38 22.07
CA ALA A 211 8.27 -8.07 22.26
C ALA A 211 9.26 -7.99 23.42
N SER A 212 9.08 -8.75 24.50
CA SER A 212 10.10 -8.77 25.55
C SER A 212 11.34 -9.58 25.19
N LYS A 213 11.20 -10.60 24.35
CA LYS A 213 12.37 -11.32 23.84
C LYS A 213 13.12 -10.50 22.82
N PHE A 214 12.40 -9.81 21.92
CA PHE A 214 13.04 -8.84 21.05
C PHE A 214 13.76 -7.77 21.85
N GLY A 215 13.19 -7.38 22.99
CA GLY A 215 13.95 -6.72 24.05
C GLY A 215 13.50 -5.31 24.39
N GLY A 216 12.61 -4.72 23.61
CA GLY A 216 12.31 -3.30 23.68
C GLY A 216 11.48 -2.86 24.87
N LEU A 217 10.98 -3.79 25.68
CA LEU A 217 10.00 -3.43 26.71
C LEU A 217 10.64 -2.84 27.95
N SER A 218 10.02 -1.78 28.44
CA SER A 218 10.43 -1.09 29.66
C SER A 218 10.16 -1.96 30.88
N PRO A 219 11.18 -2.34 31.65
CA PRO A 219 10.90 -3.08 32.90
C PRO A 219 10.09 -2.27 33.89
N ASP A 220 9.99 -0.95 33.71
CA ASP A 220 9.16 -0.10 34.55
C ASP A 220 7.75 0.09 34.01
N GLY A 221 7.50 -0.34 32.77
CA GLY A 221 6.21 -0.15 32.13
C GLY A 221 5.91 1.24 31.60
N ARG A 222 6.82 2.20 31.74
CA ARG A 222 6.58 3.55 31.20
C ARG A 222 7.72 3.96 30.29
N ALA A 223 7.36 4.62 29.18
CA ALA A 223 8.31 5.02 28.13
C ALA A 223 8.90 6.40 28.42
N TYR A 224 10.09 6.43 29.02
CA TYR A 224 10.80 7.66 29.36
C TYR A 224 11.44 8.29 28.12
N THR A 225 10.61 8.67 27.15
CA THR A 225 11.11 9.02 25.83
C THR A 225 11.98 10.27 25.91
N PHE A 226 13.18 10.18 25.33
CA PHE A 226 14.18 11.25 25.33
C PHE A 226 14.68 11.61 26.71
N ASP A 227 14.30 10.84 27.74
CA ASP A 227 14.76 11.05 29.10
C ASP A 227 15.88 10.07 29.43
N ALA A 228 16.70 10.46 30.41
CA ALA A 228 17.82 9.65 30.88
C ALA A 228 17.42 8.29 31.42
N ARG A 229 16.14 8.08 31.77
CA ARG A 229 15.63 6.80 32.23
C ARG A 229 15.03 5.94 31.12
N ALA A 230 15.40 6.19 29.86
CA ALA A 230 14.87 5.46 28.72
C ALA A 230 15.14 3.96 28.77
N ASN A 231 14.35 3.22 29.54
CA ASN A 231 14.59 1.80 29.78
C ASN A 231 13.87 0.88 28.78
N GLY A 232 13.22 1.44 27.77
CA GLY A 232 12.36 0.68 26.89
C GLY A 232 11.00 1.34 26.70
N TYR A 233 10.21 0.72 25.84
CA TYR A 233 8.83 1.13 25.61
C TYR A 233 7.86 0.23 26.37
N VAL A 234 6.59 0.62 26.37
CA VAL A 234 5.49 -0.23 26.82
C VAL A 234 4.51 -0.40 25.68
N ARG A 235 3.99 -1.62 25.55
CA ARG A 235 2.99 -1.89 24.52
C ARG A 235 1.68 -1.18 24.82
N GLY A 236 1.01 -0.81 23.75
CA GLY A 236 -0.28 -0.16 23.84
C GLY A 236 -1.16 -0.70 22.74
N GLU A 237 -2.45 -0.75 23.00
CA GLU A 237 -3.39 -1.11 21.96
C GLU A 237 -4.36 0.04 21.72
N GLY A 238 -4.82 0.13 20.49
CA GLY A 238 -5.62 1.27 20.09
C GLY A 238 -6.09 1.10 18.66
N GLY A 239 -6.83 2.10 18.22
CA GLY A 239 -7.09 2.30 16.81
C GLY A 239 -7.40 3.73 16.52
N GLY A 240 -7.18 4.12 15.28
CA GLY A 240 -7.60 5.43 14.81
C GLY A 240 -7.91 5.41 13.34
N PHE A 241 -8.85 6.27 12.95
CA PHE A 241 -9.06 6.62 11.55
C PHE A 241 -9.07 8.13 11.41
N VAL A 242 -8.47 8.61 10.33
CA VAL A 242 -8.78 9.90 9.72
C VAL A 242 -9.61 9.64 8.46
N VAL A 243 -10.63 10.47 8.28
CA VAL A 243 -11.24 10.69 6.98
C VAL A 243 -10.45 11.78 6.27
N LEU A 244 -10.02 11.49 5.05
CA LEU A 244 -9.19 12.37 4.25
C LEU A 244 -9.88 12.71 2.94
N LYS A 245 -9.71 13.96 2.51
CA LYS A 245 -10.24 14.47 1.26
C LYS A 245 -9.26 15.51 0.74
N ARG A 246 -9.26 15.71 -0.57
CA ARG A 246 -8.57 16.87 -1.12
C ARG A 246 -9.13 18.15 -0.50
N LEU A 247 -8.23 19.07 -0.14
CA LEU A 247 -8.65 20.29 0.54
C LEU A 247 -9.63 21.10 -0.29
N SER A 248 -9.39 21.16 -1.61
CA SER A 248 -10.32 21.80 -2.53
C SER A 248 -11.72 21.20 -2.43
N ARG A 249 -11.76 19.86 -2.43
CA ARG A 249 -13.05 19.11 -2.35
C ARG A 249 -13.70 19.36 -0.99
N ALA A 250 -12.92 19.32 0.09
CA ALA A 250 -13.46 19.54 1.42
C ALA A 250 -14.03 20.94 1.59
N VAL A 251 -13.32 21.96 1.13
CA VAL A 251 -13.83 23.32 1.18
C VAL A 251 -15.05 23.48 0.27
N ALA A 252 -15.03 22.89 -0.92
CA ALA A 252 -16.18 22.96 -1.80
C ALA A 252 -17.39 22.24 -1.23
N ASP A 253 -17.18 21.07 -0.62
CA ASP A 253 -18.25 20.36 0.07
C ASP A 253 -18.61 20.98 1.40
N GLY A 254 -17.93 22.04 1.81
CA GLY A 254 -18.19 22.65 3.10
C GLY A 254 -17.89 21.73 4.27
N ASP A 255 -17.07 20.72 4.05
CA ASP A 255 -16.69 19.81 5.11
C ASP A 255 -15.84 20.56 6.15
N PRO A 256 -15.94 20.19 7.42
CA PRO A 256 -15.01 20.73 8.41
C PRO A 256 -13.60 20.27 8.06
N VAL A 257 -12.65 21.20 8.10
CA VAL A 257 -11.24 20.85 8.00
C VAL A 257 -10.61 20.94 9.38
N LEU A 258 -10.06 19.82 9.83
CA LEU A 258 -9.38 19.74 11.12
C LEU A 258 -7.90 20.09 10.98
N ALA A 259 -7.27 19.58 9.93
CA ALA A 259 -5.87 19.81 9.65
C ALA A 259 -5.65 19.51 8.18
N VAL A 260 -4.52 19.97 7.65
CA VAL A 260 -4.12 19.70 6.27
C VAL A 260 -2.84 18.88 6.31
N ILE A 261 -2.87 17.71 5.66
CA ILE A 261 -1.67 16.94 5.35
C ILE A 261 -0.98 17.64 4.18
N ARG A 262 0.06 18.41 4.51
CA ARG A 262 0.84 19.16 3.53
C ARG A 262 1.73 18.25 2.70
N GLY A 263 2.29 17.22 3.32
CA GLY A 263 3.22 16.33 2.63
C GLY A 263 3.60 15.17 3.50
N SER A 264 4.04 14.09 2.85
CA SER A 264 4.53 12.94 3.58
C SER A 264 5.53 12.18 2.72
N ALA A 265 6.33 11.35 3.39
CA ALA A 265 7.30 10.51 2.70
C ALA A 265 7.42 9.19 3.44
N VAL A 266 7.73 8.14 2.69
CA VAL A 266 8.07 6.84 3.24
C VAL A 266 9.40 6.39 2.63
N ASN A 267 10.29 5.86 3.46
CA ASN A 267 11.52 5.23 2.98
C ASN A 267 11.81 4.03 3.87
N ASN A 268 12.84 3.27 3.54
CA ASN A 268 13.34 2.24 4.43
C ASN A 268 14.74 2.58 4.93
N GLY A 269 15.07 2.07 6.12
CA GLY A 269 16.42 2.12 6.64
C GLY A 269 17.46 1.47 5.75
N GLY A 270 17.04 0.56 4.86
CA GLY A 270 17.97 -0.18 4.04
C GLY A 270 18.96 -0.97 4.86
N ALA A 271 20.23 -0.94 4.44
CA ALA A 271 21.28 -1.69 5.12
C ALA A 271 21.73 -0.97 6.39
N ALA A 272 20.80 -0.89 7.33
CA ALA A 272 21.11 -0.43 8.68
C ALA A 272 22.06 -1.42 9.36
N GLN A 273 22.56 -1.03 10.53
CA GLN A 273 23.50 -1.84 11.30
C GLN A 273 22.79 -3.02 11.98
N GLY A 274 22.15 -3.84 11.15
CA GLY A 274 21.10 -4.74 11.55
C GLY A 274 19.71 -4.23 11.22
N MET A 275 18.85 -5.14 10.76
CA MET A 275 17.56 -4.77 10.20
C MET A 275 16.71 -3.93 11.15
N THR A 276 16.72 -4.28 12.44
CA THR A 276 15.93 -3.61 13.46
C THR A 276 16.66 -2.47 14.15
N THR A 277 17.90 -2.20 13.80
CA THR A 277 18.55 -0.97 14.23
C THR A 277 18.03 0.21 13.43
N PRO A 278 17.51 1.25 14.06
CA PRO A 278 17.11 2.44 13.32
C PRO A 278 18.32 3.12 12.69
N ASP A 279 18.07 3.83 11.60
CA ASP A 279 19.12 4.52 10.85
C ASP A 279 18.81 6.01 10.85
N ALA A 280 19.68 6.80 11.49
CA ALA A 280 19.46 8.23 11.62
C ALA A 280 19.48 8.93 10.27
N GLN A 281 20.30 8.46 9.34
CA GLN A 281 20.39 9.10 8.03
C GLN A 281 19.17 8.80 7.16
N ALA A 282 18.63 7.58 7.24
CA ALA A 282 17.35 7.29 6.59
C ALA A 282 16.20 8.08 7.21
N GLN A 283 16.24 8.27 8.53
CA GLN A 283 15.22 9.11 9.17
C GLN A 283 15.33 10.57 8.74
N GLU A 284 16.55 11.11 8.68
CA GLU A 284 16.77 12.42 8.06
C GLU A 284 16.21 12.47 6.66
N ALA A 285 16.47 11.44 5.86
CA ALA A 285 16.00 11.40 4.47
C ALA A 285 14.48 11.45 4.38
N VAL A 286 13.77 10.71 5.24
CA VAL A 286 12.32 10.83 5.28
C VAL A 286 11.88 12.23 5.69
N LEU A 287 12.48 12.75 6.75
CA LEU A 287 12.13 14.09 7.21
C LEU A 287 12.25 15.12 6.08
N ARG A 288 13.38 15.09 5.39
CA ARG A 288 13.64 16.02 4.31
C ARG A 288 12.72 15.82 3.11
N GLU A 289 12.52 14.58 2.69
CA GLU A 289 11.60 14.31 1.58
C GLU A 289 10.17 14.74 1.90
N ALA A 290 9.68 14.41 3.10
CA ALA A 290 8.34 14.79 3.50
C ALA A 290 8.17 16.31 3.59
N HIS A 291 9.14 17.00 4.18
CA HIS A 291 9.06 18.46 4.27
C HIS A 291 9.21 19.13 2.92
N GLU A 292 9.98 18.54 2.01
CA GLU A 292 10.06 19.07 0.64
C GLU A 292 8.72 18.92 -0.08
N ARG A 293 8.14 17.72 -0.05
CA ARG A 293 6.80 17.54 -0.60
C ARG A 293 5.80 18.46 0.08
N ALA A 294 5.96 18.72 1.37
CA ALA A 294 5.15 19.71 2.06
C ALA A 294 5.46 21.14 1.65
N GLY A 295 6.48 21.37 0.83
CA GLY A 295 6.87 22.73 0.49
C GLY A 295 7.24 23.57 1.69
N THR A 296 7.83 22.95 2.71
CA THR A 296 7.92 23.50 4.04
C THR A 296 9.39 23.65 4.41
N ALA A 297 9.68 24.61 5.28
CA ALA A 297 11.03 24.84 5.79
C ALA A 297 11.04 24.80 7.32
N PRO A 298 12.18 24.47 7.92
CA PRO A 298 12.23 24.25 9.38
C PRO A 298 11.58 25.32 10.24
N ALA A 299 11.75 26.60 9.89
CA ALA A 299 11.18 27.66 10.73
C ALA A 299 9.65 27.59 10.79
N ASP A 300 9.01 26.87 9.88
CA ASP A 300 7.56 26.71 9.91
C ASP A 300 7.12 25.57 10.81
N VAL A 301 7.92 24.52 10.93
CA VAL A 301 7.58 23.35 11.73
C VAL A 301 7.90 23.65 13.19
N ARG A 302 6.86 23.79 14.01
CA ARG A 302 7.03 24.23 15.39
C ARG A 302 7.15 23.05 16.35
N TYR A 303 6.59 21.89 15.99
CA TYR A 303 6.58 20.73 16.85
C TYR A 303 6.69 19.48 16.01
N VAL A 304 7.33 18.45 16.56
CA VAL A 304 7.29 17.10 16.00
C VAL A 304 6.76 16.14 17.05
N GLU A 305 5.71 15.39 16.68
CA GLU A 305 5.25 14.22 17.42
C GLU A 305 6.18 13.05 17.16
N LEU A 306 7.05 12.77 18.13
CA LEU A 306 8.11 11.78 17.96
C LEU A 306 7.52 10.40 17.69
N HIS A 307 8.31 9.57 17.00
CA HIS A 307 8.15 8.12 17.16
C HIS A 307 8.48 7.70 18.59
N GLY A 308 9.54 8.28 19.16
CA GLY A 308 9.81 8.34 20.59
C GLY A 308 9.28 7.23 21.46
N THR A 309 10.02 6.14 21.58
CA THR A 309 9.55 4.97 22.30
C THR A 309 10.20 4.80 23.67
N GLY A 310 11.28 5.53 23.96
CA GLY A 310 11.95 5.34 25.22
C GLY A 310 12.88 4.16 25.25
N THR A 311 13.10 3.49 24.13
CA THR A 311 14.22 2.58 24.01
C THR A 311 15.53 3.38 23.98
N PRO A 312 16.57 2.91 24.67
CA PRO A 312 17.82 3.69 24.76
C PRO A 312 18.57 3.77 23.45
N VAL A 313 18.37 2.83 22.53
CA VAL A 313 18.99 2.90 21.21
C VAL A 313 18.20 3.81 20.27
N GLY A 314 16.87 3.72 20.30
CA GLY A 314 16.06 4.47 19.34
C GLY A 314 16.04 5.96 19.56
N ASP A 315 15.92 6.40 20.81
CA ASP A 315 15.75 7.82 21.09
C ASP A 315 16.92 8.70 20.64
N PRO A 316 18.19 8.35 20.90
CA PRO A 316 19.28 9.21 20.43
C PRO A 316 19.33 9.33 18.91
N ILE A 317 19.05 8.25 18.19
CA ILE A 317 19.06 8.27 16.73
C ILE A 317 17.96 9.16 16.18
N GLU A 318 16.75 9.07 16.75
CA GLU A 318 15.66 9.95 16.35
C GLU A 318 15.97 11.41 16.66
N ALA A 319 16.47 11.70 17.86
CA ALA A 319 16.85 13.07 18.18
C ALA A 319 17.92 13.61 17.25
N ALA A 320 18.93 12.79 16.92
CA ALA A 320 19.99 13.19 16.00
C ALA A 320 19.46 13.52 14.63
N ALA A 321 18.61 12.65 14.07
CA ALA A 321 17.97 12.93 12.79
C ALA A 321 17.10 14.18 12.81
N LEU A 322 16.34 14.39 13.89
CA LEU A 322 15.52 15.59 13.99
C LEU A 322 16.36 16.86 14.03
N GLY A 323 17.42 16.86 14.84
CA GLY A 323 18.30 18.01 14.88
C GLY A 323 18.99 18.27 13.56
N ALA A 324 19.36 17.20 12.85
CA ALA A 324 20.02 17.35 11.56
C ALA A 324 19.06 17.81 10.45
N ALA A 325 17.77 17.48 10.57
CA ALA A 325 16.79 17.84 9.55
C ALA A 325 15.95 19.06 9.89
N LEU A 326 15.72 19.34 11.16
CA LEU A 326 14.79 20.40 11.54
C LEU A 326 15.36 21.33 12.59
N GLY A 327 16.00 20.79 13.62
CA GLY A 327 16.42 21.59 14.76
C GLY A 327 17.44 22.64 14.39
N THR A 328 18.57 22.21 13.85
CA THR A 328 19.42 23.10 13.07
C THR A 328 18.69 23.49 11.79
N GLY A 329 18.69 24.78 11.47
CA GLY A 329 17.86 25.29 10.41
C GLY A 329 16.70 26.11 10.92
N ARG A 330 16.09 25.67 12.01
CA ARG A 330 15.43 26.60 12.91
C ARG A 330 16.45 27.51 13.57
N PRO A 331 16.06 28.73 13.95
CA PRO A 331 16.99 29.60 14.69
C PRO A 331 17.37 29.00 16.03
N ALA A 332 18.65 29.16 16.37
CA ALA A 332 19.18 28.61 17.61
C ALA A 332 18.60 29.33 18.83
N GLY A 333 18.07 28.57 19.78
CA GLY A 333 17.44 29.13 20.96
C GLY A 333 15.95 29.38 20.86
N GLN A 334 15.32 29.08 19.72
CA GLN A 334 13.88 28.88 19.64
C GLN A 334 13.62 27.47 19.12
N PRO A 335 13.90 26.45 19.92
CA PRO A 335 14.07 25.11 19.39
C PRO A 335 12.78 24.54 18.82
N LEU A 336 12.95 23.48 18.03
CA LEU A 336 11.85 22.58 17.70
C LEU A 336 11.35 21.87 18.96
N LEU A 337 10.06 21.95 19.21
CA LEU A 337 9.46 21.19 20.30
C LEU A 337 9.19 19.76 19.86
N VAL A 338 9.40 18.82 20.76
CA VAL A 338 9.12 17.42 20.51
C VAL A 338 8.37 16.80 21.68
N GLY A 339 7.58 15.78 21.37
CA GLY A 339 6.97 14.95 22.39
C GLY A 339 6.49 13.65 21.80
N SER A 340 6.03 12.77 22.69
CA SER A 340 5.53 11.46 22.26
C SER A 340 4.26 11.13 23.04
N VAL A 341 3.20 10.81 22.29
CA VAL A 341 1.98 10.30 22.90
C VAL A 341 2.18 8.91 23.50
N LYS A 342 3.26 8.21 23.14
CA LYS A 342 3.65 7.00 23.88
C LYS A 342 4.02 7.26 25.33
N THR A 343 4.33 8.50 25.70
CA THR A 343 4.45 8.81 27.12
C THR A 343 3.10 8.86 27.82
N ASN A 344 2.02 8.99 27.07
CA ASN A 344 0.66 8.94 27.62
C ASN A 344 0.05 7.54 27.51
N ILE A 345 0.15 6.91 26.33
CA ILE A 345 -0.66 5.76 25.99
C ILE A 345 0.17 4.53 25.64
N GLY A 346 1.49 4.61 25.76
CA GLY A 346 2.36 3.56 25.27
C GLY A 346 2.42 3.45 23.74
N HIS A 347 3.09 2.39 23.31
CA HIS A 347 3.34 2.16 21.88
C HIS A 347 2.15 1.41 21.27
N LEU A 348 1.29 2.15 20.56
CA LEU A 348 0.14 1.57 19.87
C LEU A 348 0.53 0.79 18.63
N GLU A 349 1.82 0.46 18.49
CA GLU A 349 2.33 -0.43 17.47
C GLU A 349 1.89 -0.05 16.06
N GLY A 350 1.10 -0.91 15.41
CA GLY A 350 0.57 -0.58 14.10
C GLY A 350 -0.29 0.67 14.07
N ALA A 351 -1.08 0.89 15.12
CA ALA A 351 -1.84 2.14 15.25
C ALA A 351 -1.01 3.32 15.72
N ALA A 352 0.27 3.10 16.06
CA ALA A 352 1.06 4.15 16.72
C ALA A 352 1.03 5.46 15.93
N GLY A 353 1.29 5.39 14.63
CA GLY A 353 1.39 6.62 13.87
C GLY A 353 0.07 7.32 13.67
N ILE A 354 -1.02 6.56 13.54
CA ILE A 354 -2.31 7.25 13.44
C ILE A 354 -2.62 7.94 14.76
N ALA A 355 -2.21 7.33 15.88
CA ALA A 355 -2.39 7.99 17.16
C ALA A 355 -1.62 9.30 17.20
N GLY A 356 -0.36 9.25 16.78
CA GLY A 356 0.43 10.47 16.69
C GLY A 356 -0.19 11.48 15.74
N LEU A 357 -0.75 11.01 14.63
CA LEU A 357 -1.42 11.92 13.71
C LEU A 357 -2.65 12.56 14.36
N ILE A 358 -3.49 11.75 15.01
CA ILE A 358 -4.69 12.30 15.65
C ILE A 358 -4.33 13.26 16.77
N LYS A 359 -3.32 12.91 17.57
CA LYS A 359 -2.80 13.84 18.55
C LYS A 359 -2.41 15.16 17.93
N ALA A 360 -1.68 15.10 16.81
CA ALA A 360 -1.29 16.33 16.13
C ALA A 360 -2.49 17.10 15.62
N VAL A 361 -3.46 16.40 15.04
CA VAL A 361 -4.69 17.08 14.62
C VAL A 361 -5.35 17.76 15.82
N LEU A 362 -5.43 17.04 16.94
CA LEU A 362 -6.02 17.67 18.12
C LEU A 362 -5.17 18.82 18.61
N ALA A 363 -3.86 18.74 18.47
CA ALA A 363 -3.03 19.88 18.84
C ALA A 363 -3.29 21.09 17.96
N VAL A 364 -3.37 20.91 16.64
CA VAL A 364 -3.67 22.08 15.79
C VAL A 364 -5.08 22.58 16.05
N ARG A 365 -6.06 21.68 16.13
CA ARG A 365 -7.40 22.11 16.49
C ARG A 365 -7.40 22.82 17.84
N GLY A 366 -6.60 22.33 18.79
CA GLY A 366 -6.55 22.98 20.08
C GLY A 366 -5.62 24.16 20.21
N ARG A 367 -4.79 24.41 19.21
CA ARG A 367 -3.72 25.43 19.29
C ARG A 367 -2.94 25.32 20.60
N ALA A 368 -2.55 24.10 20.94
CA ALA A 368 -1.64 23.89 22.05
C ALA A 368 -0.85 22.60 21.82
N LEU A 369 0.29 22.51 22.49
CA LEU A 369 1.15 21.33 22.41
C LEU A 369 1.15 20.57 23.73
N PRO A 370 0.76 19.30 23.76
CA PRO A 370 0.77 18.54 25.01
C PRO A 370 2.17 18.24 25.51
N ALA A 371 2.25 18.00 26.82
CA ALA A 371 3.47 17.58 27.51
C ALA A 371 3.84 16.13 27.20
N SER A 372 5.11 15.81 27.40
CA SER A 372 5.61 14.44 27.49
C SER A 372 5.94 14.08 28.93
N LEU A 373 5.37 12.98 29.41
CA LEU A 373 5.07 12.81 30.83
C LEU A 373 6.20 12.18 31.63
N ASN A 374 7.11 11.48 30.97
CA ASN A 374 8.09 10.65 31.67
C ASN A 374 9.48 11.25 31.44
N TYR A 375 9.60 12.54 31.69
CA TYR A 375 10.73 13.35 31.24
C TYR A 375 11.12 14.32 32.33
N GLU A 376 12.19 14.00 33.06
CA GLU A 376 12.74 14.85 34.09
C GLU A 376 14.13 15.35 33.73
N THR A 377 15.00 14.46 33.25
CA THR A 377 16.37 14.80 32.90
C THR A 377 16.58 14.50 31.42
N PRO A 378 17.01 15.48 30.62
CA PRO A 378 17.32 15.22 29.21
C PRO A 378 18.34 14.10 29.07
N ASN A 379 18.02 13.11 28.23
CA ASN A 379 18.89 11.98 27.94
C ASN A 379 20.29 12.48 27.59
N PRO A 380 21.32 12.09 28.35
CA PRO A 380 22.68 12.58 28.06
C PRO A 380 23.24 12.09 26.74
N ALA A 381 22.70 11.01 26.19
CA ALA A 381 23.11 10.55 24.87
C ALA A 381 22.70 11.54 23.77
N ILE A 382 21.78 12.44 24.07
CA ILE A 382 21.25 13.39 23.10
C ILE A 382 21.82 14.77 23.41
N PRO A 383 22.45 15.43 22.45
CA PRO A 383 22.93 16.81 22.66
C PRO A 383 21.85 17.83 22.33
N PHE A 384 20.85 17.92 23.22
CA PHE A 384 19.61 18.63 22.93
C PHE A 384 19.88 20.08 22.53
N GLU A 385 20.75 20.76 23.26
CA GLU A 385 21.08 22.15 22.93
C GLU A 385 21.77 22.24 21.57
N GLU A 386 22.72 21.34 21.30
CA GLU A 386 23.43 21.34 20.02
C GLU A 386 22.56 20.88 18.86
N LEU A 387 21.51 20.11 19.12
CA LEU A 387 20.50 19.85 18.10
C LEU A 387 19.50 20.99 17.94
N ASN A 388 19.39 21.87 18.94
CA ASN A 388 18.32 22.88 19.02
C ASN A 388 16.95 22.21 19.10
N LEU A 389 16.87 21.17 19.93
CA LEU A 389 15.66 20.40 20.17
C LEU A 389 15.26 20.60 21.62
N ARG A 390 13.97 20.78 21.89
CA ARG A 390 13.49 20.78 23.27
C ARG A 390 12.29 19.85 23.41
N VAL A 391 12.35 18.97 24.42
CA VAL A 391 11.21 18.14 24.77
C VAL A 391 10.16 19.00 25.47
N ASN A 392 8.94 18.98 24.95
CA ASN A 392 7.84 19.75 25.51
C ASN A 392 7.38 19.19 26.85
N THR A 393 7.94 19.69 27.94
CA THR A 393 7.68 19.15 29.28
C THR A 393 6.37 19.63 29.87
N GLU A 394 5.72 20.62 29.27
CA GLU A 394 4.54 21.24 29.85
C GLU A 394 3.53 21.53 28.75
N TYR A 395 2.26 21.55 29.11
CA TYR A 395 1.22 22.00 28.19
C TYR A 395 1.50 23.44 27.78
N LEU A 396 1.61 23.66 26.48
CA LEU A 396 2.09 24.93 25.94
C LEU A 396 1.07 25.52 24.96
N PRO A 397 0.35 26.57 25.34
CA PRO A 397 -0.53 27.24 24.38
C PRO A 397 0.28 27.76 23.20
N TRP A 398 -0.24 27.55 22.00
CA TRP A 398 0.52 27.68 20.76
C TRP A 398 0.10 28.96 20.07
N GLU A 399 0.73 30.06 20.44
CA GLU A 399 0.45 31.37 19.86
C GLU A 399 0.91 31.45 18.41
N GLN A 405 1.52 33.35 11.10
CA GLN A 405 2.24 32.13 10.80
C GLN A 405 1.38 30.90 11.12
N ARG A 406 1.14 30.08 10.09
CA ARG A 406 0.39 28.85 10.25
C ARG A 406 1.12 27.89 11.20
N MET A 407 0.35 27.25 12.08
CA MET A 407 0.88 26.22 12.95
C MET A 407 1.16 24.94 12.17
N VAL A 408 2.36 24.37 12.32
CA VAL A 408 2.77 23.19 11.57
C VAL A 408 3.44 22.20 12.53
N VAL A 409 3.06 20.93 12.43
CA VAL A 409 3.67 19.83 13.18
C VAL A 409 4.11 18.72 12.25
N GLY A 410 5.18 18.02 12.64
CA GLY A 410 5.53 16.75 12.04
C GLY A 410 5.05 15.57 12.87
N VAL A 411 4.85 14.43 12.21
CA VAL A 411 4.61 13.15 12.88
C VAL A 411 5.55 12.13 12.25
N SER A 412 6.31 11.44 13.08
CA SER A 412 7.23 10.39 12.64
C SER A 412 6.75 9.04 13.14
N SER A 413 6.81 8.02 12.27
CA SER A 413 6.55 6.65 12.68
C SER A 413 7.59 5.75 12.04
N PHE A 414 8.32 5.01 12.87
CA PHE A 414 9.36 4.10 12.41
C PHE A 414 8.95 2.66 12.70
N GLY A 415 9.08 1.80 11.71
CA GLY A 415 8.89 0.38 11.94
C GLY A 415 10.19 -0.32 12.32
N MET A 416 10.03 -1.42 13.05
CA MET A 416 11.15 -2.31 13.35
C MET A 416 11.81 -2.87 12.09
N GLY A 417 11.08 -2.95 10.99
CA GLY A 417 11.73 -3.27 9.74
C GLY A 417 12.40 -2.12 9.04
N GLY A 418 12.53 -0.98 9.69
CA GLY A 418 13.18 0.17 9.11
C GLY A 418 12.38 0.96 8.12
N THR A 419 11.10 0.64 7.91
CA THR A 419 10.24 1.49 7.10
C THR A 419 9.89 2.74 7.92
N ASN A 420 10.42 3.88 7.50
CA ASN A 420 10.17 5.15 8.16
C ASN A 420 9.10 5.93 7.41
N ALA A 421 8.24 6.60 8.15
CA ALA A 421 7.24 7.50 7.58
C ALA A 421 7.26 8.82 8.35
N HIS A 422 7.14 9.91 7.60
CA HIS A 422 6.98 11.24 8.18
C HIS A 422 5.86 11.98 7.47
N VAL A 423 5.01 12.65 8.24
CA VAL A 423 3.86 13.39 7.72
C VAL A 423 3.88 14.79 8.32
N VAL A 424 3.61 15.78 7.49
CA VAL A 424 3.58 17.18 7.89
C VAL A 424 2.12 17.65 7.92
N LEU A 425 1.67 18.09 9.08
CA LEU A 425 0.32 18.60 9.30
C LEU A 425 0.38 20.10 9.55
N GLU A 426 -0.29 20.87 8.70
CA GLU A 426 -0.57 22.27 8.92
C GLU A 426 -1.97 22.41 9.51
N GLU A 427 -2.16 23.45 10.33
CA GLU A 427 -3.50 23.76 10.79
C GLU A 427 -4.46 24.01 9.63
N ALA A 428 -5.75 23.90 9.93
CA ALA A 428 -6.78 24.18 8.93
C ALA A 428 -6.64 25.59 8.39
N PRO A 429 -6.93 25.82 7.09
CA PRO A 429 -6.74 27.11 6.43
C PRO A 429 -7.71 28.17 6.94
N VAL A 451 -38.40 27.66 15.88
CA VAL A 451 -38.38 26.27 16.31
C VAL A 451 -37.47 25.46 15.40
N VAL A 452 -36.62 24.63 15.99
CA VAL A 452 -35.73 23.76 15.24
C VAL A 452 -35.85 22.34 15.77
N PRO A 453 -35.89 21.35 14.88
CA PRO A 453 -35.75 19.94 15.29
C PRO A 453 -34.29 19.48 15.39
N TRP A 454 -34.01 18.74 16.46
CA TRP A 454 -32.90 17.81 16.48
C TRP A 454 -33.45 16.40 16.31
N VAL A 455 -32.97 15.69 15.30
CA VAL A 455 -33.50 14.40 14.88
C VAL A 455 -32.46 13.31 15.20
N VAL A 456 -32.86 12.36 16.04
CA VAL A 456 -31.96 11.33 16.56
C VAL A 456 -32.50 9.98 16.11
N SER A 457 -31.64 9.15 15.51
CA SER A 457 -32.10 7.86 15.05
C SER A 457 -31.06 6.78 15.35
N ALA A 458 -31.56 5.59 15.65
CA ALA A 458 -30.73 4.42 15.92
C ALA A 458 -31.43 3.17 15.39
N LYS A 459 -30.70 2.06 15.42
CA LYS A 459 -31.20 0.78 14.93
C LYS A 459 -32.03 0.02 15.96
N SER A 460 -32.13 0.50 17.20
CA SER A 460 -32.94 -0.19 18.19
C SER A 460 -33.38 0.81 19.25
N ALA A 461 -34.40 0.43 20.00
CA ALA A 461 -34.89 1.30 21.08
C ALA A 461 -33.82 1.57 22.12
N ALA A 462 -33.06 0.54 22.51
CA ALA A 462 -31.98 0.75 23.47
C ALA A 462 -30.89 1.65 22.91
N ALA A 463 -30.55 1.45 21.63
CA ALA A 463 -29.61 2.35 20.97
C ALA A 463 -30.18 3.75 20.82
N LEU A 464 -31.49 3.86 20.55
CA LEU A 464 -32.10 5.18 20.45
C LEU A 464 -32.04 5.93 21.76
N ASP A 465 -32.46 5.28 22.85
CA ASP A 465 -32.32 5.87 24.18
C ASP A 465 -30.89 6.26 24.52
N ALA A 466 -29.92 5.41 24.18
CA ALA A 466 -28.52 5.77 24.40
C ALA A 466 -28.10 6.98 23.58
N GLN A 467 -28.54 7.07 22.32
CA GLN A 467 -28.21 8.18 21.45
C GLN A 467 -28.86 9.49 21.90
N ILE A 468 -30.06 9.39 22.48
CA ILE A 468 -30.70 10.54 23.13
C ILE A 468 -29.92 10.97 24.37
N GLU A 469 -29.53 10.01 25.21
CA GLU A 469 -28.76 10.37 26.40
C GLU A 469 -27.43 11.04 26.02
N ARG A 470 -26.76 10.55 24.99
CA ARG A 470 -25.54 11.19 24.52
C ARG A 470 -25.79 12.60 23.97
N LEU A 471 -26.85 12.79 23.19
CA LEU A 471 -27.15 14.14 22.71
C LEU A 471 -27.55 15.08 23.84
N ALA A 472 -28.18 14.56 24.89
CA ALA A 472 -28.48 15.38 26.06
C ALA A 472 -27.20 15.75 26.81
N ALA A 473 -26.31 14.80 27.01
CA ALA A 473 -25.01 15.12 27.60
C ALA A 473 -24.26 16.14 26.76
N PHE A 474 -24.35 16.02 25.44
CA PHE A 474 -23.72 17.02 24.56
C PHE A 474 -24.36 18.38 24.74
N ALA A 475 -25.68 18.43 24.94
CA ALA A 475 -26.36 19.69 25.15
C ALA A 475 -26.16 20.21 26.57
N SER A 476 -25.81 19.33 27.51
CA SER A 476 -25.60 19.72 28.89
C SER A 476 -24.41 20.67 29.02
N VAL A 493 -23.84 26.78 21.84
CA VAL A 493 -23.82 25.90 20.68
C VAL A 493 -24.89 26.35 19.69
N ASP A 494 -24.56 26.31 18.40
CA ASP A 494 -25.51 26.68 17.36
C ASP A 494 -26.52 25.56 17.19
N ALA A 495 -27.74 25.78 17.69
CA ALA A 495 -28.78 24.76 17.64
C ALA A 495 -29.10 24.37 16.20
N GLY A 496 -29.06 25.34 15.28
CA GLY A 496 -29.27 25.04 13.88
C GLY A 496 -28.15 24.25 13.25
N ALA A 497 -26.89 24.56 13.57
CA ALA A 497 -25.79 23.79 13.01
C ALA A 497 -25.81 22.35 13.51
N VAL A 498 -26.13 22.16 14.78
CA VAL A 498 -26.39 20.82 15.30
C VAL A 498 -27.50 20.13 14.52
N ALA A 499 -28.60 20.83 14.30
CA ALA A 499 -29.70 20.25 13.52
C ALA A 499 -29.27 19.87 12.10
N ARG A 500 -28.52 20.73 11.41
CA ARG A 500 -27.96 20.34 10.11
C ARG A 500 -27.10 19.10 10.18
N VAL A 501 -26.26 18.97 11.21
CA VAL A 501 -25.40 17.79 11.32
C VAL A 501 -26.21 16.53 11.64
N LEU A 502 -27.24 16.65 12.49
CA LEU A 502 -28.12 15.52 12.76
C LEU A 502 -29.01 15.13 11.59
N ALA A 503 -29.44 16.08 10.77
CA ALA A 503 -30.34 15.76 9.67
C ALA A 503 -29.62 15.32 8.41
N GLY A 504 -28.52 15.99 8.05
CA GLY A 504 -27.77 15.66 6.87
C GLY A 504 -26.62 14.72 7.11
N GLY A 505 -26.00 14.80 8.28
CA GLY A 505 -24.74 14.13 8.55
C GLY A 505 -24.84 12.84 9.33
N ARG A 506 -26.04 12.29 9.50
CA ARG A 506 -26.24 11.06 10.23
C ARG A 506 -27.14 10.14 9.41
N ALA A 507 -26.88 8.85 9.52
CA ALA A 507 -27.80 7.86 8.97
C ALA A 507 -29.19 8.02 9.58
N GLN A 508 -30.21 7.72 8.78
CA GLN A 508 -31.59 7.67 9.22
C GLN A 508 -32.00 6.21 9.41
N PHE A 509 -31.97 5.75 10.66
CA PHE A 509 -32.32 4.39 11.00
C PHE A 509 -33.81 4.30 11.32
N GLU A 510 -34.25 3.15 11.84
CA GLU A 510 -35.67 2.88 11.99
C GLU A 510 -36.26 3.35 13.32
N HIS A 511 -35.45 3.51 14.36
CA HIS A 511 -35.93 4.02 15.64
C HIS A 511 -35.59 5.50 15.74
N ARG A 512 -36.60 6.34 15.89
CA ARG A 512 -36.46 7.76 15.65
C ARG A 512 -37.08 8.54 16.79
N ALA A 513 -36.40 9.59 17.20
CA ALA A 513 -36.94 10.62 18.07
C ALA A 513 -36.60 11.97 17.48
N VAL A 514 -37.43 12.95 17.82
CA VAL A 514 -37.19 14.35 17.48
C VAL A 514 -37.47 15.19 18.72
N VAL A 515 -36.54 16.09 19.03
CA VAL A 515 -36.72 17.13 20.03
C VAL A 515 -36.88 18.45 19.27
N VAL A 516 -37.94 19.18 19.60
CA VAL A 516 -38.30 20.40 18.90
C VAL A 516 -38.29 21.57 19.87
N GLY A 517 -37.46 22.57 19.58
CA GLY A 517 -37.31 23.65 20.55
C GLY A 517 -36.87 24.93 19.89
N SER A 518 -37.07 26.03 20.60
CA SER A 518 -36.81 27.35 20.05
C SER A 518 -35.34 27.70 19.98
N GLY A 519 -34.51 27.06 20.79
CA GLY A 519 -33.11 27.38 20.86
C GLY A 519 -32.34 26.42 21.74
N PRO A 520 -31.03 26.61 21.81
CA PRO A 520 -30.15 25.55 22.34
C PRO A 520 -30.56 25.02 23.71
N ASP A 521 -30.82 25.92 24.66
CA ASP A 521 -31.24 25.49 26.00
C ASP A 521 -32.64 24.90 25.98
N ASP A 522 -33.54 25.43 25.17
CA ASP A 522 -34.88 24.84 25.05
C ASP A 522 -34.80 23.39 24.59
N LEU A 523 -34.04 23.13 23.52
CA LEU A 523 -33.76 21.76 23.11
C LEU A 523 -33.08 20.95 24.19
N ALA A 524 -32.13 21.55 24.92
CA ALA A 524 -31.42 20.81 25.96
C ALA A 524 -32.36 20.36 27.07
N ALA A 525 -33.19 21.27 27.58
CA ALA A 525 -34.20 20.92 28.56
C ALA A 525 -35.17 19.87 28.02
N ALA A 526 -35.63 20.04 26.78
CA ALA A 526 -36.53 19.05 26.19
C ALA A 526 -35.86 17.71 25.91
N LEU A 527 -34.52 17.66 25.90
CA LEU A 527 -33.83 16.38 25.91
C LEU A 527 -33.74 15.76 27.30
N ALA A 528 -33.91 16.55 28.35
CA ALA A 528 -34.29 15.98 29.63
C ALA A 528 -35.77 15.60 29.59
N ALA A 529 -36.16 14.70 30.49
CA ALA A 529 -37.47 14.05 30.45
C ALA A 529 -37.79 13.52 29.05
N PRO A 530 -36.91 12.69 28.47
CA PRO A 530 -37.02 12.35 27.05
C PRO A 530 -38.24 11.51 26.69
N GLU A 531 -39.10 11.17 27.65
CA GLU A 531 -40.43 10.66 27.33
C GLU A 531 -41.27 11.67 26.57
N GLY A 532 -40.91 12.95 26.64
CA GLY A 532 -41.64 13.99 25.94
C GLY A 532 -41.32 14.13 24.47
N LEU A 533 -40.23 13.51 24.00
CA LEU A 533 -39.81 13.65 22.61
C LEU A 533 -40.88 13.09 21.69
N VAL A 534 -40.90 13.57 20.45
CA VAL A 534 -41.55 12.79 19.40
C VAL A 534 -40.76 11.49 19.22
N ARG A 535 -41.44 10.36 19.38
CA ARG A 535 -40.82 9.07 19.11
C ARG A 535 -41.62 8.32 18.05
N GLY A 536 -40.93 7.40 17.37
CA GLY A 536 -41.60 6.54 16.42
C GLY A 536 -40.64 5.57 15.78
N VAL A 537 -41.23 4.67 15.00
CA VAL A 537 -40.55 3.54 14.37
C VAL A 537 -40.88 3.58 12.89
N ALA A 538 -39.85 3.52 12.05
CA ALA A 538 -40.08 3.64 10.58
C ALA A 538 -40.07 2.24 9.95
N SER A 539 -41.25 1.60 9.87
CA SER A 539 -41.34 0.26 9.25
C SER A 539 -42.45 0.28 8.19
N GLY A 540 -43.60 -0.32 8.49
CA GLY A 540 -44.74 -0.31 7.54
C GLY A 540 -45.11 1.11 7.14
N VAL A 541 -44.85 1.47 5.88
CA VAL A 541 -45.22 2.83 5.37
C VAL A 541 -45.99 2.66 4.06
N GLY A 542 -45.53 1.75 3.20
CA GLY A 542 -46.22 1.51 1.92
C GLY A 542 -46.64 2.80 1.24
N ARG A 543 -47.93 3.14 1.28
CA ARG A 543 -48.42 4.33 0.61
C ARG A 543 -49.02 5.34 1.57
N VAL A 544 -49.02 6.65 1.12
CA VAL A 544 -49.53 7.75 1.92
C VAL A 544 -50.76 8.32 1.25
N ALA A 545 -51.78 8.63 2.04
CA ALA A 545 -52.98 9.30 1.57
C ALA A 545 -53.15 10.63 2.29
N PHE A 546 -53.48 11.66 1.54
CA PHE A 546 -53.85 12.96 2.08
C PHE A 546 -55.35 13.00 2.31
N VAL A 547 -55.74 13.21 3.56
CA VAL A 547 -57.14 13.27 3.94
C VAL A 547 -57.56 14.73 4.01
N PHE A 548 -58.67 15.05 3.37
CA PHE A 548 -59.20 16.40 3.38
C PHE A 548 -60.58 16.39 4.03
N PRO A 549 -60.71 16.81 5.28
CA PRO A 549 -61.96 16.68 6.02
C PRO A 549 -62.98 17.73 5.61
N GLY A 550 -64.16 17.64 6.21
CA GLY A 550 -65.25 18.52 5.86
C GLY A 550 -65.56 19.58 6.90
N GLN A 551 -66.40 19.25 7.87
CA GLN A 551 -66.82 20.21 8.86
C GLN A 551 -66.07 19.99 10.18
N GLY A 552 -66.10 21.01 11.02
CA GLY A 552 -65.50 20.94 12.34
C GLY A 552 -64.02 21.18 12.39
N THR A 553 -63.40 21.59 11.27
CA THR A 553 -61.97 21.84 11.23
C THR A 553 -61.64 23.31 11.31
N GLN A 554 -62.64 24.18 11.33
CA GLN A 554 -62.38 25.61 11.30
C GLN A 554 -62.16 26.17 12.70
N TRP A 555 -61.42 27.26 12.76
CA TRP A 555 -61.23 28.03 13.98
C TRP A 555 -60.73 29.41 13.59
N ALA A 556 -61.16 30.41 14.34
CA ALA A 556 -60.83 31.79 14.00
C ALA A 556 -59.33 32.01 14.13
N GLY A 557 -58.70 32.37 13.03
CA GLY A 557 -57.27 32.57 12.99
C GLY A 557 -56.46 31.39 12.51
N MET A 558 -57.03 30.51 11.69
CA MET A 558 -56.28 29.35 11.22
C MET A 558 -55.42 29.75 10.02
N GLY A 559 -54.12 29.53 10.16
CA GLY A 559 -53.18 29.95 9.15
C GLY A 559 -52.66 31.36 9.31
N ALA A 560 -53.14 32.11 10.30
CA ALA A 560 -52.65 33.47 10.49
C ALA A 560 -51.19 33.49 10.91
N GLU A 561 -50.82 32.67 11.90
CA GLU A 561 -49.41 32.55 12.24
C GLU A 561 -48.61 31.87 11.15
N LEU A 562 -49.25 31.00 10.38
CA LEU A 562 -48.57 30.29 9.30
C LEU A 562 -48.37 31.17 8.09
N LEU A 563 -49.25 32.15 7.87
CA LEU A 563 -49.03 33.14 6.81
C LEU A 563 -47.73 33.89 7.02
N ASP A 564 -47.34 34.10 8.28
CA ASP A 564 -46.07 34.77 8.56
C ASP A 564 -44.92 33.77 8.58
N SER A 565 -45.14 32.61 9.17
CA SER A 565 -44.06 31.65 9.35
C SER A 565 -43.64 30.95 8.07
N SER A 566 -44.57 30.48 7.25
CA SER A 566 -44.25 29.63 6.10
C SER A 566 -44.45 30.39 4.80
N ALA A 567 -43.37 30.53 4.03
CA ALA A 567 -43.46 31.25 2.76
C ALA A 567 -44.22 30.46 1.71
N VAL A 568 -44.10 29.14 1.74
CA VAL A 568 -44.88 28.30 0.83
C VAL A 568 -46.35 28.39 1.16
N PHE A 569 -46.71 28.37 2.44
CA PHE A 569 -48.11 28.49 2.82
C PHE A 569 -48.66 29.84 2.42
N ALA A 570 -47.87 30.90 2.60
CA ALA A 570 -48.34 32.23 2.26
C ALA A 570 -48.49 32.38 0.75
N ALA A 571 -47.55 31.81 -0.01
CA ALA A 571 -47.66 31.81 -1.46
C ALA A 571 -48.92 31.09 -1.92
N ALA A 572 -49.17 29.91 -1.34
CA ALA A 572 -50.35 29.14 -1.71
C ALA A 572 -51.63 29.86 -1.31
N MET A 573 -51.62 30.53 -0.17
CA MET A 573 -52.82 31.22 0.27
C MET A 573 -53.08 32.45 -0.58
N ALA A 574 -52.02 33.11 -1.05
CA ALA A 574 -52.20 34.21 -1.98
C ALA A 574 -52.75 33.72 -3.32
N GLU A 575 -52.26 32.57 -3.79
CA GLU A 575 -52.80 31.98 -5.01
C GLU A 575 -54.27 31.63 -4.84
N CYS A 576 -54.63 31.05 -3.69
CA CYS A 576 -56.03 30.71 -3.43
C CYS A 576 -56.90 31.95 -3.32
N GLU A 577 -56.36 33.03 -2.74
CA GLU A 577 -57.10 34.27 -2.67
C GLU A 577 -57.34 34.84 -4.05
N ALA A 578 -56.34 34.78 -4.92
CA ALA A 578 -56.51 35.20 -6.30
C ALA A 578 -57.59 34.37 -6.99
N ALA A 579 -57.60 33.06 -6.71
CA ALA A 579 -58.62 32.19 -7.31
C ALA A 579 -60.01 32.48 -6.77
N LEU A 580 -60.12 32.83 -5.49
CA LEU A 580 -61.42 33.00 -4.86
C LEU A 580 -62.02 34.36 -5.14
N SER A 581 -61.18 35.38 -5.32
CA SER A 581 -61.65 36.76 -5.38
C SER A 581 -62.77 37.03 -6.39
N PRO A 582 -62.81 36.43 -7.58
CA PRO A 582 -63.93 36.72 -8.49
C PRO A 582 -65.28 36.21 -8.01
N TYR A 583 -65.42 35.79 -6.75
CA TYR A 583 -66.68 35.27 -6.26
C TYR A 583 -67.04 35.72 -4.85
N VAL A 584 -66.07 35.89 -3.96
CA VAL A 584 -66.34 35.93 -2.53
C VAL A 584 -66.74 37.31 -2.02
N ASP A 585 -66.40 38.39 -2.72
CA ASP A 585 -66.66 39.76 -2.29
C ASP A 585 -65.77 40.17 -1.12
N TRP A 586 -65.42 39.25 -0.23
CA TRP A 586 -64.50 39.58 0.84
C TRP A 586 -63.06 39.24 0.45
N SER A 587 -62.18 39.31 1.44
CA SER A 587 -60.76 39.02 1.23
C SER A 587 -60.36 37.82 2.08
N LEU A 588 -59.70 36.85 1.47
CA LEU A 588 -59.30 35.66 2.19
C LEU A 588 -58.33 36.00 3.31
N GLU A 589 -57.29 36.77 2.99
CA GLU A 589 -56.28 37.10 3.99
C GLU A 589 -56.88 37.94 5.11
N ALA A 590 -57.83 38.82 4.78
CA ALA A 590 -58.48 39.61 5.81
C ALA A 590 -59.25 38.73 6.78
N VAL A 591 -59.95 37.72 6.26
CA VAL A 591 -60.67 36.81 7.14
C VAL A 591 -59.70 35.99 7.96
N VAL A 592 -58.57 35.59 7.38
CA VAL A 592 -57.62 34.77 8.10
C VAL A 592 -56.89 35.60 9.16
N ARG A 593 -56.47 36.81 8.80
CA ARG A 593 -55.85 37.70 9.77
C ARG A 593 -56.88 38.39 10.65
N GLN A 594 -58.16 38.06 10.50
CA GLN A 594 -59.24 38.59 11.34
C GLN A 594 -59.22 40.12 11.34
N ALA A 595 -59.04 40.69 10.15
CA ALA A 595 -59.11 42.13 9.97
C ALA A 595 -60.48 42.64 10.43
N PRO A 596 -60.58 43.92 10.79
CA PRO A 596 -61.85 44.42 11.36
C PRO A 596 -63.02 44.34 10.40
N GLY A 597 -62.84 44.73 9.15
CA GLY A 597 -63.94 44.70 8.19
C GLY A 597 -64.14 43.39 7.48
N ALA A 598 -63.71 42.28 8.06
CA ALA A 598 -63.83 40.99 7.40
C ALA A 598 -64.91 40.14 8.06
N PRO A 599 -65.49 39.20 7.32
CA PRO A 599 -66.40 38.23 7.94
C PRO A 599 -65.66 37.37 8.96
N THR A 600 -66.42 36.89 9.94
CA THR A 600 -65.85 36.20 11.09
C THR A 600 -66.10 34.69 11.06
N LEU A 601 -66.05 34.06 9.89
CA LEU A 601 -66.24 32.63 9.69
C LEU A 601 -67.55 32.10 10.25
N GLU A 602 -68.49 32.96 10.64
CA GLU A 602 -69.76 32.50 11.18
C GLU A 602 -70.68 31.93 10.12
N ARG A 603 -70.57 32.39 8.87
CA ARG A 603 -71.44 31.94 7.81
C ARG A 603 -70.73 30.89 6.95
N VAL A 604 -71.53 30.06 6.28
CA VAL A 604 -70.98 28.95 5.51
C VAL A 604 -70.25 29.46 4.27
N ASP A 605 -70.85 30.42 3.57
CA ASP A 605 -70.27 30.96 2.34
C ASP A 605 -68.93 31.62 2.56
N VAL A 606 -68.50 31.76 3.82
CA VAL A 606 -67.14 32.20 4.12
C VAL A 606 -66.30 31.05 4.62
N VAL A 607 -66.84 30.26 5.56
CA VAL A 607 -66.03 29.27 6.27
C VAL A 607 -65.62 28.15 5.35
N GLN A 608 -66.41 27.87 4.31
CA GLN A 608 -66.06 26.75 3.43
C GLN A 608 -64.94 27.12 2.45
N PRO A 609 -64.99 28.25 1.74
CA PRO A 609 -63.84 28.61 0.89
C PRO A 609 -62.58 28.88 1.68
N VAL A 610 -62.70 29.38 2.91
CA VAL A 610 -61.51 29.60 3.73
C VAL A 610 -60.89 28.28 4.14
N THR A 611 -61.71 27.31 4.53
CA THR A 611 -61.19 25.98 4.86
C THR A 611 -60.59 25.32 3.63
N PHE A 612 -61.23 25.50 2.48
CA PHE A 612 -60.68 25.00 1.22
C PHE A 612 -59.29 25.57 0.97
N ALA A 613 -59.15 26.88 1.11
CA ALA A 613 -57.87 27.53 0.88
C ALA A 613 -56.82 27.00 1.84
N VAL A 614 -57.18 26.89 3.12
CA VAL A 614 -56.22 26.44 4.12
C VAL A 614 -55.77 25.01 3.82
N MET A 615 -56.70 24.14 3.41
CA MET A 615 -56.35 22.75 3.14
C MET A 615 -55.49 22.61 1.87
N VAL A 616 -55.85 23.34 0.82
CA VAL A 616 -55.02 23.37 -0.38
C VAL A 616 -53.60 23.83 -0.04
N SER A 617 -53.50 24.90 0.74
CA SER A 617 -52.20 25.46 1.09
C SER A 617 -51.42 24.51 1.99
N LEU A 618 -52.10 23.83 2.90
CA LEU A 618 -51.40 22.93 3.80
C LEU A 618 -50.91 21.70 3.07
N ALA A 619 -51.66 21.24 2.07
CA ALA A 619 -51.17 20.16 1.22
C ALA A 619 -49.94 20.62 0.45
N ARG A 620 -49.97 21.85 -0.07
CA ARG A 620 -48.80 22.41 -0.71
C ARG A 620 -47.60 22.44 0.23
N VAL A 621 -47.83 22.78 1.49
CA VAL A 621 -46.73 22.79 2.48
C VAL A 621 -46.20 21.39 2.70
N TRP A 622 -47.09 20.40 2.86
CA TRP A 622 -46.65 19.02 3.05
C TRP A 622 -45.78 18.57 1.88
N GLN A 623 -46.24 18.84 0.65
CA GLN A 623 -45.48 18.42 -0.52
C GLN A 623 -44.17 19.18 -0.62
N HIS A 624 -44.13 20.41 -0.11
CA HIS A 624 -42.89 21.17 -0.10
C HIS A 624 -41.84 20.51 0.76
N HIS A 625 -42.26 19.82 1.80
CA HIS A 625 -41.35 19.21 2.77
C HIS A 625 -41.12 17.73 2.52
N GLY A 626 -41.47 17.23 1.34
CA GLY A 626 -41.11 15.88 0.95
C GLY A 626 -42.23 14.87 1.03
N VAL A 627 -43.43 15.27 1.42
CA VAL A 627 -44.54 14.34 1.62
C VAL A 627 -45.52 14.57 0.48
N THR A 628 -45.30 13.88 -0.60
CA THR A 628 -46.29 13.87 -1.65
C THR A 628 -47.30 12.75 -1.41
N PRO A 629 -48.57 12.96 -1.75
CA PRO A 629 -49.57 11.92 -1.49
C PRO A 629 -49.54 10.86 -2.58
N GLN A 630 -49.54 9.60 -2.16
CA GLN A 630 -49.85 8.54 -3.10
C GLN A 630 -51.32 8.52 -3.46
N ALA A 631 -52.19 9.01 -2.58
CA ALA A 631 -53.57 9.23 -2.96
C ALA A 631 -54.12 10.38 -2.13
N VAL A 632 -55.32 10.80 -2.49
CA VAL A 632 -56.06 11.81 -1.73
C VAL A 632 -57.49 11.32 -1.57
N VAL A 633 -58.06 11.60 -0.42
CA VAL A 633 -59.43 11.22 -0.10
C VAL A 633 -60.04 12.36 0.70
N GLY A 634 -61.23 12.78 0.30
CA GLY A 634 -61.85 13.96 0.89
C GLY A 634 -63.17 13.61 1.53
N HIS A 635 -63.54 14.42 2.52
CA HIS A 635 -64.77 14.23 3.27
C HIS A 635 -65.67 15.43 3.02
N SER A 636 -66.80 15.20 2.35
CA SER A 636 -67.73 16.26 2.02
C SER A 636 -67.05 17.35 1.21
N GLN A 637 -67.11 18.60 1.69
CA GLN A 637 -66.44 19.70 1.02
C GLN A 637 -64.94 19.47 0.87
N GLY A 638 -64.33 18.73 1.79
CA GLY A 638 -62.94 18.38 1.64
C GLY A 638 -62.62 17.78 0.30
N GLU A 639 -63.57 17.07 -0.31
CA GLU A 639 -63.35 16.48 -1.62
C GLU A 639 -62.94 17.52 -2.64
N ILE A 640 -63.58 18.69 -2.63
CA ILE A 640 -63.17 19.77 -3.51
C ILE A 640 -61.67 20.02 -3.38
N ALA A 641 -61.19 20.20 -2.14
CA ALA A 641 -59.77 20.38 -1.92
C ALA A 641 -59.00 19.18 -2.45
N ALA A 642 -59.45 17.97 -2.12
CA ALA A 642 -58.83 16.78 -2.68
C ALA A 642 -58.77 16.86 -4.19
N ALA A 643 -59.89 17.23 -4.82
CA ALA A 643 -59.96 17.25 -6.27
C ALA A 643 -58.93 18.20 -6.86
N TYR A 644 -58.49 19.19 -6.07
CA TYR A 644 -57.47 20.11 -6.58
C TYR A 644 -56.08 19.54 -6.39
N VAL A 645 -55.83 18.91 -5.25
CA VAL A 645 -54.49 18.40 -5.00
C VAL A 645 -54.23 17.16 -5.81
N ALA A 646 -55.29 16.45 -6.21
CA ALA A 646 -55.16 15.36 -7.15
C ALA A 646 -54.95 15.83 -8.58
N GLY A 647 -55.07 17.13 -8.84
CA GLY A 647 -55.00 17.62 -10.19
C GLY A 647 -56.27 17.49 -10.99
N ALA A 648 -57.31 16.89 -10.41
CA ALA A 648 -58.56 16.71 -11.12
C ALA A 648 -59.19 18.03 -11.51
N LEU A 649 -59.54 18.87 -10.55
CA LEU A 649 -60.04 20.20 -10.82
C LEU A 649 -58.90 21.21 -10.81
N SER A 650 -59.09 22.30 -11.55
CA SER A 650 -58.15 23.41 -11.51
C SER A 650 -58.54 24.38 -10.40
N LEU A 651 -57.59 25.23 -10.02
CA LEU A 651 -57.81 26.11 -8.87
C LEU A 651 -58.94 27.10 -9.15
N ASP A 652 -59.04 27.58 -10.38
CA ASP A 652 -60.18 28.42 -10.72
C ASP A 652 -61.49 27.66 -10.56
N ASP A 653 -61.54 26.44 -11.07
CA ASP A 653 -62.76 25.65 -10.97
C ASP A 653 -63.00 25.15 -9.55
N ALA A 654 -61.94 24.76 -8.84
CA ALA A 654 -62.10 24.35 -7.45
C ALA A 654 -62.65 25.50 -6.60
N ALA A 655 -62.09 26.69 -6.77
CA ALA A 655 -62.59 27.87 -6.07
C ALA A 655 -64.03 28.17 -6.45
N ARG A 656 -64.37 28.06 -7.73
CA ARG A 656 -65.75 28.30 -8.13
C ARG A 656 -66.69 27.31 -7.45
N VAL A 657 -66.31 26.04 -7.43
CA VAL A 657 -67.16 25.02 -6.82
C VAL A 657 -67.39 25.35 -5.35
N VAL A 658 -66.30 25.54 -4.59
CA VAL A 658 -66.46 25.75 -3.15
C VAL A 658 -67.26 27.02 -2.88
N THR A 659 -66.95 28.11 -3.59
CA THR A 659 -67.62 29.37 -3.33
C THR A 659 -69.10 29.33 -3.68
N LEU A 660 -69.44 28.81 -4.85
CA LEU A 660 -70.83 28.81 -5.28
C LEU A 660 -71.66 27.81 -4.50
N ARG A 661 -71.12 26.63 -4.18
CA ARG A 661 -71.86 25.71 -3.34
C ARG A 661 -72.10 26.31 -1.97
N SER A 662 -71.09 26.97 -1.39
CA SER A 662 -71.26 27.59 -0.09
C SER A 662 -72.31 28.70 -0.13
N LYS A 663 -72.33 29.48 -1.22
CA LYS A 663 -73.31 30.54 -1.34
C LYS A 663 -74.71 29.99 -1.50
N SER A 664 -74.87 28.90 -2.26
CA SER A 664 -76.17 28.26 -2.37
C SER A 664 -76.63 27.74 -1.01
N ILE A 665 -75.71 27.14 -0.26
CA ILE A 665 -76.05 26.67 1.09
C ILE A 665 -76.52 27.82 1.96
N ALA A 666 -75.82 28.96 1.89
CA ALA A 666 -76.20 30.10 2.72
C ALA A 666 -77.49 30.75 2.23
N ALA A 667 -77.81 30.61 0.94
CA ALA A 667 -78.99 31.27 0.41
C ALA A 667 -80.24 30.41 0.52
N HIS A 668 -80.08 29.12 0.76
CA HIS A 668 -81.25 28.27 0.88
C HIS A 668 -81.17 27.20 1.97
N LEU A 669 -80.02 26.57 2.19
CA LEU A 669 -79.92 25.54 3.22
C LEU A 669 -79.69 26.10 4.61
N ALA A 670 -79.11 27.30 4.70
CA ALA A 670 -78.76 27.86 6.00
C ALA A 670 -80.00 28.12 6.85
N GLY A 671 -79.87 27.89 8.15
CA GLY A 671 -80.94 28.10 9.09
C GLY A 671 -82.16 27.22 8.91
N LYS A 672 -82.09 26.21 8.05
CA LYS A 672 -83.23 25.36 7.76
C LYS A 672 -83.06 23.93 8.24
N GLY A 673 -81.82 23.46 8.40
CA GLY A 673 -81.59 22.08 8.77
C GLY A 673 -80.75 21.96 10.02
N GLY A 674 -80.27 20.74 10.24
CA GLY A 674 -79.42 20.45 11.38
C GLY A 674 -78.69 19.13 11.17
N MET A 675 -77.60 18.97 11.90
CA MET A 675 -76.77 17.78 11.82
C MET A 675 -76.38 17.36 13.22
N LEU A 676 -76.13 16.07 13.39
CA LEU A 676 -75.90 15.50 14.72
C LEU A 676 -74.94 14.34 14.61
N SER A 677 -73.84 14.41 15.36
CA SER A 677 -72.90 13.31 15.42
C SER A 677 -73.27 12.37 16.56
N LEU A 678 -73.28 11.07 16.27
CA LEU A 678 -73.62 10.05 17.23
C LEU A 678 -72.47 9.06 17.33
N ALA A 679 -72.05 8.77 18.56
CA ALA A 679 -71.04 7.75 18.78
C ALA A 679 -71.71 6.38 18.73
N LEU A 680 -72.01 5.90 17.53
CA LEU A 680 -72.75 4.68 17.35
C LEU A 680 -72.66 4.27 15.88
N SER A 681 -72.67 2.96 15.63
CA SER A 681 -72.54 2.46 14.28
C SER A 681 -73.74 2.85 13.43
N GLU A 682 -73.52 2.93 12.12
CA GLU A 682 -74.60 3.31 11.22
C GLU A 682 -75.63 2.22 11.08
N ASP A 683 -75.31 0.98 11.49
CA ASP A 683 -76.27 -0.10 11.40
C ASP A 683 -77.46 0.14 12.32
N ALA A 684 -77.20 0.45 13.58
CA ALA A 684 -78.28 0.76 14.51
C ALA A 684 -78.84 2.15 14.24
N VAL A 685 -78.06 3.00 13.58
CA VAL A 685 -78.49 4.38 13.35
C VAL A 685 -79.51 4.44 12.21
N LEU A 686 -79.28 3.66 11.15
CA LEU A 686 -80.28 3.53 10.10
C LEU A 686 -81.57 2.95 10.64
N GLU A 687 -81.50 2.18 11.72
CA GLU A 687 -82.71 1.66 12.36
C GLU A 687 -83.39 2.74 13.19
N ARG A 688 -82.61 3.50 13.96
CA ARG A 688 -83.18 4.54 14.80
C ARG A 688 -83.75 5.69 13.98
N LEU A 689 -83.39 5.78 12.69
CA LEU A 689 -83.98 6.81 11.83
C LEU A 689 -85.41 6.49 11.44
N ALA A 690 -85.94 5.33 11.84
CA ALA A 690 -87.34 5.04 11.60
C ALA A 690 -88.22 6.04 12.33
N GLY A 691 -89.38 6.33 11.75
CA GLY A 691 -90.25 7.34 12.30
C GLY A 691 -89.81 8.76 12.07
N PHE A 692 -88.69 8.97 11.39
CA PHE A 692 -88.16 10.31 11.10
C PHE A 692 -87.84 10.39 9.61
N ASP A 693 -88.88 10.58 8.79
CA ASP A 693 -88.67 10.74 7.36
C ASP A 693 -87.81 11.97 7.03
N GLY A 694 -87.78 12.97 7.91
CA GLY A 694 -86.97 14.15 7.70
C GLY A 694 -85.53 14.03 8.14
N LEU A 695 -85.01 12.80 8.26
CA LEU A 695 -83.63 12.57 8.66
C LEU A 695 -82.97 11.62 7.68
N SER A 696 -81.65 11.47 7.83
CA SER A 696 -80.88 10.55 7.02
C SER A 696 -79.51 10.39 7.65
N VAL A 697 -78.73 9.44 7.11
CA VAL A 697 -77.35 9.29 7.52
C VAL A 697 -76.47 10.16 6.63
N ALA A 698 -75.77 11.12 7.25
CA ALA A 698 -74.94 12.05 6.50
C ALA A 698 -73.53 11.54 6.27
N ALA A 699 -72.97 10.83 7.24
CA ALA A 699 -71.59 10.36 7.12
C ALA A 699 -71.37 9.17 8.04
N VAL A 700 -70.56 8.22 7.58
CA VAL A 700 -70.13 7.09 8.39
C VAL A 700 -68.61 7.20 8.49
N ASN A 701 -68.15 7.99 9.46
CA ASN A 701 -66.75 8.38 9.54
C ASN A 701 -65.85 7.26 10.06
N GLY A 702 -66.37 6.46 10.97
CA GLY A 702 -65.68 5.30 11.46
C GLY A 702 -66.68 4.25 11.90
N PRO A 703 -66.19 3.04 12.19
CA PRO A 703 -67.13 1.98 12.66
C PRO A 703 -67.62 2.21 14.08
N THR A 704 -67.62 3.46 14.56
CA THR A 704 -68.03 3.75 15.92
C THR A 704 -68.87 5.01 16.03
N ALA A 705 -68.76 5.93 15.07
CA ALA A 705 -69.46 7.21 15.15
C ALA A 705 -69.93 7.65 13.78
N THR A 706 -71.24 7.81 13.64
CA THR A 706 -71.87 8.27 12.41
C THR A 706 -72.35 9.70 12.60
N VAL A 707 -72.86 10.26 11.52
CA VAL A 707 -73.40 11.61 11.49
C VAL A 707 -74.72 11.59 10.74
N VAL A 708 -75.79 12.00 11.41
CA VAL A 708 -77.11 12.11 10.81
C VAL A 708 -77.36 13.58 10.48
N SER A 709 -78.29 13.82 9.56
CA SER A 709 -78.59 15.16 9.11
C SER A 709 -80.03 15.23 8.63
N GLY A 710 -80.73 16.28 9.04
CA GLY A 710 -82.09 16.47 8.58
C GLY A 710 -82.75 17.63 9.31
N ASP A 711 -84.06 17.53 9.45
CA ASP A 711 -84.88 18.57 10.06
C ASP A 711 -84.40 18.86 11.48
N PRO A 712 -84.28 20.12 11.89
CA PRO A 712 -83.73 20.41 13.22
C PRO A 712 -84.55 19.86 14.37
N VAL A 713 -85.88 19.90 14.24
CA VAL A 713 -86.72 19.36 15.30
C VAL A 713 -86.49 17.87 15.47
N GLN A 714 -86.40 17.13 14.37
CA GLN A 714 -86.12 15.71 14.44
C GLN A 714 -84.68 15.43 14.87
N ILE A 715 -83.73 16.31 14.51
CA ILE A 715 -82.37 16.16 15.01
C ILE A 715 -82.37 16.25 16.53
N GLU A 716 -83.08 17.24 17.08
CA GLU A 716 -83.14 17.38 18.54
C GLU A 716 -83.87 16.21 19.17
N GLU A 717 -84.92 15.71 18.51
CA GLU A 717 -85.64 14.55 19.03
C GLU A 717 -84.73 13.33 19.11
N LEU A 718 -83.98 13.06 18.04
CA LEU A 718 -83.05 11.93 18.04
C LEU A 718 -81.94 12.13 19.07
N ALA A 719 -81.45 13.36 19.23
CA ALA A 719 -80.43 13.62 20.23
C ALA A 719 -80.96 13.34 21.64
N ARG A 720 -82.19 13.78 21.92
CA ARG A 720 -82.78 13.52 23.22
C ARG A 720 -83.02 12.04 23.43
N ALA A 721 -83.42 11.32 22.38
CA ALA A 721 -83.62 9.88 22.49
C ALA A 721 -82.29 9.17 22.79
N CYS A 722 -81.21 9.61 22.16
CA CYS A 722 -79.90 9.04 22.46
C CYS A 722 -79.46 9.37 23.89
N GLU A 723 -79.75 10.60 24.33
CA GLU A 723 -79.43 10.95 25.71
C GLU A 723 -80.32 10.22 26.71
N ALA A 724 -81.41 9.63 26.22
CA ALA A 724 -82.28 8.85 27.10
C ALA A 724 -81.72 7.46 27.35
N ASP A 725 -81.10 6.86 26.34
CA ASP A 725 -80.49 5.54 26.46
C ASP A 725 -79.06 5.59 26.98
N GLY A 726 -78.61 6.76 27.44
CA GLY A 726 -77.26 6.91 27.93
C GLY A 726 -76.16 6.81 26.88
N VAL A 727 -76.35 7.42 25.71
CA VAL A 727 -75.35 7.32 24.66
C VAL A 727 -74.69 8.68 24.47
N ARG A 728 -73.65 8.72 23.64
CA ARG A 728 -72.99 9.97 23.31
C ARG A 728 -73.66 10.59 22.10
N ALA A 729 -73.96 11.89 22.18
CA ALA A 729 -74.60 12.62 21.11
C ALA A 729 -74.09 14.06 21.10
N ARG A 730 -73.60 14.50 19.96
CA ARG A 730 -73.01 15.83 19.82
C ARG A 730 -73.72 16.56 18.69
N VAL A 731 -74.63 17.46 19.05
CA VAL A 731 -75.33 18.28 18.06
C VAL A 731 -74.30 19.18 17.38
N ILE A 732 -74.20 19.06 16.06
CA ILE A 732 -73.17 19.76 15.29
C ILE A 732 -73.58 21.21 15.05
N PRO A 733 -72.72 22.18 15.35
CA PRO A 733 -73.09 23.59 15.15
C PRO A 733 -73.17 23.97 13.69
N VAL A 734 -74.25 23.54 13.03
CA VAL A 734 -74.43 23.77 11.60
C VAL A 734 -75.90 24.02 11.35
N ASP A 735 -76.22 25.21 10.83
CA ASP A 735 -77.60 25.63 10.59
C ASP A 735 -78.22 24.95 9.38
N TYR A 736 -77.41 24.30 8.56
CA TYR A 736 -77.91 23.62 7.37
C TYR A 736 -77.90 22.12 7.64
N ALA A 737 -78.34 21.38 6.63
CA ALA A 737 -78.42 19.92 6.71
C ALA A 737 -77.86 19.35 5.41
N SER A 738 -76.54 19.19 5.37
CA SER A 738 -75.89 18.63 4.20
C SER A 738 -76.19 17.13 4.10
N HIS A 739 -76.06 16.61 2.88
CA HIS A 739 -76.22 15.19 2.59
C HIS A 739 -77.63 14.70 2.91
N SER A 740 -78.55 15.64 3.13
CA SER A 740 -79.93 15.32 3.46
C SER A 740 -80.77 15.40 2.19
N ARG A 741 -82.09 15.40 2.39
CA ARG A 741 -82.99 15.58 1.26
C ARG A 741 -83.10 17.05 0.87
N GLN A 742 -82.99 17.94 1.85
CA GLN A 742 -83.18 19.36 1.61
C GLN A 742 -82.19 19.90 0.58
N VAL A 743 -81.03 19.26 0.44
CA VAL A 743 -80.03 19.68 -0.53
C VAL A 743 -80.60 19.68 -1.94
N GLU A 744 -81.58 18.80 -2.20
CA GLU A 744 -82.20 18.77 -3.53
C GLU A 744 -82.74 20.14 -3.92
N ILE A 745 -83.15 20.94 -2.93
CA ILE A 745 -83.69 22.28 -3.22
C ILE A 745 -82.68 23.09 -4.03
N ILE A 746 -81.39 22.99 -3.68
CA ILE A 746 -80.37 23.79 -4.35
C ILE A 746 -79.89 23.15 -5.64
N GLU A 747 -80.41 21.98 -6.00
CA GLU A 747 -79.95 21.30 -7.20
C GLU A 747 -80.14 22.16 -8.44
N SER A 748 -81.37 22.66 -8.64
CA SER A 748 -81.63 23.52 -9.79
C SER A 748 -80.73 24.75 -9.79
N GLU A 749 -80.20 25.13 -8.63
CA GLU A 749 -79.24 26.21 -8.57
C GLU A 749 -77.83 25.71 -8.90
N LEU A 750 -77.43 24.58 -8.32
CA LEU A 750 -76.06 24.11 -8.48
C LEU A 750 -75.73 23.85 -9.95
N ALA A 751 -76.61 23.11 -10.64
CA ALA A 751 -76.39 22.82 -12.06
C ALA A 751 -76.32 24.09 -12.89
N GLU A 752 -76.83 25.20 -12.39
CA GLU A 752 -76.79 26.46 -13.12
C GLU A 752 -75.45 27.18 -12.91
N VAL A 753 -74.82 26.95 -11.75
CA VAL A 753 -73.61 27.70 -11.43
C VAL A 753 -72.35 26.86 -11.61
N LEU A 754 -72.49 25.53 -11.65
CA LEU A 754 -71.35 24.65 -11.81
C LEU A 754 -71.31 24.00 -13.18
N ALA A 755 -72.08 24.52 -14.14
CA ALA A 755 -72.22 23.84 -15.43
C ALA A 755 -70.94 23.90 -16.25
N GLY A 756 -70.22 25.01 -16.18
CA GLY A 756 -69.06 25.18 -17.04
C GLY A 756 -67.80 24.47 -16.60
N LEU A 757 -67.88 23.57 -15.64
CA LEU A 757 -66.68 22.94 -15.10
C LEU A 757 -65.99 22.10 -16.17
N SER A 758 -64.67 22.09 -16.11
CA SER A 758 -63.84 21.31 -17.03
C SER A 758 -62.91 20.41 -16.24
N PRO A 759 -63.43 19.36 -15.63
CA PRO A 759 -62.58 18.45 -14.85
C PRO A 759 -61.59 17.72 -15.75
N GLN A 760 -60.46 17.36 -15.15
CA GLN A 760 -59.39 16.67 -15.85
C GLN A 760 -59.11 15.34 -15.18
N ALA A 761 -58.33 14.52 -15.88
CA ALA A 761 -57.91 13.25 -15.33
C ALA A 761 -57.07 13.47 -14.08
N PRO A 762 -57.34 12.77 -12.98
CA PRO A 762 -56.58 13.00 -11.75
C PRO A 762 -55.14 12.55 -11.89
N ARG A 763 -54.21 13.47 -11.67
CA ARG A 763 -52.79 13.11 -11.65
C ARG A 763 -52.44 12.25 -10.45
N VAL A 764 -52.82 12.68 -9.25
CA VAL A 764 -52.72 11.85 -8.05
C VAL A 764 -53.99 11.02 -7.99
N PRO A 765 -53.94 9.75 -7.61
CA PRO A 765 -55.17 8.98 -7.45
C PRO A 765 -56.14 9.66 -6.50
N PHE A 766 -57.43 9.52 -6.79
CA PHE A 766 -58.49 10.24 -6.11
C PHE A 766 -59.56 9.24 -5.69
N PHE A 767 -59.55 8.84 -4.41
CA PHE A 767 -60.55 7.92 -3.91
C PHE A 767 -61.78 8.72 -3.49
N SER A 768 -62.85 8.61 -4.26
CA SER A 768 -64.12 9.23 -3.94
C SER A 768 -64.81 8.51 -2.81
N THR A 769 -65.22 9.26 -1.79
CA THR A 769 -66.11 8.77 -0.75
C THR A 769 -67.56 9.03 -1.08
N LEU A 770 -67.85 9.40 -2.33
CA LEU A 770 -69.21 9.44 -2.85
C LEU A 770 -69.48 8.23 -3.73
N GLU A 771 -68.65 8.04 -4.77
CA GLU A 771 -68.66 6.81 -5.54
C GLU A 771 -68.09 5.65 -4.75
N GLY A 772 -67.36 5.94 -3.67
CA GLY A 772 -66.81 4.90 -2.83
C GLY A 772 -65.69 4.10 -3.47
N ALA A 773 -64.94 4.70 -4.38
CA ALA A 773 -63.94 3.96 -5.14
C ALA A 773 -63.04 4.95 -5.85
N TRP A 774 -62.13 4.43 -6.67
CA TRP A 774 -61.21 5.28 -7.40
C TRP A 774 -61.95 6.11 -8.44
N ILE A 775 -61.40 7.29 -8.73
CA ILE A 775 -61.85 8.12 -9.83
C ILE A 775 -60.69 8.23 -10.82
N THR A 776 -60.86 7.61 -11.99
CA THR A 776 -59.79 7.58 -12.97
C THR A 776 -60.19 8.25 -14.28
N GLU A 777 -61.34 8.88 -14.34
CA GLU A 777 -61.82 9.55 -15.54
C GLU A 777 -62.30 10.95 -15.19
N PRO A 778 -62.22 11.89 -16.14
CA PRO A 778 -62.62 13.27 -15.85
C PRO A 778 -64.11 13.44 -15.62
N VAL A 779 -64.65 12.80 -14.58
CA VAL A 779 -66.08 12.88 -14.29
C VAL A 779 -66.36 13.64 -13.01
N LEU A 780 -65.70 14.77 -12.77
CA LEU A 780 -65.95 15.58 -11.59
C LEU A 780 -66.62 16.89 -11.98
N ASP A 781 -67.71 16.80 -12.73
CA ASP A 781 -68.43 17.98 -13.17
C ASP A 781 -69.38 18.45 -12.07
N GLY A 782 -70.19 19.45 -12.39
CA GLY A 782 -71.10 20.02 -11.41
C GLY A 782 -72.08 19.03 -10.84
N GLY A 783 -72.54 18.07 -11.63
CA GLY A 783 -73.42 17.04 -11.10
C GLY A 783 -72.74 16.24 -10.00
N TYR A 784 -71.45 15.94 -10.18
CA TYR A 784 -70.71 15.25 -9.13
C TYR A 784 -70.66 16.08 -7.86
N TRP A 785 -70.50 17.40 -8.01
CA TRP A 785 -70.38 18.25 -6.83
C TRP A 785 -71.73 18.48 -6.17
N TYR A 786 -72.82 18.24 -6.89
CA TYR A 786 -74.12 18.19 -6.24
C TYR A 786 -74.33 16.86 -5.52
N ARG A 787 -73.92 15.77 -6.16
CA ARG A 787 -74.06 14.45 -5.54
C ARG A 787 -73.24 14.36 -4.27
N ASN A 788 -72.02 14.88 -4.29
CA ASN A 788 -71.17 14.91 -3.11
C ASN A 788 -71.87 15.57 -1.93
N LEU A 789 -72.57 16.67 -2.20
CA LEU A 789 -73.23 17.42 -1.13
C LEU A 789 -74.57 16.80 -0.75
N ARG A 790 -75.17 16.01 -1.64
CA ARG A 790 -76.50 15.48 -1.39
C ARG A 790 -76.48 14.08 -0.80
N HIS A 791 -75.45 13.30 -1.09
CA HIS A 791 -75.42 11.91 -0.69
C HIS A 791 -74.45 11.70 0.48
N ARG A 792 -74.47 10.48 1.01
CA ARG A 792 -73.71 10.15 2.20
C ARG A 792 -72.21 10.33 1.96
N VAL A 793 -71.47 10.45 3.06
CA VAL A 793 -70.02 10.42 3.01
C VAL A 793 -69.59 9.02 3.44
N GLY A 794 -68.96 8.29 2.52
CA GLY A 794 -68.49 6.97 2.85
C GLY A 794 -67.02 6.99 3.22
N PHE A 795 -66.70 7.62 4.35
CA PHE A 795 -65.29 7.79 4.70
C PHE A 795 -64.71 6.51 5.30
N ALA A 796 -65.43 5.88 6.21
CA ALA A 796 -64.96 4.60 6.74
C ALA A 796 -64.81 3.55 5.65
N PRO A 797 -65.75 3.38 4.71
CA PRO A 797 -65.48 2.52 3.55
C PRO A 797 -64.20 2.90 2.82
N ALA A 798 -63.98 4.20 2.61
CA ALA A 798 -62.79 4.66 1.91
C ALA A 798 -61.52 4.22 2.63
N VAL A 799 -61.47 4.40 3.94
CA VAL A 799 -60.24 4.11 4.66
C VAL A 799 -60.04 2.61 4.80
N GLU A 800 -61.14 1.86 4.99
CA GLU A 800 -61.00 0.40 4.99
C GLU A 800 -60.49 -0.10 3.64
N THR A 801 -60.96 0.49 2.55
CA THR A 801 -60.51 0.06 1.24
C THR A 801 -59.04 0.41 1.02
N LEU A 802 -58.67 1.67 1.28
CA LEU A 802 -57.30 2.08 1.04
C LEU A 802 -56.33 1.36 1.97
N ALA A 803 -56.79 0.93 3.15
CA ALA A 803 -55.90 0.29 4.10
C ALA A 803 -55.76 -1.19 3.83
N THR A 804 -56.89 -1.88 3.69
CA THR A 804 -56.87 -3.31 3.43
C THR A 804 -56.31 -3.61 2.05
N ASP A 805 -56.81 -2.92 1.02
CA ASP A 805 -56.47 -3.25 -0.37
C ASP A 805 -55.17 -2.58 -0.84
N GLU A 806 -55.24 -1.30 -1.13
CA GLU A 806 -54.19 -0.65 -1.92
C GLU A 806 -52.93 -0.33 -1.14
N GLY A 807 -52.79 -0.82 0.08
CA GLY A 807 -51.53 -0.72 0.78
C GLY A 807 -51.24 0.62 1.42
N PHE A 808 -52.26 1.42 1.67
CA PHE A 808 -52.04 2.71 2.29
C PHE A 808 -51.90 2.55 3.79
N THR A 809 -50.76 2.99 4.31
CA THR A 809 -50.42 2.82 5.71
C THR A 809 -50.50 4.10 6.50
N HIS A 810 -50.29 5.24 5.88
CA HIS A 810 -50.27 6.53 6.56
C HIS A 810 -51.29 7.44 5.93
N PHE A 811 -52.12 8.04 6.77
CA PHE A 811 -53.12 9.00 6.35
C PHE A 811 -52.76 10.34 6.98
N VAL A 812 -52.44 11.31 6.13
CA VAL A 812 -52.03 12.64 6.59
C VAL A 812 -53.25 13.54 6.47
N GLU A 813 -53.88 13.84 7.59
CA GLU A 813 -55.06 14.69 7.60
C GLU A 813 -54.61 16.13 7.35
N VAL A 814 -54.79 16.59 6.11
CA VAL A 814 -54.41 17.94 5.73
C VAL A 814 -55.58 18.83 6.14
N SER A 815 -55.47 19.40 7.33
CA SER A 815 -56.60 20.09 7.94
C SER A 815 -56.07 21.09 8.95
N ALA A 816 -56.96 22.01 9.35
CA ALA A 816 -56.62 22.99 10.38
C ALA A 816 -56.86 22.47 11.77
N HIS A 817 -57.51 21.32 11.89
CA HIS A 817 -57.75 20.66 13.16
C HIS A 817 -58.15 19.21 12.88
N PRO A 818 -57.53 18.23 13.51
CA PRO A 818 -57.85 16.83 13.22
C PRO A 818 -59.24 16.45 13.70
N VAL A 819 -60.02 15.81 12.83
CA VAL A 819 -61.40 15.44 13.15
C VAL A 819 -61.69 14.06 12.60
N LEU A 820 -60.73 13.48 11.88
CA LEU A 820 -60.93 12.20 11.23
C LEU A 820 -59.89 11.18 11.64
N THR A 821 -58.74 11.65 12.13
CA THR A 821 -57.69 10.73 12.54
C THR A 821 -58.11 9.84 13.71
N MET A 822 -59.02 10.32 14.56
CA MET A 822 -59.58 9.45 15.58
C MET A 822 -60.70 8.56 15.03
N ALA A 823 -60.54 8.02 13.84
CA ALA A 823 -61.57 7.21 13.19
C ALA A 823 -60.98 6.22 12.20
N LEU A 824 -59.71 6.36 11.86
CA LEU A 824 -59.06 5.39 11.00
C LEU A 824 -58.91 4.07 11.76
N PRO A 825 -58.74 2.96 11.04
CA PRO A 825 -58.47 1.68 11.71
C PRO A 825 -57.22 1.77 12.58
N GLY A 826 -57.16 0.88 13.57
CA GLY A 826 -56.08 0.93 14.54
C GLY A 826 -54.70 0.64 13.97
N THR A 827 -54.63 0.16 12.73
CA THR A 827 -53.36 -0.26 12.18
C THR A 827 -52.72 0.79 11.29
N VAL A 828 -53.49 1.65 10.68
CA VAL A 828 -52.94 2.72 9.87
C VAL A 828 -52.51 3.88 10.76
N THR A 829 -51.46 4.56 10.34
CA THR A 829 -50.98 5.75 11.04
C THR A 829 -51.81 6.95 10.63
N GLY A 830 -52.20 7.76 11.59
CA GLY A 830 -52.88 9.02 11.33
C GLY A 830 -51.99 10.18 11.72
N LEU A 831 -51.85 11.14 10.82
CA LEU A 831 -50.97 12.28 10.99
C LEU A 831 -51.76 13.55 10.73
N ALA A 832 -51.94 14.36 11.76
CA ALA A 832 -52.62 15.63 11.59
C ALA A 832 -51.63 16.70 11.15
N THR A 833 -52.16 17.90 10.89
CA THR A 833 -51.33 19.02 10.46
C THR A 833 -51.36 20.11 11.52
N LEU A 834 -52.42 20.89 11.55
CA LEU A 834 -52.60 21.94 12.55
C LEU A 834 -53.72 21.56 13.49
N ARG A 835 -53.67 22.13 14.69
CA ARG A 835 -54.74 21.97 15.67
C ARG A 835 -55.32 23.34 15.97
N ARG A 836 -56.46 23.34 16.68
CA ARG A 836 -57.10 24.60 17.04
C ARG A 836 -56.20 25.40 17.95
N ASP A 837 -55.98 26.67 17.59
CA ASP A 837 -55.13 27.63 18.29
C ASP A 837 -53.66 27.25 18.29
N ASN A 838 -53.32 26.00 17.94
CA ASN A 838 -51.95 25.58 17.66
C ASN A 838 -51.82 25.51 16.15
N GLY A 839 -51.61 26.64 15.50
CA GLY A 839 -51.55 26.65 14.05
C GLY A 839 -50.42 27.47 13.45
N GLY A 840 -49.29 27.54 14.15
CA GLY A 840 -48.13 28.23 13.67
C GLY A 840 -46.99 27.29 13.34
N GLN A 841 -45.78 27.85 13.29
CA GLN A 841 -44.63 27.07 12.88
C GLN A 841 -44.28 26.00 13.91
N ASP A 842 -44.52 26.28 15.18
CA ASP A 842 -44.40 25.24 16.20
C ASP A 842 -45.19 24.00 15.80
N ARG A 843 -46.47 24.19 15.48
CA ARG A 843 -47.33 23.06 15.16
C ARG A 843 -46.93 22.42 13.83
N LEU A 844 -46.47 23.23 12.87
CA LEU A 844 -46.05 22.66 11.59
C LEU A 844 -44.86 21.74 11.77
N VAL A 845 -43.87 22.16 12.56
CA VAL A 845 -42.71 21.32 12.77
C VAL A 845 -43.07 20.12 13.64
N ALA A 846 -44.00 20.28 14.57
CA ALA A 846 -44.45 19.12 15.35
C ALA A 846 -45.11 18.09 14.44
N SER A 847 -45.93 18.54 13.49
CA SER A 847 -46.58 17.61 12.57
C SER A 847 -45.59 16.98 11.62
N LEU A 848 -44.64 17.76 11.11
CA LEU A 848 -43.60 17.19 10.26
C LEU A 848 -42.74 16.21 11.04
N ALA A 849 -42.51 16.45 12.32
CA ALA A 849 -41.73 15.53 13.14
C ALA A 849 -42.50 14.25 13.39
N GLU A 850 -43.79 14.36 13.66
CA GLU A 850 -44.60 13.16 13.85
C GLU A 850 -44.72 12.37 12.57
N ALA A 851 -44.64 13.05 11.42
CA ALA A 851 -44.69 12.35 10.14
C ALA A 851 -43.37 11.66 9.84
N TRP A 852 -42.26 12.38 10.03
CA TRP A 852 -40.96 11.84 9.71
C TRP A 852 -40.56 10.74 10.70
N ALA A 853 -40.98 10.89 12.01
CA ALA A 853 -40.76 9.80 12.99
C ALA A 853 -41.59 8.60 12.52
N ASN A 854 -42.63 8.85 11.73
CA ASN A 854 -43.47 7.74 11.19
C ASN A 854 -42.88 7.27 9.86
N GLY A 855 -41.56 7.47 9.68
CA GLY A 855 -40.89 7.03 8.45
C GLY A 855 -41.49 7.66 7.22
N LEU A 856 -41.81 8.95 7.28
CA LEU A 856 -42.33 9.64 6.06
C LEU A 856 -41.17 10.38 5.39
N ALA A 857 -41.28 10.66 4.08
CA ALA A 857 -40.18 11.29 3.33
C ALA A 857 -40.03 12.76 3.76
N VAL A 858 -39.80 13.01 5.05
CA VAL A 858 -39.56 14.37 5.50
C VAL A 858 -38.12 14.77 5.22
N ASP A 859 -37.93 15.88 4.51
CA ASP A 859 -36.62 16.44 4.25
C ASP A 859 -36.49 17.74 5.03
N TRP A 860 -35.51 17.78 5.95
CA TRP A 860 -35.40 18.83 6.95
C TRP A 860 -34.69 20.08 6.45
N SER A 861 -33.99 20.00 5.31
CA SER A 861 -33.39 21.18 4.67
C SER A 861 -34.24 22.44 4.71
N PRO A 862 -35.52 22.46 4.30
CA PRO A 862 -36.29 23.71 4.35
C PRO A 862 -36.52 24.24 5.76
N LEU A 863 -36.21 23.47 6.80
CA LEU A 863 -36.27 23.97 8.17
C LEU A 863 -34.90 24.28 8.75
N LEU A 864 -33.82 23.93 8.06
CA LEU A 864 -32.49 24.18 8.56
C LEU A 864 -31.77 25.26 7.78
N SER A 872 -20.54 21.61 16.94
CA SER A 872 -20.82 20.72 15.81
C SER A 872 -20.16 19.36 16.02
N ASP A 873 -19.37 19.26 17.09
CA ASP A 873 -18.72 18.01 17.47
C ASP A 873 -19.66 17.15 18.33
N LEU A 874 -20.83 16.88 17.79
CA LEU A 874 -21.85 16.14 18.51
C LEU A 874 -21.54 14.64 18.53
N PRO A 875 -22.18 13.89 19.43
CA PRO A 875 -21.82 12.48 19.63
C PRO A 875 -21.91 11.63 18.37
N THR A 876 -21.09 10.58 18.34
CA THR A 876 -21.21 9.52 17.35
C THR A 876 -22.15 8.42 17.86
N TYR A 877 -22.44 7.46 16.97
CA TYR A 877 -23.41 6.41 17.25
C TYR A 877 -23.12 5.67 18.55
N ALA A 878 -24.16 5.48 19.35
CA ALA A 878 -24.12 4.73 20.61
C ALA A 878 -24.22 3.24 20.34
N PHE A 879 -23.10 2.66 19.89
CA PHE A 879 -23.04 1.23 19.63
C PHE A 879 -23.42 0.41 20.86
N GLN A 880 -24.35 -0.53 20.68
CA GLN A 880 -24.81 -1.43 21.75
C GLN A 880 -23.97 -2.71 21.72
N THR A 881 -22.76 -2.61 22.26
CA THR A 881 -21.74 -3.63 22.05
C THR A 881 -21.98 -4.84 22.95
N GLU A 882 -22.10 -6.01 22.33
CA GLU A 882 -22.21 -7.30 22.99
C GLU A 882 -20.86 -7.99 23.00
N ARG A 883 -20.60 -8.76 24.07
CA ARG A 883 -19.40 -9.59 24.08
C ARG A 883 -19.52 -10.70 23.05
N HIS A 884 -18.53 -10.78 22.17
CA HIS A 884 -18.38 -11.87 21.22
C HIS A 884 -16.95 -12.39 21.28
N TRP A 885 -16.79 -13.70 21.35
CA TRP A 885 -15.48 -14.30 21.47
C TRP A 885 -15.53 -15.71 20.93
N LEU A 886 -14.34 -16.29 20.76
CA LEU A 886 -14.19 -17.67 20.32
C LEU A 886 -14.98 -18.65 21.19
N GLU B 1 4.23 7.46 -17.26
CA GLU B 1 3.09 6.55 -17.16
C GLU B 1 3.50 5.08 -17.39
N PRO B 2 4.13 4.76 -18.53
CA PRO B 2 4.44 3.35 -18.80
C PRO B 2 5.55 2.87 -17.89
N VAL B 3 5.39 1.66 -17.36
CA VAL B 3 6.37 1.08 -16.45
C VAL B 3 6.99 -0.14 -17.10
N ALA B 4 8.31 -0.13 -17.30
CA ALA B 4 8.99 -1.31 -17.80
C ALA B 4 9.10 -2.38 -16.71
N VAL B 5 8.65 -3.59 -17.03
CA VAL B 5 9.12 -4.81 -16.39
C VAL B 5 10.50 -5.12 -16.97
N VAL B 6 11.54 -4.96 -16.16
CA VAL B 6 12.91 -5.19 -16.62
C VAL B 6 13.47 -6.52 -16.15
N GLY B 7 12.94 -7.08 -15.07
CA GLY B 7 13.37 -8.39 -14.62
C GLY B 7 12.20 -9.11 -13.99
N ILE B 8 12.30 -10.44 -13.97
CA ILE B 8 11.30 -11.29 -13.35
C ILE B 8 12.02 -12.41 -12.62
N SER B 9 11.41 -12.87 -11.54
CA SER B 9 11.68 -14.18 -11.01
C SER B 9 10.40 -14.79 -10.45
N CYS B 10 10.35 -16.11 -10.47
CA CYS B 10 9.21 -16.82 -9.91
C CYS B 10 9.68 -18.15 -9.33
N ARG B 11 8.87 -18.68 -8.43
CA ARG B 11 9.04 -20.00 -7.85
C ARG B 11 7.61 -20.54 -7.74
N VAL B 12 7.23 -21.42 -8.65
CA VAL B 12 5.84 -21.86 -8.75
C VAL B 12 5.83 -23.39 -8.77
N PRO B 13 4.67 -24.02 -8.53
CA PRO B 13 4.65 -25.44 -8.19
C PRO B 13 5.45 -26.36 -9.09
N GLY B 14 5.49 -26.12 -10.40
CA GLY B 14 6.28 -26.97 -11.27
C GLY B 14 7.47 -26.31 -11.93
N ALA B 15 7.95 -25.18 -11.40
CA ALA B 15 8.88 -24.36 -12.17
C ALA B 15 9.71 -23.51 -11.23
N ARG B 16 11.04 -23.63 -11.37
CA ARG B 16 11.99 -22.88 -10.55
C ARG B 16 12.17 -21.44 -10.99
N ASP B 17 11.82 -21.10 -12.23
CA ASP B 17 12.21 -19.82 -12.80
C ASP B 17 11.29 -19.52 -13.97
N PRO B 18 11.36 -18.30 -14.54
CA PRO B 18 10.38 -17.92 -15.57
C PRO B 18 10.52 -18.69 -16.88
N ARG B 19 11.71 -19.20 -17.21
CA ARG B 19 11.82 -20.10 -18.36
C ARG B 19 11.09 -21.42 -18.09
N GLU B 20 11.35 -22.02 -16.93
CA GLU B 20 10.63 -23.24 -16.55
C GLU B 20 9.12 -23.01 -16.51
N PHE B 21 8.70 -21.83 -16.03
CA PHE B 21 7.29 -21.49 -16.00
C PHE B 21 6.70 -21.39 -17.40
N TRP B 22 7.40 -20.73 -18.32
CA TRP B 22 6.96 -20.68 -19.71
C TRP B 22 6.95 -22.06 -20.38
N GLU B 23 7.96 -22.89 -20.09
CA GLU B 23 7.95 -24.26 -20.60
C GLU B 23 6.72 -25.04 -20.13
N LEU B 24 6.39 -24.93 -18.83
CA LEU B 24 5.17 -25.55 -18.32
C LEU B 24 3.92 -25.02 -19.02
N LEU B 25 3.83 -23.69 -19.17
CA LEU B 25 2.65 -23.08 -19.80
C LEU B 25 2.50 -23.46 -21.27
N ALA B 26 3.56 -23.33 -22.06
CA ALA B 26 3.51 -23.70 -23.47
C ALA B 26 3.22 -25.18 -23.66
N ALA B 27 3.80 -26.03 -22.82
CA ALA B 27 3.53 -27.46 -22.86
C ALA B 27 2.13 -27.82 -22.39
N GLY B 28 1.40 -26.87 -21.81
CA GLY B 28 0.13 -27.22 -21.19
C GLY B 28 0.30 -28.10 -19.98
N GLY B 29 1.38 -27.90 -19.24
CA GLY B 29 1.66 -28.75 -18.10
C GLY B 29 0.87 -28.35 -16.87
N GLN B 30 0.51 -29.36 -16.07
CA GLN B 30 -0.23 -29.16 -14.83
C GLN B 30 0.65 -29.62 -13.67
N ALA B 31 0.94 -28.68 -12.76
CA ALA B 31 1.82 -28.91 -11.62
C ALA B 31 1.07 -29.18 -10.33
N VAL B 32 -0.23 -29.43 -10.40
CA VAL B 32 -1.00 -29.81 -9.22
C VAL B 32 -0.75 -31.27 -8.91
N THR B 33 -0.36 -31.55 -7.67
CA THR B 33 0.06 -32.88 -7.21
C THR B 33 -0.67 -33.22 -5.93
N ASP B 34 -0.47 -34.44 -5.45
CA ASP B 34 -0.78 -34.77 -4.06
C ASP B 34 -0.09 -33.82 -3.08
N VAL B 35 -0.66 -33.69 -1.90
CA VAL B 35 -0.01 -32.97 -0.79
C VAL B 35 1.34 -33.60 -0.48
N PRO B 36 2.38 -32.80 -0.21
CA PRO B 36 3.70 -33.37 0.12
C PRO B 36 3.63 -34.18 1.42
N ALA B 37 4.16 -35.40 1.36
CA ALA B 37 4.23 -36.24 2.55
C ALA B 37 5.16 -35.65 3.61
N ASP B 38 6.13 -34.83 3.21
CA ASP B 38 7.14 -34.36 4.15
C ASP B 38 6.65 -33.23 5.05
N ARG B 39 5.63 -32.48 4.64
CA ARG B 39 5.13 -31.43 5.53
C ARG B 39 3.97 -31.92 6.42
N TRP B 40 2.90 -32.42 5.80
CA TRP B 40 1.70 -32.74 6.58
C TRP B 40 0.84 -33.72 5.80
N ASN B 41 0.36 -34.76 6.48
CA ASN B 41 -0.24 -35.91 5.81
C ASN B 41 -1.57 -35.56 5.15
N ALA B 42 -1.66 -35.86 3.85
CA ALA B 42 -2.82 -35.51 3.05
C ALA B 42 -4.09 -36.15 3.58
N GLY B 43 -4.08 -37.47 3.73
CA GLY B 43 -5.27 -38.21 4.08
C GLY B 43 -5.74 -38.01 5.51
N ASP B 44 -4.81 -37.88 6.45
CA ASP B 44 -5.18 -37.68 7.84
C ASP B 44 -6.08 -36.45 8.01
N PHE B 45 -5.89 -35.45 7.16
CA PHE B 45 -6.73 -34.26 7.10
C PHE B 45 -7.79 -34.32 6.01
N TYR B 46 -7.92 -35.42 5.28
CA TYR B 46 -8.91 -35.52 4.21
C TYR B 46 -10.19 -36.16 4.72
N ASP B 47 -11.33 -35.62 4.27
CA ASP B 47 -12.63 -36.25 4.37
C ASP B 47 -13.47 -35.72 3.21
N PRO B 48 -14.09 -36.59 2.41
CA PRO B 48 -15.01 -36.12 1.36
C PRO B 48 -16.16 -35.26 1.87
N ASP B 49 -16.58 -35.44 3.11
CA ASP B 49 -17.64 -34.60 3.70
C ASP B 49 -17.07 -33.24 4.05
N ARG B 50 -17.53 -32.20 3.34
CA ARG B 50 -17.13 -30.83 3.61
C ARG B 50 -17.39 -30.42 5.06
N SER B 51 -18.41 -30.99 5.69
CA SER B 51 -18.75 -30.66 7.07
C SER B 51 -17.85 -31.33 8.09
N ALA B 52 -17.01 -32.28 7.69
CA ALA B 52 -16.25 -33.05 8.66
C ALA B 52 -15.29 -32.15 9.44
N PRO B 53 -15.22 -32.27 10.76
CA PRO B 53 -14.47 -31.30 11.57
C PRO B 53 -12.96 -31.44 11.35
N GLY B 54 -12.31 -30.30 11.13
CA GLY B 54 -10.87 -30.25 11.05
C GLY B 54 -10.25 -30.96 9.87
N ARG B 55 -11.01 -31.21 8.82
CA ARG B 55 -10.53 -31.97 7.68
C ARG B 55 -10.96 -31.26 6.40
N SER B 56 -10.25 -31.54 5.31
CA SER B 56 -10.48 -30.88 4.04
C SER B 56 -10.94 -31.86 2.98
N ASN B 57 -11.80 -31.39 2.08
CA ASN B 57 -12.22 -32.16 0.92
C ASN B 57 -11.12 -32.35 -0.13
N SER B 58 -9.97 -31.71 0.04
CA SER B 58 -8.94 -31.64 -0.99
C SER B 58 -7.68 -32.39 -0.54
N ARG B 59 -7.23 -33.34 -1.37
CA ARG B 59 -5.95 -34.00 -1.18
C ARG B 59 -4.83 -33.42 -2.03
N TRP B 60 -5.06 -32.34 -2.77
CA TRP B 60 -4.18 -31.93 -3.86
C TRP B 60 -3.86 -30.45 -3.74
N GLY B 61 -2.73 -30.07 -4.33
CA GLY B 61 -2.35 -28.67 -4.42
C GLY B 61 -1.16 -28.48 -5.32
N GLY B 62 -0.95 -27.22 -5.69
CA GLY B 62 0.34 -26.77 -6.20
C GLY B 62 1.33 -26.52 -5.07
N PHE B 63 2.42 -27.26 -5.02
CA PHE B 63 3.43 -27.09 -3.97
C PHE B 63 4.81 -26.82 -4.54
N ILE B 64 5.52 -25.87 -3.92
CA ILE B 64 6.93 -25.64 -4.18
C ILE B 64 7.77 -26.74 -3.53
N GLU B 65 8.68 -27.32 -4.31
CA GLU B 65 9.71 -28.19 -3.73
C GLU B 65 10.72 -27.40 -2.89
N ASP B 66 11.01 -27.92 -1.69
CA ASP B 66 12.08 -27.43 -0.81
C ASP B 66 11.79 -26.06 -0.20
N VAL B 67 10.54 -25.81 0.19
CA VAL B 67 10.20 -24.57 0.88
C VAL B 67 10.97 -24.41 2.18
N ASP B 68 11.34 -25.52 2.82
CA ASP B 68 12.17 -25.50 4.02
C ASP B 68 13.64 -25.21 3.78
N ARG B 69 14.12 -25.20 2.55
CA ARG B 69 15.53 -24.98 2.28
C ARG B 69 15.82 -23.55 1.86
N PHE B 70 16.85 -22.96 2.47
CA PHE B 70 17.22 -21.57 2.31
C PHE B 70 18.74 -21.47 2.41
N ASP B 71 19.34 -20.61 1.59
CA ASP B 71 20.77 -20.28 1.68
C ASP B 71 20.96 -19.12 2.65
N ALA B 72 20.86 -19.43 3.95
CA ALA B 72 20.92 -18.42 4.99
C ALA B 72 22.26 -17.69 5.02
N ALA B 73 23.36 -18.41 4.75
CA ALA B 73 24.69 -17.79 4.75
C ALA B 73 24.82 -16.71 3.67
N PHE B 74 24.24 -16.95 2.50
CA PHE B 74 24.27 -15.94 1.43
C PHE B 74 23.70 -14.61 1.87
N PHE B 75 22.62 -14.64 2.65
CA PHE B 75 22.00 -13.43 3.16
C PHE B 75 22.50 -13.02 4.54
N GLY B 76 23.51 -13.69 5.08
CA GLY B 76 24.06 -13.31 6.36
C GLY B 76 23.16 -13.59 7.53
N ILE B 77 22.30 -14.59 7.42
CA ILE B 77 21.33 -14.93 8.44
C ILE B 77 21.86 -16.12 9.22
N SER B 78 21.82 -16.04 10.55
CA SER B 78 22.24 -17.17 11.36
C SER B 78 21.24 -18.33 11.20
N PRO B 79 21.71 -19.56 11.35
CA PRO B 79 20.80 -20.72 11.35
C PRO B 79 19.66 -20.65 12.35
N ARG B 80 19.87 -20.01 13.50
CA ARG B 80 18.79 -19.84 14.47
C ARG B 80 17.73 -18.85 13.98
N GLU B 81 18.16 -17.72 13.42
CA GLU B 81 17.21 -16.78 12.82
C GLU B 81 16.53 -17.40 11.61
N ALA B 82 17.30 -18.07 10.74
CA ALA B 82 16.69 -18.71 9.58
C ALA B 82 15.66 -19.74 10.01
N ALA B 83 15.94 -20.47 11.08
CA ALA B 83 14.97 -21.39 11.68
C ALA B 83 13.71 -20.66 12.11
N GLU B 84 13.84 -19.50 12.75
CA GLU B 84 12.66 -18.73 13.12
C GLU B 84 11.98 -18.05 11.94
N MET B 85 12.70 -17.89 10.83
CA MET B 85 12.21 -17.10 9.70
C MET B 85 11.14 -17.84 8.90
N ASP B 86 10.02 -17.15 8.66
CA ASP B 86 8.96 -17.61 7.78
C ASP B 86 9.53 -17.95 6.40
N PRO B 87 9.32 -19.17 5.90
CA PRO B 87 9.69 -19.49 4.51
C PRO B 87 9.23 -18.48 3.46
N GLN B 88 8.14 -17.75 3.70
CA GLN B 88 7.76 -16.67 2.80
C GLN B 88 8.83 -15.58 2.73
N GLN B 89 9.43 -15.21 3.86
CA GLN B 89 10.52 -14.24 3.86
C GLN B 89 11.74 -14.77 3.12
N ARG B 90 12.11 -16.02 3.37
CA ARG B 90 13.25 -16.65 2.70
C ARG B 90 13.06 -16.67 1.19
N LEU B 91 11.86 -17.07 0.76
CA LEU B 91 11.56 -17.13 -0.66
C LEU B 91 11.49 -15.75 -1.29
N ALA B 92 10.92 -14.76 -0.60
CA ALA B 92 10.99 -13.40 -1.10
C ALA B 92 12.42 -12.87 -1.21
N LEU B 93 13.32 -13.28 -0.30
CA LEU B 93 14.72 -12.89 -0.43
C LEU B 93 15.36 -13.45 -1.69
N GLU B 94 15.29 -14.76 -1.85
CA GLU B 94 15.89 -15.40 -3.02
C GLU B 94 15.24 -14.93 -4.32
N LEU B 95 13.91 -14.82 -4.35
CA LEU B 95 13.22 -14.27 -5.51
C LEU B 95 13.64 -12.85 -5.82
N GLY B 96 13.79 -12.00 -4.81
CA GLY B 96 14.20 -10.62 -5.06
C GLY B 96 15.57 -10.54 -5.69
N TRP B 97 16.53 -11.26 -5.11
CA TRP B 97 17.86 -11.35 -5.70
C TRP B 97 17.83 -11.87 -7.14
N GLU B 98 17.13 -13.00 -7.36
CA GLU B 98 17.06 -13.54 -8.72
C GLU B 98 16.41 -12.55 -9.69
N ALA B 99 15.34 -11.90 -9.28
CA ALA B 99 14.64 -11.00 -10.18
C ALA B 99 15.53 -9.83 -10.60
N LEU B 100 16.32 -9.32 -9.65
CA LEU B 100 17.28 -8.28 -9.99
C LEU B 100 18.39 -8.78 -10.92
N GLU B 101 18.93 -9.96 -10.65
CA GLU B 101 19.89 -10.57 -11.57
C GLU B 101 19.29 -10.78 -12.96
N ARG B 102 18.01 -11.11 -13.04
CA ARG B 102 17.35 -11.27 -14.34
C ARG B 102 17.22 -9.95 -15.09
N ALA B 103 17.07 -8.84 -14.37
CA ALA B 103 17.19 -7.54 -14.99
C ALA B 103 18.60 -7.22 -15.47
N GLY B 104 19.58 -8.04 -15.09
CA GLY B 104 20.97 -7.72 -15.34
C GLY B 104 21.54 -6.68 -14.43
N ILE B 105 20.96 -6.50 -13.24
CA ILE B 105 21.45 -5.56 -12.24
C ILE B 105 22.18 -6.35 -11.17
N ASP B 106 23.41 -5.95 -10.88
CA ASP B 106 24.11 -6.46 -9.71
C ASP B 106 23.37 -5.98 -8.47
N PRO B 107 22.77 -6.87 -7.67
CA PRO B 107 21.93 -6.41 -6.56
C PRO B 107 22.71 -5.68 -5.48
N SER B 108 24.01 -5.95 -5.37
CA SER B 108 24.81 -5.25 -4.39
C SER B 108 25.08 -3.83 -4.80
N SER B 109 24.88 -3.50 -6.07
CA SER B 109 24.98 -2.13 -6.53
C SER B 109 23.81 -1.27 -6.05
N LEU B 110 22.75 -1.87 -5.51
CA LEU B 110 21.56 -1.10 -5.19
C LEU B 110 21.55 -0.52 -3.79
N THR B 111 22.61 -0.70 -3.01
CA THR B 111 22.67 -0.13 -1.67
C THR B 111 22.49 1.39 -1.73
N GLY B 112 21.61 1.91 -0.87
CA GLY B 112 21.32 3.32 -0.81
C GLY B 112 20.40 3.86 -1.89
N THR B 113 20.05 3.06 -2.89
CA THR B 113 19.14 3.52 -3.93
C THR B 113 17.71 3.62 -3.41
N ARG B 114 16.96 4.54 -4.00
CA ARG B 114 15.51 4.67 -3.81
C ARG B 114 14.77 3.55 -4.54
N THR B 115 15.02 2.31 -4.16
CA THR B 115 14.33 1.15 -4.72
C THR B 115 13.24 0.68 -3.76
N GLY B 116 12.00 0.69 -4.22
CA GLY B 116 10.88 0.24 -3.41
C GLY B 116 10.70 -1.26 -3.44
N VAL B 117 10.21 -1.80 -2.31
CA VAL B 117 9.76 -3.18 -2.23
C VAL B 117 8.27 -3.20 -1.89
N PHE B 118 7.47 -3.81 -2.77
CA PHE B 118 6.02 -3.88 -2.64
C PHE B 118 5.62 -5.36 -2.76
N ALA B 119 5.32 -6.00 -1.63
CA ALA B 119 4.99 -7.42 -1.61
C ALA B 119 3.55 -7.65 -1.14
N GLY B 120 2.84 -8.52 -1.85
CA GLY B 120 1.59 -9.10 -1.39
C GLY B 120 1.78 -10.38 -0.61
N ALA B 121 1.31 -10.43 0.64
CA ALA B 121 1.31 -11.67 1.40
C ALA B 121 0.18 -11.65 2.42
N ILE B 122 -0.45 -12.80 2.65
CA ILE B 122 -1.75 -12.84 3.34
C ILE B 122 -1.85 -14.02 4.30
N TRP B 123 -1.16 -15.12 4.01
CA TRP B 123 -1.21 -16.29 4.87
C TRP B 123 -0.06 -16.29 5.88
N ASP B 124 -0.28 -17.00 7.00
CA ASP B 124 0.68 -17.03 8.10
C ASP B 124 0.78 -18.42 8.71
N ASP B 125 1.11 -19.42 7.89
CA ASP B 125 1.14 -20.79 8.36
C ASP B 125 2.35 -21.08 9.25
N TYR B 126 3.45 -20.38 9.02
CA TYR B 126 4.61 -20.48 9.91
C TYR B 126 4.32 -19.80 11.25
N ALA B 127 3.60 -18.68 11.23
CA ALA B 127 3.07 -18.14 12.48
C ALA B 127 2.14 -19.14 13.14
N THR B 128 1.32 -19.85 12.36
CA THR B 128 0.44 -20.87 12.93
C THR B 128 1.22 -21.95 13.66
N LEU B 129 2.31 -22.42 13.06
CA LEU B 129 3.21 -23.36 13.72
C LEU B 129 3.85 -22.80 14.97
N LYS B 130 4.42 -21.59 14.90
CA LYS B 130 4.96 -20.94 16.10
C LYS B 130 3.92 -20.78 17.20
N HIS B 131 2.68 -20.47 16.84
CA HIS B 131 1.62 -20.34 17.83
C HIS B 131 1.28 -21.68 18.48
N ARG B 132 1.12 -22.70 17.62
CA ARG B 132 0.82 -24.08 18.10
C ARG B 132 1.90 -24.48 19.10
N GLN B 133 3.17 -24.16 18.80
CA GLN B 133 4.25 -24.49 19.72
C GLN B 133 4.04 -23.91 21.10
N GLY B 134 3.17 -22.91 21.24
CA GLY B 134 2.84 -22.32 22.52
C GLY B 134 3.91 -21.41 23.12
N GLY B 135 3.79 -21.23 24.43
CA GLY B 135 4.75 -20.44 25.18
C GLY B 135 6.15 -21.05 25.18
N ALA B 136 7.11 -20.20 25.54
CA ALA B 136 8.53 -20.51 25.67
C ALA B 136 9.22 -20.87 24.37
N ALA B 137 8.45 -21.25 23.34
CA ALA B 137 9.03 -21.34 22.00
C ALA B 137 9.33 -19.98 21.40
N ILE B 138 8.77 -18.91 21.94
CA ILE B 138 9.02 -17.56 21.43
C ILE B 138 10.42 -17.11 21.79
N THR B 139 11.16 -16.62 20.80
CA THR B 139 12.56 -16.25 20.91
C THR B 139 12.74 -14.83 20.41
N PRO B 140 13.94 -14.25 20.56
CA PRO B 140 14.19 -12.90 20.02
C PRO B 140 14.03 -12.77 18.51
N HIS B 141 13.91 -13.88 17.77
CA HIS B 141 13.71 -13.84 16.34
C HIS B 141 12.29 -14.18 15.90
N THR B 142 11.42 -14.58 16.82
CA THR B 142 10.06 -14.97 16.46
C THR B 142 9.30 -13.83 15.81
N VAL B 143 9.33 -12.65 16.41
CA VAL B 143 8.52 -11.53 15.93
C VAL B 143 8.95 -11.10 14.52
N THR B 144 10.24 -10.86 14.31
CA THR B 144 10.72 -10.50 12.99
C THR B 144 10.65 -11.66 12.00
N GLY B 145 10.81 -12.89 12.48
CA GLY B 145 10.61 -14.05 11.63
C GLY B 145 9.18 -14.28 11.19
N LEU B 146 8.20 -13.77 11.92
CA LEU B 146 6.81 -13.96 11.56
C LEU B 146 6.10 -12.73 11.00
N HIS B 147 6.52 -11.53 11.37
CA HIS B 147 5.79 -10.34 10.93
C HIS B 147 5.89 -10.21 9.42
N ARG B 148 4.75 -9.95 8.78
CA ARG B 148 4.67 -10.06 7.33
C ARG B 148 5.32 -8.87 6.61
N GLY B 149 5.20 -7.67 7.17
CA GLY B 149 5.96 -6.53 6.66
C GLY B 149 7.45 -6.76 6.55
N ILE B 150 8.02 -7.61 7.40
CA ILE B 150 9.43 -7.97 7.30
C ILE B 150 9.75 -8.71 6.00
N ILE B 151 8.76 -9.37 5.39
CA ILE B 151 8.96 -9.93 4.05
C ILE B 151 9.47 -8.86 3.11
N ALA B 152 8.86 -7.67 3.15
CA ALA B 152 9.40 -6.62 2.29
C ALA B 152 10.65 -6.01 2.91
N ASN B 153 10.63 -5.77 4.22
CA ASN B 153 11.68 -4.97 4.84
C ASN B 153 13.01 -5.71 4.87
N ARG B 154 12.98 -7.01 5.10
CA ARG B 154 14.21 -7.78 5.10
C ARG B 154 14.88 -7.70 3.74
N LEU B 155 14.09 -7.78 2.67
CA LEU B 155 14.68 -7.63 1.34
C LEU B 155 15.27 -6.25 1.17
N SER B 156 14.58 -5.22 1.67
CA SER B 156 15.13 -3.88 1.64
C SER B 156 16.40 -3.78 2.48
N TYR B 157 16.41 -4.41 3.65
CA TYR B 157 17.62 -4.44 4.48
C TYR B 157 18.81 -5.09 3.79
N THR B 158 18.65 -6.32 3.30
CA THR B 158 19.81 -7.05 2.78
C THR B 158 20.40 -6.37 1.55
N LEU B 159 19.54 -5.94 0.62
CA LEU B 159 19.96 -5.20 -0.55
C LEU B 159 20.24 -3.73 -0.28
N GLY B 160 19.97 -3.24 0.93
CA GLY B 160 20.22 -1.87 1.27
C GLY B 160 19.29 -0.87 0.61
N LEU B 161 18.11 -1.30 0.21
CA LEU B 161 17.19 -0.43 -0.53
C LEU B 161 16.62 0.64 0.39
N ARG B 162 16.71 1.89 -0.04
CA ARG B 162 16.21 3.01 0.75
C ARG B 162 14.79 3.42 0.42
N GLY B 163 14.23 2.96 -0.70
CA GLY B 163 12.89 3.32 -1.07
C GLY B 163 11.86 2.74 -0.11
N PRO B 164 10.60 3.11 -0.33
CA PRO B 164 9.51 2.56 0.50
C PRO B 164 9.51 1.04 0.50
N SER B 165 9.07 0.47 1.61
CA SER B 165 9.02 -0.98 1.74
C SER B 165 7.86 -1.38 2.61
N MET B 166 6.91 -2.13 2.04
CA MET B 166 5.72 -2.51 2.76
C MET B 166 5.14 -3.77 2.15
N VAL B 167 4.40 -4.50 2.95
CA VAL B 167 3.57 -5.62 2.50
C VAL B 167 2.13 -5.17 2.46
N VAL B 168 1.47 -5.45 1.35
CA VAL B 168 0.04 -5.20 1.18
C VAL B 168 -0.71 -6.51 1.35
N ASP B 169 -1.82 -6.45 2.09
CA ASP B 169 -2.77 -7.55 2.17
C ASP B 169 -4.12 -7.03 1.72
N SER B 170 -4.52 -7.43 0.50
CA SER B 170 -5.87 -7.32 -0.02
C SER B 170 -6.36 -8.68 -0.49
N GLY B 171 -5.93 -9.73 0.21
CA GLY B 171 -6.26 -11.10 -0.15
C GLY B 171 -5.57 -11.55 -1.43
N GLN B 172 -6.29 -12.28 -2.25
CA GLN B 172 -5.74 -12.86 -3.47
C GLN B 172 -5.56 -11.86 -4.61
N SER B 173 -5.89 -10.59 -4.43
CA SER B 173 -5.38 -9.52 -5.30
C SER B 173 -4.09 -8.88 -4.83
N SER B 174 -3.58 -9.26 -3.65
CA SER B 174 -2.53 -8.46 -2.99
C SER B 174 -1.30 -8.24 -3.86
N SER B 175 -0.82 -9.30 -4.53
CA SER B 175 0.35 -9.14 -5.39
C SER B 175 0.11 -8.11 -6.48
N LEU B 176 -1.06 -8.16 -7.09
CA LEU B 176 -1.30 -7.24 -8.19
C LEU B 176 -1.54 -5.84 -7.68
N VAL B 177 -2.12 -5.73 -6.49
CA VAL B 177 -2.17 -4.44 -5.81
C VAL B 177 -0.77 -3.94 -5.52
N ALA B 178 0.11 -4.82 -5.04
CA ALA B 178 1.49 -4.43 -4.83
C ALA B 178 2.12 -3.90 -6.11
N VAL B 179 1.84 -4.55 -7.24
CA VAL B 179 2.34 -4.04 -8.52
C VAL B 179 1.74 -2.69 -8.83
N HIS B 180 0.42 -2.55 -8.66
CA HIS B 180 -0.21 -1.25 -8.81
C HIS B 180 0.45 -0.20 -7.92
N LEU B 181 0.68 -0.52 -6.65
CA LEU B 181 1.33 0.43 -5.77
C LEU B 181 2.73 0.78 -6.25
N ALA B 182 3.49 -0.24 -6.66
CA ALA B 182 4.82 0.02 -7.19
C ALA B 182 4.77 0.91 -8.41
N CYS B 183 3.82 0.65 -9.30
CA CYS B 183 3.70 1.52 -10.47
C CYS B 183 3.42 2.96 -10.09
N GLU B 184 2.53 3.19 -9.14
CA GLU B 184 2.32 4.58 -8.74
C GLU B 184 3.51 5.17 -8.01
N SER B 185 4.23 4.34 -7.25
CA SER B 185 5.50 4.82 -6.69
C SER B 185 6.49 5.20 -7.78
N LEU B 186 6.48 4.47 -8.90
CA LEU B 186 7.35 4.87 -10.00
C LEU B 186 6.85 6.14 -10.69
N ARG B 187 5.54 6.28 -10.85
CA ARG B 187 5.00 7.47 -11.51
C ARG B 187 5.20 8.74 -10.70
N ARG B 188 5.09 8.66 -9.36
CA ARG B 188 5.42 9.80 -8.53
C ARG B 188 6.90 10.15 -8.55
N GLY B 189 7.76 9.23 -8.96
CA GLY B 189 9.17 9.40 -8.71
C GLY B 189 9.59 9.20 -7.28
N GLU B 190 8.69 8.62 -6.47
CA GLU B 190 9.06 8.22 -5.12
C GLU B 190 10.10 7.10 -5.15
N SER B 191 9.97 6.18 -6.10
CA SER B 191 10.96 5.16 -6.37
C SER B 191 11.53 5.33 -7.77
N GLU B 192 12.83 5.07 -7.91
CA GLU B 192 13.45 4.92 -9.21
C GLU B 192 13.31 3.51 -9.74
N LEU B 193 13.23 2.53 -8.85
CA LEU B 193 13.15 1.12 -9.17
C LEU B 193 12.25 0.50 -8.12
N ALA B 194 11.51 -0.54 -8.48
CA ALA B 194 10.73 -1.24 -7.46
C ALA B 194 10.72 -2.75 -7.68
N LEU B 195 10.84 -3.49 -6.59
CA LEU B 195 10.51 -4.91 -6.57
C LEU B 195 9.05 -5.06 -6.15
N ALA B 196 8.19 -5.40 -7.10
CA ALA B 196 6.79 -5.69 -6.82
C ALA B 196 6.54 -7.18 -6.97
N GLY B 197 5.87 -7.78 -6.01
CA GLY B 197 5.65 -9.20 -6.09
C GLY B 197 4.71 -9.72 -5.04
N GLY B 198 4.80 -11.01 -4.80
CA GLY B 198 4.10 -11.60 -3.69
C GLY B 198 4.44 -13.06 -3.55
N VAL B 199 4.07 -13.59 -2.38
CA VAL B 199 4.43 -14.94 -1.97
C VAL B 199 3.25 -15.53 -1.21
N SER B 200 3.04 -16.83 -1.35
CA SER B 200 2.19 -17.58 -0.45
C SER B 200 2.72 -19.00 -0.33
N LEU B 201 2.77 -19.50 0.89
CA LEU B 201 3.19 -20.88 1.13
C LEU B 201 2.20 -21.60 2.03
N ASN B 202 1.81 -22.79 1.60
CA ASN B 202 0.87 -23.66 2.33
C ASN B 202 1.65 -24.57 3.28
N LEU B 203 2.12 -23.95 4.37
CA LEU B 203 3.04 -24.61 5.28
C LEU B 203 2.35 -25.45 6.33
N VAL B 204 1.03 -25.34 6.46
CA VAL B 204 0.30 -26.03 7.52
C VAL B 204 -1.06 -26.44 6.94
N PRO B 205 -1.67 -27.52 7.44
CA PRO B 205 -3.02 -27.87 6.99
C PRO B 205 -4.09 -26.85 7.32
N ASP B 206 -3.89 -26.07 8.38
CA ASP B 206 -4.93 -25.14 8.84
C ASP B 206 -5.46 -24.26 7.71
N SER B 207 -4.60 -23.82 6.80
CA SER B 207 -5.05 -22.99 5.69
C SER B 207 -5.89 -23.75 4.66
N ILE B 208 -5.61 -25.03 4.42
CA ILE B 208 -6.48 -25.81 3.53
C ILE B 208 -7.75 -26.29 4.23
N ILE B 209 -7.75 -26.33 5.55
CA ILE B 209 -9.00 -26.54 6.28
C ILE B 209 -9.86 -25.28 6.19
N GLY B 210 -9.29 -24.13 6.54
CA GLY B 210 -10.04 -22.89 6.51
C GLY B 210 -10.58 -22.55 5.14
N ALA B 211 -9.79 -22.82 4.09
CA ALA B 211 -10.28 -22.70 2.72
C ALA B 211 -11.34 -23.73 2.34
N SER B 212 -11.28 -24.96 2.89
CA SER B 212 -12.36 -25.90 2.61
C SER B 212 -13.63 -25.62 3.39
N LYS B 213 -13.52 -25.01 4.58
CA LYS B 213 -14.70 -24.57 5.31
C LYS B 213 -15.33 -23.34 4.68
N PHE B 214 -14.50 -22.39 4.23
CA PHE B 214 -15.01 -21.28 3.43
C PHE B 214 -15.69 -21.80 2.18
N GLY B 215 -15.17 -22.87 1.58
CA GLY B 215 -15.94 -23.71 0.68
C GLY B 215 -15.40 -23.80 -0.74
N GLY B 216 -14.42 -22.98 -1.10
CA GLY B 216 -14.02 -22.79 -2.49
C GLY B 216 -13.23 -23.93 -3.11
N LEU B 217 -12.85 -24.95 -2.33
CA LEU B 217 -11.93 -25.95 -2.84
C LEU B 217 -12.60 -27.01 -3.71
N SER B 218 -11.92 -27.32 -4.81
CA SER B 218 -12.36 -28.33 -5.76
C SER B 218 -12.23 -29.71 -5.15
N PRO B 219 -13.32 -30.47 -4.99
CA PRO B 219 -13.19 -31.85 -4.53
C PRO B 219 -12.38 -32.73 -5.46
N ASP B 220 -12.17 -32.30 -6.71
CA ASP B 220 -11.33 -33.01 -7.66
C ASP B 220 -9.88 -32.55 -7.65
N GLY B 221 -9.57 -31.45 -6.95
CA GLY B 221 -8.24 -30.88 -6.92
C GLY B 221 -7.80 -30.11 -8.15
N ARG B 222 -8.64 -29.98 -9.18
CA ARG B 222 -8.26 -29.19 -10.36
C ARG B 222 -9.31 -28.12 -10.65
N ALA B 223 -8.82 -26.95 -11.04
CA ALA B 223 -9.67 -25.77 -11.28
C ALA B 223 -10.17 -25.72 -12.72
N TYR B 224 -11.40 -26.20 -12.93
CA TYR B 224 -12.02 -26.23 -14.26
C TYR B 224 -12.53 -24.85 -14.66
N THR B 225 -11.61 -23.89 -14.77
CA THR B 225 -12.00 -22.49 -14.87
C THR B 225 -12.77 -22.25 -16.16
N PHE B 226 -13.93 -21.60 -16.05
CA PHE B 226 -14.84 -21.29 -17.14
C PHE B 226 -15.40 -22.55 -17.81
N ASP B 227 -15.15 -23.72 -17.25
CA ASP B 227 -15.67 -24.98 -17.76
C ASP B 227 -16.90 -25.42 -16.95
N ALA B 228 -17.75 -26.21 -17.59
CA ALA B 228 -18.95 -26.75 -16.96
C ALA B 228 -18.68 -27.61 -15.72
N ARG B 229 -17.45 -28.07 -15.51
CA ARG B 229 -17.08 -28.82 -14.33
C ARG B 229 -16.48 -27.96 -13.22
N ALA B 230 -16.74 -26.66 -13.23
CA ALA B 230 -16.19 -25.73 -12.24
C ALA B 230 -16.59 -26.06 -10.80
N ASN B 231 -15.92 -27.03 -10.18
CA ASN B 231 -16.28 -27.53 -8.87
C ASN B 231 -15.57 -26.80 -7.73
N GLY B 232 -14.81 -25.76 -8.02
CA GLY B 232 -13.96 -25.11 -7.03
C GLY B 232 -12.55 -24.90 -7.55
N TYR B 233 -11.74 -24.25 -6.72
CA TYR B 233 -10.33 -24.05 -6.98
C TYR B 233 -9.48 -25.05 -6.20
N VAL B 234 -8.19 -25.07 -6.50
CA VAL B 234 -7.20 -25.77 -5.70
C VAL B 234 -6.16 -24.77 -5.24
N ARG B 235 -5.72 -24.93 -3.98
CA ARG B 235 -4.69 -24.07 -3.44
C ARG B 235 -3.35 -24.31 -4.11
N GLY B 236 -2.58 -23.24 -4.21
CA GLY B 236 -1.25 -23.31 -4.77
C GLY B 236 -0.35 -22.41 -3.97
N GLU B 237 0.91 -22.78 -3.89
CA GLU B 237 1.89 -21.91 -3.26
C GLU B 237 2.96 -21.52 -4.28
N GLY B 238 3.50 -20.33 -4.08
CA GLY B 238 4.41 -19.77 -5.05
C GLY B 238 4.96 -18.45 -4.57
N GLY B 239 5.81 -17.88 -5.40
CA GLY B 239 6.15 -16.48 -5.28
C GLY B 239 6.61 -15.93 -6.62
N GLY B 240 6.50 -14.62 -6.75
CA GLY B 240 7.04 -13.94 -7.90
C GLY B 240 7.45 -12.54 -7.55
N PHE B 241 8.47 -12.03 -8.25
CA PHE B 241 8.80 -10.63 -8.28
C PHE B 241 8.94 -10.17 -9.73
N VAL B 242 8.45 -8.98 -10.00
CA VAL B 242 8.89 -8.14 -11.11
C VAL B 242 9.78 -7.04 -10.57
N VAL B 243 10.88 -6.78 -11.26
CA VAL B 243 11.58 -5.50 -11.17
C VAL B 243 10.92 -4.53 -12.13
N LEU B 244 10.54 -3.37 -11.62
CA LEU B 244 9.84 -2.35 -12.37
C LEU B 244 10.64 -1.05 -12.39
N LYS B 245 10.60 -0.37 -13.53
CA LYS B 245 11.25 0.91 -13.73
C LYS B 245 10.38 1.72 -14.70
N ARG B 246 10.48 3.04 -14.63
CA ARG B 246 9.92 3.85 -15.69
C ARG B 246 10.54 3.46 -17.03
N LEU B 247 9.70 3.38 -18.06
CA LEU B 247 10.17 2.92 -19.37
C LEU B 247 11.26 3.82 -19.92
N SER B 248 11.11 5.14 -19.72
CA SER B 248 12.14 6.09 -20.10
C SER B 248 13.47 5.77 -19.44
N ARG B 249 13.42 5.49 -18.13
CA ARG B 249 14.63 5.16 -17.33
C ARG B 249 15.22 3.83 -17.82
N ALA B 250 14.36 2.83 -18.05
CA ALA B 250 14.83 1.52 -18.51
C ALA B 250 15.50 1.60 -19.88
N VAL B 251 14.90 2.32 -20.82
CA VAL B 251 15.52 2.51 -22.13
C VAL B 251 16.81 3.32 -22.01
N ALA B 252 16.81 4.37 -21.19
CA ALA B 252 18.02 5.17 -21.01
C ALA B 252 19.13 4.36 -20.35
N ASP B 253 18.79 3.55 -19.35
CA ASP B 253 19.76 2.65 -18.73
C ASP B 253 20.07 1.43 -19.58
N GLY B 254 19.45 1.30 -20.75
CA GLY B 254 19.67 0.15 -21.60
C GLY B 254 19.24 -1.15 -20.96
N ASP B 255 18.35 -1.08 -19.98
CA ASP B 255 17.82 -2.27 -19.34
C ASP B 255 16.98 -3.06 -20.33
N PRO B 256 16.98 -4.38 -20.25
CA PRO B 256 16.02 -5.16 -21.03
C PRO B 256 14.61 -4.81 -20.60
N VAL B 257 13.74 -4.59 -21.57
CA VAL B 257 12.31 -4.44 -21.30
C VAL B 257 11.60 -5.73 -21.71
N LEU B 258 10.93 -6.35 -20.75
CA LEU B 258 10.17 -7.57 -20.98
C LEU B 258 8.74 -7.25 -21.39
N ALA B 259 8.14 -6.28 -20.71
CA ALA B 259 6.77 -5.84 -20.97
C ALA B 259 6.63 -4.44 -20.38
N VAL B 260 5.57 -3.76 -20.80
CA VAL B 260 5.24 -2.44 -20.27
C VAL B 260 3.90 -2.53 -19.55
N ILE B 261 3.88 -2.14 -18.27
CA ILE B 261 2.64 -1.91 -17.54
C ILE B 261 2.10 -0.57 -18.03
N ARG B 262 1.09 -0.64 -18.91
CA ARG B 262 0.44 0.53 -19.49
C ARG B 262 -0.46 1.22 -18.48
N GLY B 263 -1.15 0.45 -17.64
CA GLY B 263 -2.09 1.02 -16.70
C GLY B 263 -2.60 -0.04 -15.76
N SER B 264 -3.10 0.42 -14.61
CA SER B 264 -3.71 -0.49 -13.65
C SER B 264 -4.72 0.27 -12.81
N ALA B 265 -5.62 -0.48 -12.19
CA ALA B 265 -6.60 0.09 -11.28
C ALA B 265 -6.88 -0.89 -10.15
N VAL B 266 -7.22 -0.35 -8.99
CA VAL B 266 -7.70 -1.12 -7.85
C VAL B 266 -9.01 -0.51 -7.37
N ASN B 267 -9.99 -1.36 -7.09
CA ASN B 267 -11.23 -0.92 -6.46
C ASN B 267 -11.67 -2.01 -5.48
N ASN B 268 -12.74 -1.75 -4.73
CA ASN B 268 -13.37 -2.80 -3.95
C ASN B 268 -14.77 -3.10 -4.48
N GLY B 269 -15.21 -4.34 -4.25
CA GLY B 269 -16.59 -4.73 -4.49
C GLY B 269 -17.61 -3.91 -3.73
N GLY B 270 -17.21 -3.28 -2.64
CA GLY B 270 -18.14 -2.54 -1.81
C GLY B 270 -19.24 -3.42 -1.26
N ALA B 271 -20.47 -2.91 -1.29
CA ALA B 271 -21.63 -3.63 -0.77
C ALA B 271 -22.09 -4.70 -1.76
N ALA B 272 -21.22 -5.68 -1.97
CA ALA B 272 -21.58 -6.88 -2.71
C ALA B 272 -22.66 -7.66 -1.96
N GLN B 273 -23.19 -8.69 -2.61
CA GLN B 273 -24.24 -9.53 -2.04
C GLN B 273 -23.67 -10.49 -0.98
N GLY B 274 -23.04 -9.89 0.03
CA GLY B 274 -22.09 -10.56 0.89
C GLY B 274 -20.65 -10.23 0.55
N MET B 275 -19.84 -10.04 1.59
CA MET B 275 -18.49 -9.52 1.42
C MET B 275 -17.64 -10.36 0.46
N THR B 276 -17.77 -11.67 0.54
CA THR B 276 -16.99 -12.59 -0.28
C THR B 276 -17.66 -12.98 -1.59
N THR B 277 -18.86 -12.48 -1.86
CA THR B 277 -19.43 -12.60 -3.18
C THR B 277 -18.78 -11.62 -4.13
N PRO B 278 -18.21 -12.08 -5.25
CA PRO B 278 -17.68 -11.13 -6.24
C PRO B 278 -18.79 -10.29 -6.84
N ASP B 279 -18.42 -9.10 -7.30
CA ASP B 279 -19.36 -8.15 -7.88
C ASP B 279 -18.93 -7.86 -9.32
N ALA B 280 -19.77 -8.27 -10.26
CA ALA B 280 -19.45 -8.12 -11.68
C ALA B 280 -19.32 -6.66 -12.09
N GLN B 281 -20.12 -5.78 -11.49
CA GLN B 281 -20.08 -4.36 -11.85
C GLN B 281 -18.83 -3.67 -11.29
N ALA B 282 -18.41 -4.04 -10.09
CA ALA B 282 -17.12 -3.56 -9.59
C ALA B 282 -15.95 -4.11 -10.41
N GLN B 283 -16.04 -5.35 -10.88
CA GLN B 283 -15.01 -5.88 -11.76
C GLN B 283 -14.97 -5.16 -13.10
N GLU B 284 -16.14 -4.90 -13.70
CA GLU B 284 -16.23 -4.01 -14.85
C GLU B 284 -15.57 -2.67 -14.58
N ALA B 285 -15.86 -2.08 -13.42
CA ALA B 285 -15.30 -0.78 -13.07
C ALA B 285 -13.78 -0.79 -12.99
N VAL B 286 -13.19 -1.84 -12.41
CA VAL B 286 -11.74 -1.97 -12.44
C VAL B 286 -11.23 -2.12 -13.86
N LEU B 287 -11.84 -3.00 -14.64
CA LEU B 287 -11.42 -3.20 -16.02
C LEU B 287 -11.39 -1.89 -16.79
N ARG B 288 -12.47 -1.13 -16.69
CA ARG B 288 -12.59 0.14 -17.40
C ARG B 288 -11.61 1.19 -16.89
N GLU B 289 -11.48 1.34 -15.57
CA GLU B 289 -10.51 2.29 -15.02
C GLU B 289 -9.08 1.96 -15.43
N ALA B 290 -8.70 0.68 -15.32
CA ALA B 290 -7.36 0.26 -15.69
C ALA B 290 -7.08 0.46 -17.18
N HIS B 291 -8.02 0.11 -18.04
CA HIS B 291 -7.83 0.30 -19.47
C HIS B 291 -7.85 1.78 -19.86
N GLU B 292 -8.61 2.61 -19.15
CA GLU B 292 -8.55 4.05 -19.37
C GLU B 292 -7.18 4.62 -18.99
N ARG B 293 -6.70 4.30 -17.79
CA ARG B 293 -5.35 4.69 -17.42
C ARG B 293 -4.32 4.15 -18.40
N ALA B 294 -4.55 2.95 -18.93
CA ALA B 294 -3.70 2.41 -19.99
C ALA B 294 -3.88 3.13 -21.33
N GLY B 295 -4.82 4.05 -21.44
CA GLY B 295 -5.08 4.69 -22.73
C GLY B 295 -5.47 3.72 -23.81
N THR B 296 -6.15 2.65 -23.46
CA THR B 296 -6.29 1.46 -24.27
C THR B 296 -7.77 1.25 -24.59
N ALA B 297 -8.05 0.62 -25.73
CA ALA B 297 -9.39 0.27 -26.14
C ALA B 297 -9.50 -1.22 -26.43
N PRO B 298 -10.71 -1.79 -26.30
CA PRO B 298 -10.87 -3.26 -26.39
C PRO B 298 -10.19 -3.92 -27.58
N ALA B 299 -10.23 -3.32 -28.77
CA ALA B 299 -9.64 -3.96 -29.94
C ALA B 299 -8.13 -4.16 -29.78
N ASP B 300 -7.49 -3.47 -28.84
CA ASP B 300 -6.07 -3.63 -28.61
C ASP B 300 -5.76 -4.78 -27.65
N VAL B 301 -6.66 -5.05 -26.71
CA VAL B 301 -6.45 -6.10 -25.71
C VAL B 301 -6.85 -7.44 -26.32
N ARG B 302 -5.85 -8.29 -26.57
CA ARG B 302 -6.07 -9.53 -27.29
C ARG B 302 -6.34 -10.70 -26.35
N TYR B 303 -5.87 -10.63 -25.11
CA TYR B 303 -5.99 -11.72 -24.16
C TYR B 303 -6.15 -11.13 -22.76
N VAL B 304 -6.91 -11.82 -21.91
CA VAL B 304 -6.94 -11.55 -20.48
C VAL B 304 -6.55 -12.81 -19.72
N GLU B 305 -5.55 -12.70 -18.86
CA GLU B 305 -5.22 -13.69 -17.83
C GLU B 305 -6.22 -13.60 -16.69
N LEU B 306 -7.17 -14.53 -16.67
CA LEU B 306 -8.29 -14.48 -15.74
C LEU B 306 -7.80 -14.55 -14.30
N HIS B 307 -8.60 -13.98 -13.39
CA HIS B 307 -8.56 -14.44 -12.02
C HIS B 307 -9.02 -15.89 -11.92
N GLY B 308 -10.06 -16.25 -12.67
CA GLY B 308 -10.42 -17.61 -13.04
C GLY B 308 -10.03 -18.73 -12.10
N THR B 309 -10.86 -19.01 -11.11
CA THR B 309 -10.54 -19.99 -10.09
C THR B 309 -11.29 -21.31 -10.24
N GLY B 310 -12.31 -21.36 -11.09
CA GLY B 310 -13.08 -22.57 -11.20
C GLY B 310 -14.10 -22.77 -10.11
N THR B 311 -14.29 -21.79 -9.24
CA THR B 311 -15.48 -21.77 -8.41
C THR B 311 -16.72 -21.47 -9.26
N PRO B 312 -17.83 -22.17 -9.01
CA PRO B 312 -19.02 -22.00 -9.87
C PRO B 312 -19.67 -20.64 -9.74
N VAL B 313 -19.49 -19.95 -8.60
CA VAL B 313 -20.02 -18.61 -8.44
C VAL B 313 -19.10 -17.56 -9.08
N GLY B 314 -17.79 -17.72 -8.93
CA GLY B 314 -16.87 -16.69 -9.39
C GLY B 314 -16.74 -16.60 -10.90
N ASP B 315 -16.67 -17.74 -11.59
CA ASP B 315 -16.40 -17.74 -13.02
C ASP B 315 -17.46 -17.03 -13.86
N PRO B 316 -18.77 -17.25 -13.65
CA PRO B 316 -19.76 -16.52 -14.46
C PRO B 316 -19.72 -15.02 -14.27
N ILE B 317 -19.47 -14.56 -13.05
CA ILE B 317 -19.39 -13.13 -12.76
C ILE B 317 -18.18 -12.49 -13.44
N GLU B 318 -17.02 -13.17 -13.40
CA GLU B 318 -15.85 -12.69 -14.11
C GLU B 318 -16.06 -12.67 -15.62
N ALA B 319 -16.61 -13.74 -16.17
CA ALA B 319 -16.90 -13.75 -17.61
C ALA B 319 -17.86 -12.64 -18.00
N ALA B 320 -18.91 -12.42 -17.20
CA ALA B 320 -19.87 -11.36 -17.46
C ALA B 320 -19.23 -9.97 -17.47
N ALA B 321 -18.42 -9.69 -16.45
CA ALA B 321 -17.69 -8.43 -16.41
C ALA B 321 -16.72 -8.27 -17.58
N LEU B 322 -16.01 -9.33 -17.96
CA LEU B 322 -15.11 -9.24 -19.10
C LEU B 322 -15.86 -8.96 -20.41
N GLY B 323 -16.95 -9.68 -20.65
CA GLY B 323 -17.74 -9.41 -21.84
C GLY B 323 -18.33 -8.02 -21.85
N ALA B 324 -18.73 -7.51 -20.69
CA ALA B 324 -19.29 -6.16 -20.61
C ALA B 324 -18.23 -5.07 -20.75
N ALA B 325 -16.98 -5.36 -20.39
CA ALA B 325 -15.91 -4.36 -20.47
C ALA B 325 -15.00 -4.51 -21.67
N LEU B 326 -14.84 -5.71 -22.19
CA LEU B 326 -13.85 -5.94 -23.24
C LEU B 326 -14.41 -6.74 -24.41
N GLY B 327 -15.17 -7.80 -24.14
CA GLY B 327 -15.58 -8.71 -25.18
C GLY B 327 -16.50 -8.06 -26.20
N THR B 328 -17.62 -7.53 -25.72
CA THR B 328 -18.34 -6.52 -26.50
C THR B 328 -17.51 -5.25 -26.56
N GLY B 329 -17.38 -4.69 -27.75
CA GLY B 329 -16.44 -3.60 -27.97
C GLY B 329 -15.26 -4.03 -28.81
N ARG B 330 -14.76 -5.24 -28.57
CA ARG B 330 -14.09 -5.97 -29.63
C ARG B 330 -15.08 -6.34 -30.72
N PRO B 331 -14.61 -6.50 -31.96
CA PRO B 331 -15.51 -6.97 -33.02
C PRO B 331 -16.03 -8.37 -32.74
N ALA B 332 -17.31 -8.58 -33.04
CA ALA B 332 -17.96 -9.86 -32.80
C ALA B 332 -17.40 -10.94 -33.73
N GLY B 333 -17.00 -12.07 -33.14
CA GLY B 333 -16.41 -13.15 -33.90
C GLY B 333 -14.90 -13.12 -34.02
N GLN B 334 -14.23 -12.13 -33.45
CA GLN B 334 -12.80 -12.20 -33.15
C GLN B 334 -12.62 -11.99 -31.65
N PRO B 335 -13.03 -12.97 -30.84
CA PRO B 335 -13.27 -12.71 -29.43
C PRO B 335 -12.00 -12.37 -28.67
N LEU B 336 -12.20 -11.80 -27.48
CA LEU B 336 -11.14 -11.75 -26.47
C LEU B 336 -10.79 -13.16 -26.00
N LEU B 337 -9.52 -13.49 -26.05
CA LEU B 337 -9.04 -14.75 -25.50
C LEU B 337 -8.86 -14.64 -24.00
N VAL B 338 -9.21 -15.69 -23.28
CA VAL B 338 -9.01 -15.75 -21.83
C VAL B 338 -8.39 -17.08 -21.43
N GLY B 339 -7.67 -17.04 -20.32
CA GLY B 339 -7.19 -18.25 -19.69
C GLY B 339 -6.78 -17.98 -18.26
N SER B 340 -6.45 -19.06 -17.56
CA SER B 340 -6.02 -18.95 -16.17
C SER B 340 -4.83 -19.87 -15.92
N VAL B 341 -3.75 -19.29 -15.39
CA VAL B 341 -2.63 -20.09 -14.93
C VAL B 341 -2.97 -20.94 -13.72
N LYS B 342 -4.08 -20.65 -13.03
CA LYS B 342 -4.60 -21.58 -12.03
C LYS B 342 -5.05 -22.92 -12.60
N THR B 343 -5.28 -23.00 -13.91
CA THR B 343 -5.47 -24.31 -14.52
C THR B 343 -4.17 -25.10 -14.62
N ASN B 344 -3.03 -24.42 -14.54
CA ASN B 344 -1.72 -25.07 -14.50
C ASN B 344 -1.21 -25.29 -13.08
N ILE B 345 -1.29 -24.27 -12.24
CA ILE B 345 -0.55 -24.23 -10.97
C ILE B 345 -1.44 -24.08 -9.76
N GLY B 346 -2.77 -24.07 -9.94
CA GLY B 346 -3.68 -23.73 -8.88
C GLY B 346 -3.64 -22.27 -8.46
N HIS B 347 -4.36 -22.00 -7.37
CA HIS B 347 -4.55 -20.64 -6.86
C HIS B 347 -3.39 -20.28 -5.94
N LEU B 348 -2.43 -19.51 -6.45
CA LEU B 348 -1.29 -19.05 -5.67
C LEU B 348 -1.66 -17.96 -4.68
N GLU B 349 -2.94 -17.80 -4.41
CA GLU B 349 -3.46 -16.94 -3.36
C GLU B 349 -2.91 -15.51 -3.41
N GLY B 350 -2.16 -15.12 -2.38
CA GLY B 350 -1.51 -13.81 -2.40
C GLY B 350 -0.56 -13.60 -3.56
N ALA B 351 0.18 -14.64 -3.94
CA ALA B 351 1.03 -14.58 -5.13
C ALA B 351 0.25 -14.73 -6.44
N ALA B 352 -1.05 -15.01 -6.38
CA ALA B 352 -1.79 -15.37 -7.59
C ALA B 352 -1.61 -14.34 -8.70
N GLY B 353 -1.79 -13.06 -8.38
CA GLY B 353 -1.74 -12.07 -9.43
C GLY B 353 -0.36 -11.83 -9.99
N ILE B 354 0.68 -11.94 -9.16
CA ILE B 354 2.01 -11.81 -9.73
C ILE B 354 2.29 -12.99 -10.65
N ALA B 355 1.76 -14.17 -10.31
CA ALA B 355 1.91 -15.31 -11.21
C ALA B 355 1.25 -15.01 -12.54
N GLY B 356 0.01 -14.51 -12.50
CA GLY B 356 -0.66 -14.11 -13.72
C GLY B 356 0.09 -13.03 -14.46
N LEU B 357 0.67 -12.09 -13.74
CA LEU B 357 1.47 -11.07 -14.39
C LEU B 357 2.71 -11.66 -15.07
N ILE B 358 3.43 -12.53 -14.36
CA ILE B 358 4.63 -13.13 -14.96
C ILE B 358 4.28 -14.00 -16.14
N LYS B 359 3.19 -14.78 -16.04
CA LYS B 359 2.68 -15.51 -17.19
C LYS B 359 2.44 -14.58 -18.37
N ALA B 360 1.77 -13.46 -18.13
CA ALA B 360 1.53 -12.52 -19.21
C ALA B 360 2.82 -11.95 -19.77
N VAL B 361 3.78 -11.60 -18.91
CA VAL B 361 5.07 -11.16 -19.41
C VAL B 361 5.70 -12.24 -20.27
N LEU B 362 5.66 -13.48 -19.81
CA LEU B 362 6.21 -14.55 -20.62
C LEU B 362 5.44 -14.74 -21.92
N ALA B 363 4.13 -14.51 -21.88
CA ALA B 363 3.38 -14.58 -23.13
C ALA B 363 3.77 -13.49 -24.11
N VAL B 364 3.93 -12.23 -23.66
CA VAL B 364 4.38 -11.21 -24.60
C VAL B 364 5.80 -11.47 -25.06
N ARG B 365 6.70 -11.81 -24.13
CA ARG B 365 8.04 -12.18 -24.54
C ARG B 365 8.02 -13.35 -25.51
N GLY B 366 7.11 -14.31 -25.29
CA GLY B 366 7.04 -15.45 -26.19
C GLY B 366 6.20 -15.25 -27.43
N ARG B 367 5.44 -14.16 -27.51
CA ARG B 367 4.47 -13.94 -28.59
C ARG B 367 3.60 -15.19 -28.81
N ALA B 368 3.08 -15.74 -27.72
CA ALA B 368 2.09 -16.79 -27.80
C ALA B 368 1.23 -16.76 -26.54
N LEU B 369 0.03 -17.34 -26.65
CA LEU B 369 -0.90 -17.44 -25.54
C LEU B 369 -1.05 -18.88 -25.09
N PRO B 370 -0.76 -19.19 -23.83
CA PRO B 370 -0.91 -20.57 -23.34
C PRO B 370 -2.37 -21.01 -23.23
N ALA B 371 -2.55 -22.33 -23.28
CA ALA B 371 -3.83 -22.99 -23.10
C ALA B 371 -4.29 -22.95 -21.64
N SER B 372 -5.61 -23.12 -21.45
CA SER B 372 -6.21 -23.44 -20.16
C SER B 372 -6.66 -24.90 -20.14
N LEU B 373 -6.21 -25.63 -19.12
CA LEU B 373 -6.01 -27.08 -19.24
C LEU B 373 -7.23 -27.89 -18.86
N ASN B 374 -8.16 -27.32 -18.09
CA ASN B 374 -9.24 -28.09 -17.49
C ASN B 374 -10.55 -27.64 -18.12
N TYR B 375 -10.59 -27.61 -19.44
CA TYR B 375 -11.63 -26.92 -20.19
C TYR B 375 -12.00 -27.76 -21.40
N GLU B 376 -13.14 -28.44 -21.31
CA GLU B 376 -13.69 -29.24 -22.39
C GLU B 376 -15.01 -28.68 -22.89
N THR B 377 -15.91 -28.32 -21.98
CA THR B 377 -17.22 -27.80 -22.32
C THR B 377 -17.37 -26.40 -21.74
N PRO B 378 -17.66 -25.39 -22.55
CA PRO B 378 -17.91 -24.05 -22.02
C PRO B 378 -19.00 -24.05 -20.96
N ASN B 379 -18.70 -23.45 -19.81
CA ASN B 379 -19.64 -23.34 -18.71
C ASN B 379 -20.97 -22.78 -19.20
N PRO B 380 -22.07 -23.52 -19.05
CA PRO B 380 -23.37 -23.03 -19.55
C PRO B 380 -23.88 -21.80 -18.83
N ALA B 381 -23.40 -21.52 -17.63
CA ALA B 381 -23.75 -20.28 -16.94
C ALA B 381 -23.21 -19.06 -17.64
N ILE B 382 -22.23 -19.23 -18.52
CA ILE B 382 -21.56 -18.14 -19.22
C ILE B 382 -22.05 -18.12 -20.67
N PRO B 383 -22.57 -17.00 -21.15
CA PRO B 383 -22.94 -16.89 -22.57
C PRO B 383 -21.76 -16.44 -23.43
N PHE B 384 -20.82 -17.36 -23.64
CA PHE B 384 -19.51 -17.03 -24.19
C PHE B 384 -19.64 -16.33 -25.54
N GLU B 385 -20.50 -16.84 -26.42
CA GLU B 385 -20.70 -16.20 -27.71
C GLU B 385 -21.30 -14.81 -27.57
N GLU B 386 -22.29 -14.65 -26.69
CA GLU B 386 -22.91 -13.35 -26.47
C GLU B 386 -22.02 -12.37 -25.74
N LEU B 387 -21.04 -12.87 -24.97
CA LEU B 387 -19.99 -12.02 -24.44
C LEU B 387 -18.91 -11.70 -25.45
N ASN B 388 -18.78 -12.50 -26.51
CA ASN B 388 -17.65 -12.46 -27.44
C ASN B 388 -16.35 -12.79 -26.72
N LEU B 389 -16.40 -13.81 -25.87
CA LEU B 389 -15.27 -14.29 -25.10
C LEU B 389 -14.95 -15.71 -25.57
N ARG B 390 -13.67 -16.04 -25.71
CA ARG B 390 -13.27 -17.41 -25.97
C ARG B 390 -12.17 -17.84 -25.02
N VAL B 391 -12.37 -19.00 -24.37
CA VAL B 391 -11.31 -19.60 -23.57
C VAL B 391 -10.24 -20.19 -24.49
N ASN B 392 -9.00 -19.78 -24.28
CA ASN B 392 -7.89 -20.26 -25.08
C ASN B 392 -7.55 -21.72 -24.77
N THR B 393 -8.14 -22.63 -25.53
CA THR B 393 -8.02 -24.06 -25.27
C THR B 393 -6.70 -24.65 -25.77
N GLU B 394 -5.95 -23.92 -26.58
CA GLU B 394 -4.76 -24.45 -27.22
C GLU B 394 -3.67 -23.39 -27.22
N TYR B 395 -2.42 -23.85 -27.22
CA TYR B 395 -1.29 -22.94 -27.42
C TYR B 395 -1.43 -22.22 -28.75
N LEU B 396 -1.44 -20.90 -28.70
CA LEU B 396 -1.78 -20.07 -29.86
C LEU B 396 -0.67 -19.09 -30.16
N PRO B 397 0.11 -19.29 -31.23
CA PRO B 397 1.10 -18.29 -31.61
C PRO B 397 0.42 -16.97 -31.93
N TRP B 398 1.00 -15.88 -31.44
CA TRP B 398 0.32 -14.59 -31.36
C TRP B 398 0.89 -13.68 -32.45
N GLU B 399 0.32 -13.78 -33.64
CA GLU B 399 0.74 -12.97 -34.78
C GLU B 399 0.39 -11.50 -34.57
N GLN B 405 0.40 -3.93 -34.97
CA GLN B 405 -0.40 -3.84 -33.74
C GLN B 405 0.33 -4.46 -32.55
N ARG B 406 0.58 -3.63 -31.53
CA ARG B 406 1.21 -4.11 -30.31
C ARG B 406 0.35 -5.17 -29.62
N MET B 407 1.01 -6.22 -29.14
CA MET B 407 0.35 -7.24 -28.33
C MET B 407 0.02 -6.71 -26.95
N VAL B 408 -1.23 -6.88 -26.51
CA VAL B 408 -1.68 -6.36 -25.22
C VAL B 408 -2.49 -7.45 -24.49
N VAL B 409 -2.20 -7.64 -23.20
CA VAL B 409 -2.95 -8.54 -22.33
C VAL B 409 -3.42 -7.82 -21.08
N GLY B 410 -4.54 -8.26 -20.54
CA GLY B 410 -4.95 -7.90 -19.20
C GLY B 410 -4.62 -8.99 -18.19
N VAL B 411 -4.47 -8.60 -16.94
CA VAL B 411 -4.38 -9.52 -15.80
C VAL B 411 -5.35 -9.03 -14.74
N SER B 412 -6.22 -9.93 -14.28
CA SER B 412 -7.18 -9.64 -13.22
C SER B 412 -6.84 -10.45 -11.98
N SER B 413 -6.92 -9.80 -10.82
CA SER B 413 -6.81 -10.49 -9.54
C SER B 413 -7.87 -9.98 -8.59
N PHE B 414 -8.70 -10.87 -8.09
CA PHE B 414 -9.78 -10.52 -7.17
C PHE B 414 -9.50 -11.13 -5.81
N GLY B 415 -9.64 -10.33 -4.76
CA GLY B 415 -9.58 -10.85 -3.41
C GLY B 415 -10.95 -11.27 -2.89
N MET B 416 -10.92 -12.21 -1.96
CA MET B 416 -12.13 -12.60 -1.23
C MET B 416 -12.74 -11.44 -0.47
N GLY B 417 -11.95 -10.43 -0.10
CA GLY B 417 -12.54 -9.22 0.43
C GLY B 417 -13.08 -8.25 -0.59
N GLY B 418 -13.16 -8.66 -1.86
CA GLY B 418 -13.68 -7.80 -2.89
C GLY B 418 -12.74 -6.74 -3.41
N THR B 419 -11.49 -6.70 -2.96
CA THR B 419 -10.51 -5.81 -3.58
C THR B 419 -10.12 -6.38 -4.94
N ASN B 420 -10.53 -5.69 -6.00
CA ASN B 420 -10.24 -6.09 -7.36
C ASN B 420 -9.06 -5.29 -7.90
N ALA B 421 -8.19 -5.95 -8.66
CA ALA B 421 -7.09 -5.30 -9.35
C ALA B 421 -7.06 -5.76 -10.80
N HIS B 422 -6.80 -4.82 -11.71
CA HIS B 422 -6.58 -5.14 -13.11
C HIS B 422 -5.37 -4.38 -13.62
N VAL B 423 -4.51 -5.06 -14.37
CA VAL B 423 -3.28 -4.50 -14.92
C VAL B 423 -3.23 -4.79 -16.41
N VAL B 424 -2.82 -3.79 -17.19
CA VAL B 424 -2.71 -3.92 -18.64
C VAL B 424 -1.23 -3.96 -19.00
N LEU B 425 -0.81 -5.05 -19.65
CA LEU B 425 0.55 -5.25 -20.10
C LEU B 425 0.60 -5.19 -21.62
N GLU B 426 1.37 -4.26 -22.15
CA GLU B 426 1.75 -4.22 -23.56
C GLU B 426 3.11 -4.87 -23.73
N GLU B 427 3.33 -5.47 -24.90
CA GLU B 427 4.66 -5.98 -25.21
C GLU B 427 5.70 -4.86 -25.15
N ALA B 428 6.96 -5.28 -25.03
CA ALA B 428 8.07 -4.33 -25.03
C ALA B 428 8.07 -3.50 -26.30
N PRO B 429 8.46 -2.22 -26.23
CA PRO B 429 8.43 -1.29 -27.37
C PRO B 429 9.43 -1.64 -28.45
N VAL B 451 39.36 -12.90 -27.86
CA VAL B 451 39.19 -13.61 -26.60
C VAL B 451 38.29 -12.80 -25.68
N VAL B 452 37.34 -13.48 -25.05
CA VAL B 452 36.43 -12.86 -24.10
C VAL B 452 36.41 -13.68 -22.81
N PRO B 453 36.43 -13.01 -21.66
CA PRO B 453 36.15 -13.67 -20.38
C PRO B 453 34.67 -13.76 -20.04
N TRP B 454 34.25 -14.93 -19.56
CA TRP B 454 33.07 -15.06 -18.72
C TRP B 454 33.53 -15.22 -17.28
N VAL B 455 33.05 -14.33 -16.41
CA VAL B 455 33.50 -14.23 -15.02
C VAL B 455 32.38 -14.68 -14.10
N VAL B 456 32.63 -15.72 -13.31
CA VAL B 456 31.64 -16.37 -12.47
C VAL B 456 32.08 -16.24 -11.03
N SER B 457 31.21 -15.76 -10.15
CA SER B 457 31.59 -15.60 -8.75
C SER B 457 30.46 -16.03 -7.84
N ALA B 458 30.84 -16.61 -6.70
CA ALA B 458 29.91 -17.04 -5.68
C ALA B 458 30.53 -16.83 -4.31
N LYS B 459 29.72 -17.03 -3.27
CA LYS B 459 30.16 -16.87 -1.89
C LYS B 459 30.86 -18.08 -1.30
N SER B 460 30.91 -19.20 -2.02
CA SER B 460 31.60 -20.38 -1.51
C SER B 460 32.05 -21.23 -2.68
N ALA B 461 32.99 -22.13 -2.40
CA ALA B 461 33.47 -23.04 -3.43
C ALA B 461 32.35 -23.92 -3.98
N ALA B 462 31.50 -24.44 -3.11
CA ALA B 462 30.39 -25.26 -3.58
C ALA B 462 29.40 -24.44 -4.41
N ALA B 463 29.13 -23.22 -3.98
CA ALA B 463 28.31 -22.30 -4.77
C ALA B 463 29.00 -21.92 -6.07
N LEU B 464 30.31 -21.75 -6.05
CA LEU B 464 31.04 -21.41 -7.27
C LEU B 464 30.95 -22.55 -8.29
N ASP B 465 31.24 -23.77 -7.85
CA ASP B 465 31.08 -24.95 -8.71
C ASP B 465 29.65 -25.06 -9.25
N ALA B 466 28.64 -24.83 -8.42
CA ALA B 466 27.26 -24.87 -8.90
C ALA B 466 26.99 -23.79 -9.94
N GLN B 467 27.53 -22.59 -9.73
CA GLN B 467 27.34 -21.48 -10.66
C GLN B 467 28.06 -21.71 -11.98
N ILE B 468 29.20 -22.39 -11.94
CA ILE B 468 29.89 -22.83 -13.15
C ILE B 468 29.07 -23.89 -13.87
N GLU B 469 28.55 -24.88 -13.14
CA GLU B 469 27.73 -25.91 -13.79
C GLU B 469 26.50 -25.31 -14.45
N ARG B 470 25.86 -24.34 -13.79
CA ARG B 470 24.72 -23.65 -14.41
C ARG B 470 25.11 -22.86 -15.64
N LEU B 471 26.24 -22.14 -15.60
CA LEU B 471 26.67 -21.42 -16.79
C LEU B 471 27.07 -22.36 -17.93
N ALA B 472 27.59 -23.54 -17.60
CA ALA B 472 27.87 -24.54 -18.63
C ALA B 472 26.59 -25.10 -19.24
N ALA B 473 25.61 -25.42 -18.39
CA ALA B 473 24.30 -25.83 -18.90
C ALA B 473 23.69 -24.75 -19.78
N PHE B 474 23.86 -23.48 -19.39
CA PHE B 474 23.36 -22.38 -20.20
C PHE B 474 24.09 -22.32 -21.54
N ALA B 475 25.40 -22.61 -21.54
CA ALA B 475 26.16 -22.62 -22.77
C ALA B 475 25.92 -23.88 -23.59
N SER B 476 25.44 -24.95 -22.95
CA SER B 476 25.16 -26.20 -23.63
C SER B 476 24.04 -26.03 -24.66
N VAL B 493 24.42 -17.75 -29.17
CA VAL B 493 24.41 -16.80 -28.07
C VAL B 493 25.57 -15.81 -28.24
N ASP B 494 25.32 -14.53 -27.94
CA ASP B 494 26.36 -13.52 -28.04
C ASP B 494 27.29 -13.67 -26.84
N ALA B 495 28.49 -14.21 -27.09
CA ALA B 495 29.44 -14.45 -26.01
C ALA B 495 29.83 -13.14 -25.31
N GLY B 496 29.92 -12.05 -26.07
CA GLY B 496 30.20 -10.76 -25.48
C GLY B 496 29.06 -10.21 -24.64
N ALA B 497 27.82 -10.37 -25.09
CA ALA B 497 26.69 -9.89 -24.29
C ALA B 497 26.57 -10.67 -22.99
N VAL B 498 26.79 -11.98 -23.04
CA VAL B 498 26.91 -12.78 -21.83
C VAL B 498 28.01 -12.25 -20.92
N ALA B 499 29.18 -11.97 -21.49
CA ALA B 499 30.28 -11.41 -20.69
C ALA B 499 29.91 -10.06 -20.05
N ARG B 500 29.27 -9.17 -20.79
CA ARG B 500 28.77 -7.93 -20.19
C ARG B 500 27.81 -8.18 -19.03
N VAL B 501 26.90 -9.14 -19.18
CA VAL B 501 25.95 -9.42 -18.11
C VAL B 501 26.63 -10.05 -16.90
N LEU B 502 27.62 -10.93 -17.12
CA LEU B 502 28.38 -11.51 -16.02
C LEU B 502 29.31 -10.52 -15.33
N ALA B 503 29.87 -9.56 -16.06
CA ALA B 503 30.81 -8.61 -15.47
C ALA B 503 30.13 -7.41 -14.83
N GLY B 504 29.12 -6.85 -15.47
CA GLY B 504 28.43 -5.69 -14.95
C GLY B 504 27.18 -6.03 -14.15
N GLY B 505 26.50 -7.11 -14.52
CA GLY B 505 25.18 -7.41 -14.01
C GLY B 505 25.13 -8.44 -12.90
N ARG B 506 26.27 -8.81 -12.33
CA ARG B 506 26.33 -9.79 -11.26
C ARG B 506 27.19 -9.24 -10.13
N ALA B 507 26.83 -9.59 -8.91
CA ALA B 507 27.71 -9.34 -7.77
C ALA B 507 29.06 -10.02 -7.97
N GLN B 508 30.10 -9.36 -7.45
CA GLN B 508 31.45 -9.92 -7.40
C GLN B 508 31.73 -10.42 -5.99
N PHE B 509 31.58 -11.72 -5.80
CA PHE B 509 31.81 -12.37 -4.52
C PHE B 509 33.26 -12.82 -4.41
N GLU B 510 33.56 -13.59 -3.37
CA GLU B 510 34.95 -13.92 -3.04
C GLU B 510 35.48 -15.16 -3.74
N HIS B 511 34.63 -16.08 -4.17
CA HIS B 511 35.07 -17.26 -4.89
C HIS B 511 34.84 -17.04 -6.39
N ARG B 512 35.90 -17.08 -7.16
CA ARG B 512 35.88 -16.56 -8.52
C ARG B 512 36.49 -17.55 -9.48
N ALA B 513 35.86 -17.69 -10.63
CA ALA B 513 36.43 -18.37 -11.78
C ALA B 513 36.24 -17.49 -13.00
N VAL B 514 37.11 -17.70 -13.98
CA VAL B 514 37.02 -17.07 -15.28
C VAL B 514 37.27 -18.13 -16.34
N VAL B 515 36.40 -18.17 -17.34
CA VAL B 515 36.59 -18.94 -18.56
C VAL B 515 36.92 -17.96 -19.67
N VAL B 516 38.00 -18.21 -20.39
CA VAL B 516 38.49 -17.30 -21.42
C VAL B 516 38.51 -18.02 -22.76
N GLY B 517 37.78 -17.48 -23.73
CA GLY B 517 37.65 -18.18 -24.99
C GLY B 517 37.37 -17.23 -26.13
N SER B 518 37.60 -17.73 -27.34
CA SER B 518 37.49 -16.91 -28.54
C SER B 518 36.04 -16.65 -28.95
N GLY B 519 35.12 -17.51 -28.54
CA GLY B 519 33.75 -17.40 -28.96
C GLY B 519 32.86 -18.39 -28.25
N PRO B 520 31.56 -18.33 -28.53
CA PRO B 520 30.57 -18.98 -27.67
C PRO B 520 30.86 -20.46 -27.42
N ASP B 521 31.11 -21.23 -28.47
CA ASP B 521 31.41 -22.65 -28.31
C ASP B 521 32.76 -22.88 -27.64
N ASP B 522 33.75 -22.03 -27.93
CA ASP B 522 35.04 -22.14 -27.24
C ASP B 522 34.89 -21.98 -25.73
N LEU B 523 34.17 -20.93 -25.31
CA LEU B 523 33.81 -20.78 -23.90
C LEU B 523 33.00 -21.95 -23.38
N ALA B 524 32.06 -22.46 -24.18
CA ALA B 524 31.23 -23.57 -23.72
C ALA B 524 32.06 -24.82 -23.45
N ALA B 525 32.91 -25.20 -24.39
CA ALA B 525 33.84 -26.32 -24.18
C ALA B 525 34.76 -26.07 -22.99
N ALA B 526 35.31 -24.87 -22.87
CA ALA B 526 36.16 -24.57 -21.73
C ALA B 526 35.41 -24.50 -20.41
N LEU B 527 34.07 -24.40 -20.43
CA LEU B 527 33.29 -24.61 -19.23
C LEU B 527 33.05 -26.08 -18.92
N ALA B 528 33.22 -26.98 -19.89
CA ALA B 528 33.48 -28.36 -19.58
C ALA B 528 34.92 -28.53 -19.11
N ALA B 529 35.18 -29.61 -18.39
CA ALA B 529 36.43 -29.80 -17.67
C ALA B 529 36.79 -28.57 -16.84
N PRO B 530 35.90 -28.11 -15.96
CA PRO B 530 36.07 -26.79 -15.32
C PRO B 530 37.25 -26.71 -14.36
N GLU B 531 38.00 -27.80 -14.18
CA GLU B 531 39.30 -27.68 -13.52
C GLU B 531 40.27 -26.81 -14.31
N GLY B 532 40.02 -26.57 -15.59
CA GLY B 532 40.87 -25.74 -16.41
C GLY B 532 40.64 -24.26 -16.27
N LEU B 533 39.56 -23.84 -15.62
CA LEU B 533 39.24 -22.42 -15.50
C LEU B 533 40.32 -21.72 -14.69
N VAL B 534 40.45 -20.41 -14.90
CA VAL B 534 41.10 -19.59 -13.88
C VAL B 534 40.24 -19.63 -12.63
N ARG B 535 40.80 -20.06 -11.51
CA ARG B 535 40.11 -20.02 -10.24
C ARG B 535 40.90 -19.20 -9.23
N GLY B 536 40.19 -18.67 -8.25
CA GLY B 536 40.85 -17.96 -7.16
C GLY B 536 39.86 -17.45 -6.14
N VAL B 537 40.43 -16.92 -5.06
CA VAL B 537 39.71 -16.48 -3.88
C VAL B 537 40.14 -15.05 -3.58
N ALA B 538 39.16 -14.16 -3.42
CA ALA B 538 39.48 -12.73 -3.20
C ALA B 538 39.42 -12.40 -1.72
N SER B 539 40.53 -12.54 -1.00
CA SER B 539 40.57 -12.22 0.45
C SER B 539 41.73 -11.26 0.72
N GLY B 540 42.82 -11.76 1.31
CA GLY B 540 44.00 -10.93 1.58
C GLY B 540 44.51 -10.27 0.30
N VAL B 541 44.37 -8.95 0.18
CA VAL B 541 44.87 -8.21 -1.01
C VAL B 541 45.71 -7.02 -0.53
N GLY B 542 45.25 -6.33 0.51
CA GLY B 542 45.99 -5.18 1.06
C GLY B 542 46.54 -4.29 -0.04
N ARG B 543 47.85 -4.37 -0.28
CA ARG B 543 48.49 -3.51 -1.28
C ARG B 543 49.09 -4.29 -2.44
N VAL B 544 49.23 -3.59 -3.61
CA VAL B 544 49.77 -4.19 -4.82
C VAL B 544 51.09 -3.51 -5.16
N ALA B 545 52.06 -4.31 -5.56
CA ALA B 545 53.34 -3.80 -6.04
C ALA B 545 53.57 -4.25 -7.48
N PHE B 546 54.03 -3.33 -8.31
CA PHE B 546 54.46 -3.62 -9.67
C PHE B 546 55.94 -3.96 -9.67
N VAL B 547 56.27 -5.17 -10.10
CA VAL B 547 57.64 -5.65 -10.15
C VAL B 547 58.17 -5.45 -11.56
N PHE B 548 59.34 -4.84 -11.68
CA PHE B 548 59.98 -4.62 -12.96
C PHE B 548 61.30 -5.37 -13.00
N PRO B 549 61.38 -6.50 -13.67
CA PRO B 549 62.57 -7.35 -13.61
C PRO B 549 63.70 -6.82 -14.49
N GLY B 550 64.81 -7.52 -14.45
CA GLY B 550 66.00 -7.10 -15.16
C GLY B 550 66.31 -7.92 -16.39
N GLN B 551 67.07 -9.00 -16.21
CA GLN B 551 67.49 -9.80 -17.33
C GLN B 551 66.66 -11.07 -17.44
N GLY B 552 66.71 -11.69 -18.62
CA GLY B 552 66.02 -12.93 -18.86
C GLY B 552 64.56 -12.82 -19.20
N THR B 553 64.06 -11.61 -19.40
CA THR B 553 62.65 -11.40 -19.72
C THR B 553 62.42 -11.15 -21.21
N GLN B 554 63.49 -11.07 -22.00
CA GLN B 554 63.34 -10.73 -23.40
C GLN B 554 63.08 -11.98 -24.24
N TRP B 555 62.42 -11.75 -25.37
CA TRP B 555 62.22 -12.77 -26.38
C TRP B 555 61.86 -12.07 -27.68
N ALA B 556 62.30 -12.63 -28.80
CA ALA B 556 62.11 -12.00 -30.09
C ALA B 556 60.62 -11.96 -30.43
N GLY B 557 60.10 -10.76 -30.57
CA GLY B 557 58.69 -10.56 -30.86
C GLY B 557 57.82 -10.27 -29.66
N MET B 558 58.37 -9.70 -28.60
CA MET B 558 57.57 -9.41 -27.41
C MET B 558 56.83 -8.10 -27.61
N GLY B 559 55.51 -8.17 -27.50
CA GLY B 559 54.67 -7.03 -27.76
C GLY B 559 54.25 -6.86 -29.20
N ALA B 560 54.72 -7.71 -30.11
CA ALA B 560 54.34 -7.59 -31.51
C ALA B 560 52.85 -7.87 -31.71
N GLU B 561 52.35 -8.97 -31.15
CA GLU B 561 50.92 -9.23 -31.18
C GLU B 561 50.14 -8.23 -30.34
N LEU B 562 50.77 -7.70 -29.30
CA LEU B 562 50.10 -6.74 -28.43
C LEU B 562 50.04 -5.36 -29.03
N LEU B 563 51.01 -5.02 -29.90
CA LEU B 563 50.93 -3.78 -30.65
C LEU B 563 49.68 -3.73 -31.51
N ASP B 564 49.23 -4.88 -32.00
CA ASP B 564 48.01 -4.92 -32.80
C ASP B 564 46.79 -5.04 -31.90
N SER B 565 46.88 -5.87 -30.87
CA SER B 565 45.72 -6.16 -30.04
C SER B 565 45.33 -5.01 -29.12
N SER B 566 46.27 -4.38 -28.42
CA SER B 566 45.95 -3.42 -27.37
C SER B 566 46.30 -2.01 -27.83
N ALA B 567 45.28 -1.13 -27.88
CA ALA B 567 45.51 0.24 -28.32
C ALA B 567 46.26 1.04 -27.29
N VAL B 568 46.06 0.75 -26.01
CA VAL B 568 46.81 1.41 -24.95
C VAL B 568 48.27 1.00 -25.00
N PHE B 569 48.53 -0.29 -25.22
CA PHE B 569 49.91 -0.76 -25.34
C PHE B 569 50.59 -0.13 -26.54
N ALA B 570 49.89 -0.03 -27.67
CA ALA B 570 50.49 0.55 -28.86
C ALA B 570 50.73 2.04 -28.68
N ALA B 571 49.81 2.74 -28.03
CA ALA B 571 50.01 4.14 -27.73
C ALA B 571 51.23 4.34 -26.84
N ALA B 572 51.35 3.51 -25.80
CA ALA B 572 52.49 3.63 -24.89
C ALA B 572 53.78 3.28 -25.59
N MET B 573 53.77 2.30 -26.49
CA MET B 573 54.99 1.93 -27.19
C MET B 573 55.39 2.98 -28.19
N ALA B 574 54.42 3.66 -28.79
CA ALA B 574 54.74 4.79 -29.67
C ALA B 574 55.33 5.94 -28.88
N GLU B 575 54.79 6.20 -27.69
CA GLU B 575 55.36 7.23 -26.83
C GLU B 575 56.78 6.88 -26.42
N CYS B 576 57.03 5.61 -26.08
CA CYS B 576 58.37 5.18 -25.71
C CYS B 576 59.32 5.25 -26.89
N GLU B 577 58.84 4.95 -28.10
CA GLU B 577 59.67 5.07 -29.28
C GLU B 577 60.04 6.52 -29.53
N ALA B 578 59.09 7.43 -29.36
CA ALA B 578 59.38 8.86 -29.47
C ALA B 578 60.44 9.27 -28.45
N ALA B 579 60.34 8.73 -27.23
CA ALA B 579 61.30 9.06 -26.19
C ALA B 579 62.68 8.48 -26.50
N LEU B 580 62.73 7.30 -27.10
CA LEU B 580 64.00 6.61 -27.31
C LEU B 580 64.73 7.11 -28.55
N SER B 581 63.98 7.58 -29.55
CA SER B 581 64.56 7.87 -30.86
C SER B 581 65.75 8.82 -30.84
N PRO B 582 65.83 9.85 -30.00
CA PRO B 582 67.03 10.71 -30.02
C PRO B 582 68.30 10.03 -29.54
N TYR B 583 68.32 8.71 -29.39
CA TYR B 583 69.50 8.01 -28.90
C TYR B 583 69.81 6.71 -29.61
N VAL B 584 68.80 5.96 -30.03
CA VAL B 584 68.97 4.55 -30.34
C VAL B 584 69.45 4.28 -31.77
N ASP B 585 69.24 5.22 -32.70
CA ASP B 585 69.57 5.06 -34.11
C ASP B 585 68.65 4.07 -34.82
N TRP B 586 68.18 3.04 -34.12
CA TRP B 586 67.22 2.13 -34.73
C TRP B 586 65.79 2.57 -34.40
N SER B 587 64.84 1.69 -34.73
CA SER B 587 63.42 1.95 -34.48
C SER B 587 62.88 0.90 -33.53
N LEU B 588 62.18 1.36 -32.49
CA LEU B 588 61.64 0.44 -31.50
C LEU B 588 60.63 -0.51 -32.12
N GLU B 589 59.68 0.04 -32.88
CA GLU B 589 58.64 -0.78 -33.48
C GLU B 589 59.23 -1.76 -34.49
N ALA B 590 60.26 -1.33 -35.22
CA ALA B 590 60.91 -2.23 -36.17
C ALA B 590 61.55 -3.41 -35.45
N VAL B 591 62.19 -3.17 -34.32
CA VAL B 591 62.79 -4.27 -33.57
C VAL B 591 61.71 -5.17 -33.00
N VAL B 592 60.59 -4.58 -32.57
CA VAL B 592 59.53 -5.38 -31.97
C VAL B 592 58.81 -6.19 -33.04
N ARG B 593 58.49 -5.55 -34.17
CA ARG B 593 57.90 -6.27 -35.29
C ARG B 593 58.90 -7.08 -36.08
N GLN B 594 60.17 -7.09 -35.65
CA GLN B 594 61.22 -7.89 -36.27
C GLN B 594 61.33 -7.58 -37.76
N ALA B 595 61.27 -6.29 -38.09
CA ALA B 595 61.47 -5.83 -39.44
C ALA B 595 62.84 -6.28 -39.95
N PRO B 596 63.01 -6.39 -41.27
CA PRO B 596 64.27 -6.94 -41.80
C PRO B 596 65.50 -6.11 -41.45
N GLY B 597 65.44 -4.79 -41.58
CA GLY B 597 66.58 -3.96 -41.29
C GLY B 597 66.73 -3.54 -39.84
N ALA B 598 66.18 -4.29 -38.90
CA ALA B 598 66.24 -3.92 -37.50
C ALA B 598 67.20 -4.82 -36.74
N PRO B 599 67.76 -4.33 -35.63
CA PRO B 599 68.54 -5.22 -34.77
C PRO B 599 67.68 -6.32 -34.18
N THR B 600 68.33 -7.44 -33.86
CA THR B 600 67.64 -8.65 -33.46
C THR B 600 67.77 -8.95 -31.98
N LEU B 601 67.75 -7.93 -31.12
CA LEU B 601 67.83 -8.05 -29.67
C LEU B 601 69.06 -8.81 -29.19
N GLU B 602 70.04 -9.08 -30.05
CA GLU B 602 71.23 -9.81 -29.64
C GLU B 602 72.16 -8.95 -28.80
N ARG B 603 72.18 -7.64 -28.99
CA ARG B 603 73.08 -6.75 -28.27
C ARG B 603 72.35 -6.07 -27.11
N VAL B 604 73.12 -5.65 -26.11
CA VAL B 604 72.53 -5.08 -24.90
C VAL B 604 71.92 -3.72 -25.20
N ASP B 605 72.63 -2.88 -25.95
CA ASP B 605 72.19 -1.53 -26.25
C ASP B 605 70.88 -1.51 -27.04
N VAL B 606 70.39 -2.67 -27.45
CA VAL B 606 69.06 -2.77 -28.04
C VAL B 606 68.09 -3.43 -27.06
N VAL B 607 68.51 -4.53 -26.46
CA VAL B 607 67.58 -5.37 -25.70
C VAL B 607 67.14 -4.67 -24.43
N GLN B 608 67.97 -3.77 -23.89
CA GLN B 608 67.59 -3.11 -22.65
C GLN B 608 66.59 -1.99 -22.87
N PRO B 609 66.77 -1.07 -23.82
CA PRO B 609 65.71 -0.08 -24.06
C PRO B 609 64.42 -0.70 -24.58
N VAL B 610 64.49 -1.81 -25.31
CA VAL B 610 63.28 -2.47 -25.78
C VAL B 610 62.52 -3.10 -24.61
N THR B 611 63.25 -3.72 -23.69
CA THR B 611 62.61 -4.27 -22.49
C THR B 611 62.04 -3.17 -21.63
N PHE B 612 62.76 -2.05 -21.52
CA PHE B 612 62.25 -0.88 -20.80
C PHE B 612 60.94 -0.42 -21.40
N ALA B 613 60.89 -0.27 -22.72
CA ALA B 613 59.68 0.19 -23.38
C ALA B 613 58.53 -0.78 -23.14
N VAL B 614 58.80 -2.08 -23.27
CA VAL B 614 57.74 -3.07 -23.09
C VAL B 614 57.20 -3.04 -21.67
N MET B 615 58.09 -2.88 -20.67
CA MET B 615 57.65 -2.87 -19.29
C MET B 615 56.87 -1.61 -18.95
N VAL B 616 57.34 -0.45 -19.41
CA VAL B 616 56.59 0.79 -19.24
C VAL B 616 55.21 0.66 -19.85
N SER B 617 55.13 0.13 -21.06
CA SER B 617 53.87 0.01 -21.76
C SER B 617 52.96 -1.00 -21.09
N LEU B 618 53.52 -2.08 -20.56
CA LEU B 618 52.70 -3.10 -19.91
C LEU B 618 52.16 -2.58 -18.59
N ALA B 619 52.93 -1.77 -17.89
CA ALA B 619 52.41 -1.12 -16.69
C ALA B 619 51.28 -0.17 -17.05
N ARG B 620 51.44 0.58 -18.15
CA ARG B 620 50.35 1.42 -18.63
C ARG B 620 49.11 0.60 -18.93
N VAL B 621 49.27 -0.59 -19.52
CA VAL B 621 48.14 -1.46 -19.79
C VAL B 621 47.47 -1.92 -18.50
N TRP B 622 48.27 -2.34 -17.52
CA TRP B 622 47.71 -2.77 -16.24
C TRP B 622 46.89 -1.66 -15.61
N GLN B 623 47.44 -0.44 -15.60
CA GLN B 623 46.73 0.68 -14.98
C GLN B 623 45.49 1.04 -15.79
N HIS B 624 45.52 0.79 -17.09
CA HIS B 624 44.34 1.04 -17.92
C HIS B 624 43.18 0.14 -17.52
N HIS B 625 43.48 -1.06 -17.03
CA HIS B 625 42.47 -2.05 -16.70
C HIS B 625 42.15 -2.07 -15.21
N GLY B 626 42.53 -1.05 -14.46
CA GLY B 626 42.10 -0.93 -13.09
C GLY B 626 43.12 -1.30 -12.04
N VAL B 627 44.33 -1.69 -12.44
CA VAL B 627 45.34 -2.17 -11.50
C VAL B 627 46.40 -1.08 -11.43
N THR B 628 46.20 -0.15 -10.54
CA THR B 628 47.26 0.80 -10.25
C THR B 628 48.15 0.25 -9.15
N PRO B 629 49.45 0.53 -9.20
CA PRO B 629 50.36 -0.01 -8.17
C PRO B 629 50.32 0.83 -6.92
N GLN B 630 50.19 0.17 -5.77
CA GLN B 630 50.47 0.85 -4.52
C GLN B 630 51.96 1.09 -4.34
N ALA B 631 52.80 0.25 -4.95
CA ALA B 631 54.22 0.56 -5.00
C ALA B 631 54.81 -0.07 -6.25
N VAL B 632 56.06 0.28 -6.53
CA VAL B 632 56.81 -0.32 -7.61
C VAL B 632 58.20 -0.68 -7.08
N VAL B 633 58.70 -1.80 -7.55
CA VAL B 633 60.02 -2.30 -7.17
C VAL B 633 60.67 -2.88 -8.41
N GLY B 634 61.91 -2.51 -8.67
CA GLY B 634 62.58 -2.89 -9.89
C GLY B 634 63.82 -3.69 -9.60
N HIS B 635 64.19 -4.53 -10.57
CA HIS B 635 65.36 -5.39 -10.46
C HIS B 635 66.35 -4.97 -11.53
N SER B 636 67.50 -4.46 -11.10
CA SER B 636 68.54 -3.99 -12.01
C SER B 636 68.00 -2.93 -12.95
N GLN B 637 68.12 -3.15 -14.26
CA GLN B 637 67.59 -2.22 -15.24
C GLN B 637 66.09 -2.00 -15.08
N GLY B 638 65.36 -3.00 -14.58
CA GLY B 638 63.96 -2.81 -14.29
C GLY B 638 63.67 -1.60 -13.45
N GLU B 639 64.61 -1.23 -12.57
CA GLU B 639 64.43 -0.05 -11.74
C GLU B 639 64.17 1.19 -12.56
N ILE B 640 64.89 1.37 -13.67
CA ILE B 640 64.62 2.47 -14.57
C ILE B 640 63.15 2.51 -14.93
N ALA B 641 62.61 1.38 -15.39
CA ALA B 641 61.19 1.32 -15.71
C ALA B 641 60.36 1.64 -14.47
N ALA B 642 60.70 1.05 -13.33
CA ALA B 642 60.03 1.40 -12.09
C ALA B 642 60.07 2.89 -11.86
N ALA B 643 61.25 3.50 -12.02
CA ALA B 643 61.41 4.91 -11.74
C ALA B 643 60.50 5.76 -12.61
N TYR B 644 60.09 5.23 -13.76
CA TYR B 644 59.19 6.00 -14.62
C TYR B 644 57.74 5.80 -14.19
N VAL B 645 57.37 4.58 -13.83
CA VAL B 645 55.98 4.33 -13.47
C VAL B 645 55.68 4.90 -12.10
N ALA B 646 56.70 5.05 -11.26
CA ALA B 646 56.55 5.77 -10.00
C ALA B 646 56.47 7.28 -10.19
N GLY B 647 56.71 7.78 -11.40
CA GLY B 647 56.75 9.21 -11.60
C GLY B 647 58.07 9.85 -11.21
N ALA B 648 59.02 9.09 -10.69
CA ALA B 648 60.30 9.64 -10.29
C ALA B 648 61.05 10.25 -11.46
N LEU B 649 61.39 9.44 -12.45
CA LEU B 649 62.02 9.94 -13.66
C LEU B 649 60.96 10.22 -14.72
N SER B 650 61.27 11.15 -15.61
CA SER B 650 60.43 11.42 -16.77
C SER B 650 60.82 10.51 -17.93
N LEU B 651 59.91 10.37 -18.89
CA LEU B 651 60.14 9.42 -19.98
C LEU B 651 61.36 9.80 -20.81
N ASP B 652 61.57 11.09 -21.03
CA ASP B 652 62.79 11.50 -21.71
C ASP B 652 64.02 11.09 -20.91
N ASP B 653 64.01 11.34 -19.60
CA ASP B 653 65.16 10.98 -18.77
C ASP B 653 65.27 9.48 -18.57
N ALA B 654 64.14 8.78 -18.41
CA ALA B 654 64.18 7.32 -18.29
C ALA B 654 64.76 6.69 -19.55
N ALA B 655 64.29 7.14 -20.71
CA ALA B 655 64.84 6.67 -21.97
C ALA B 655 66.32 6.97 -22.09
N ARG B 656 66.74 8.18 -21.70
CA ARG B 656 68.16 8.51 -21.77
C ARG B 656 68.97 7.57 -20.89
N VAL B 657 68.49 7.32 -19.67
CA VAL B 657 69.22 6.45 -18.75
C VAL B 657 69.38 5.06 -19.36
N VAL B 658 68.27 4.45 -19.77
CA VAL B 658 68.34 3.08 -20.27
C VAL B 658 69.22 3.00 -21.52
N THR B 659 69.06 3.94 -22.45
CA THR B 659 69.80 3.90 -23.70
C THR B 659 71.28 4.11 -23.48
N LEU B 660 71.65 5.12 -22.71
CA LEU B 660 73.06 5.43 -22.54
C LEU B 660 73.76 4.40 -21.67
N ARG B 661 73.11 3.89 -20.63
CA ARG B 661 73.73 2.83 -19.85
C ARG B 661 73.92 1.59 -20.70
N SER B 662 72.93 1.24 -21.54
CA SER B 662 73.07 0.08 -22.41
C SER B 662 74.20 0.26 -23.41
N LYS B 663 74.35 1.49 -23.94
CA LYS B 663 75.41 1.74 -24.90
C LYS B 663 76.78 1.68 -24.23
N SER B 664 76.89 2.19 -23.00
CA SER B 664 78.15 2.05 -22.27
C SER B 664 78.48 0.59 -22.02
N ILE B 665 77.47 -0.20 -21.64
CA ILE B 665 77.68 -1.63 -21.45
C ILE B 665 78.18 -2.28 -22.72
N ALA B 666 77.59 -1.93 -23.86
CA ALA B 666 78.00 -2.54 -25.12
C ALA B 666 79.36 -2.03 -25.58
N ALA B 667 79.75 -0.84 -25.15
CA ALA B 667 81.01 -0.27 -25.62
C ALA B 667 82.17 -0.65 -24.71
N HIS B 668 81.90 -1.14 -23.51
CA HIS B 668 83.00 -1.52 -22.63
C HIS B 668 82.77 -2.79 -21.83
N LEU B 669 81.56 -3.04 -21.32
CA LEU B 669 81.31 -4.25 -20.54
C LEU B 669 81.03 -5.47 -21.40
N ALA B 670 80.54 -5.28 -22.61
CA ALA B 670 80.15 -6.40 -23.46
C ALA B 670 81.36 -7.26 -23.81
N GLY B 671 81.13 -8.58 -23.86
CA GLY B 671 82.15 -9.54 -24.20
C GLY B 671 83.30 -9.64 -23.22
N LYS B 672 83.20 -9.00 -22.06
CA LYS B 672 84.31 -8.97 -21.10
C LYS B 672 83.99 -9.72 -19.82
N GLY B 673 82.71 -9.88 -19.47
CA GLY B 673 82.34 -10.49 -18.21
C GLY B 673 81.42 -11.67 -18.41
N GLY B 674 80.82 -12.10 -17.29
CA GLY B 674 79.89 -13.20 -17.29
C GLY B 674 79.08 -13.21 -16.01
N MET B 675 77.93 -13.87 -16.09
CA MET B 675 77.02 -13.96 -14.96
C MET B 675 76.51 -15.40 -14.86
N LEU B 676 76.14 -15.79 -13.65
CA LEU B 676 75.80 -17.18 -13.39
C LEU B 676 74.75 -17.24 -12.28
N SER B 677 73.61 -17.88 -12.59
CA SER B 677 72.58 -18.09 -11.58
C SER B 677 72.81 -19.41 -10.88
N LEU B 678 72.73 -19.39 -9.55
CA LEU B 678 72.94 -20.57 -8.73
C LEU B 678 71.71 -20.78 -7.85
N ALA B 679 71.18 -22.00 -7.85
CA ALA B 679 70.09 -22.34 -6.96
C ALA B 679 70.64 -22.63 -5.58
N LEU B 680 70.98 -21.56 -4.85
CA LEU B 680 71.65 -21.70 -3.57
C LEU B 680 71.61 -20.34 -2.88
N SER B 681 71.54 -20.37 -1.54
CA SER B 681 71.46 -19.14 -0.77
C SER B 681 72.74 -18.32 -0.91
N GLU B 682 72.60 -17.02 -0.72
CA GLU B 682 73.76 -16.13 -0.84
C GLU B 682 74.73 -16.31 0.32
N ASP B 683 74.27 -16.93 1.41
CA ASP B 683 75.16 -17.14 2.56
C ASP B 683 76.30 -18.08 2.20
N ALA B 684 75.98 -19.24 1.63
CA ALA B 684 77.03 -20.16 1.19
C ALA B 684 77.70 -19.65 -0.07
N VAL B 685 77.03 -18.78 -0.81
CA VAL B 685 77.58 -18.31 -2.08
C VAL B 685 78.67 -17.28 -1.84
N LEU B 686 78.46 -16.37 -0.88
CA LEU B 686 79.51 -15.45 -0.47
C LEU B 686 80.72 -16.20 0.08
N GLU B 687 80.51 -17.40 0.59
CA GLU B 687 81.63 -18.23 1.04
C GLU B 687 82.34 -18.88 -0.14
N ARG B 688 81.57 -19.42 -1.09
CA ARG B 688 82.18 -20.06 -2.25
C ARG B 688 82.88 -19.07 -3.17
N LEU B 689 82.62 -17.77 -3.01
CA LEU B 689 83.34 -16.78 -3.80
C LEU B 689 84.76 -16.57 -3.31
N ALA B 690 85.16 -17.23 -2.23
CA ALA B 690 86.55 -17.17 -1.80
C ALA B 690 87.45 -17.75 -2.87
N GLY B 691 88.67 -17.21 -2.97
CA GLY B 691 89.59 -17.61 -4.01
C GLY B 691 89.28 -17.07 -5.38
N PHE B 692 88.21 -16.27 -5.52
CA PHE B 692 87.82 -15.68 -6.79
C PHE B 692 87.60 -14.19 -6.59
N ASP B 693 88.70 -13.43 -6.53
CA ASP B 693 88.59 -11.98 -6.41
C ASP B 693 87.86 -11.34 -7.59
N GLY B 694 87.85 -11.99 -8.75
CA GLY B 694 87.14 -11.49 -9.91
C GLY B 694 85.68 -11.83 -9.97
N LEU B 695 85.06 -12.16 -8.84
CA LEU B 695 83.64 -12.48 -8.79
C LEU B 695 82.97 -11.67 -7.69
N SER B 696 81.64 -11.73 -7.66
CA SER B 696 80.85 -11.07 -6.64
C SER B 696 79.42 -11.61 -6.70
N VAL B 697 78.62 -11.22 -5.71
CA VAL B 697 77.20 -11.54 -5.74
C VAL B 697 76.46 -10.43 -6.46
N ALA B 698 75.80 -10.77 -7.56
CA ALA B 698 75.09 -9.79 -8.37
C ALA B 698 73.66 -9.56 -7.91
N ALA B 699 72.99 -10.61 -7.46
CA ALA B 699 71.59 -10.47 -7.06
C ALA B 699 71.21 -11.59 -6.11
N VAL B 700 70.37 -11.27 -5.13
CA VAL B 700 69.80 -12.26 -4.22
C VAL B 700 68.30 -12.21 -4.46
N ASN B 701 67.82 -12.97 -5.44
CA ASN B 701 66.46 -12.86 -5.94
C ASN B 701 65.46 -13.52 -5.01
N GLY B 702 65.85 -14.62 -4.38
CA GLY B 702 65.04 -15.27 -3.39
C GLY B 702 65.92 -15.98 -2.40
N PRO B 703 65.33 -16.49 -1.30
CA PRO B 703 66.14 -17.23 -0.32
C PRO B 703 66.55 -18.60 -0.81
N THR B 704 66.63 -18.82 -2.12
CA THR B 704 66.97 -20.13 -2.65
C THR B 704 67.89 -20.03 -3.86
N ALA B 705 67.92 -18.91 -4.57
CA ALA B 705 68.71 -18.78 -5.79
C ALA B 705 69.30 -17.39 -5.89
N THR B 706 70.62 -17.34 -5.94
CA THR B 706 71.36 -16.09 -6.10
C THR B 706 71.93 -16.02 -7.51
N VAL B 707 72.56 -14.89 -7.80
CA VAL B 707 73.20 -14.63 -9.08
C VAL B 707 74.56 -14.01 -8.80
N VAL B 708 75.62 -14.66 -9.28
CA VAL B 708 76.97 -14.15 -9.19
C VAL B 708 77.36 -13.56 -10.54
N SER B 709 78.36 -12.67 -10.51
CA SER B 709 78.80 -12.00 -11.73
C SER B 709 80.27 -11.63 -11.60
N GLY B 710 81.02 -11.87 -12.66
CA GLY B 710 82.42 -11.50 -12.67
C GLY B 710 83.11 -12.01 -13.91
N ASP B 711 84.41 -12.28 -13.76
CA ASP B 711 85.25 -12.72 -14.86
C ASP B 711 84.72 -14.02 -15.45
N PRO B 712 84.66 -14.14 -16.78
CA PRO B 712 84.05 -15.34 -17.39
C PRO B 712 84.75 -16.64 -17.02
N VAL B 713 86.09 -16.63 -16.95
CA VAL B 713 86.83 -17.83 -16.59
C VAL B 713 86.46 -18.28 -15.19
N GLN B 714 86.39 -17.34 -14.24
CA GLN B 714 85.98 -17.68 -12.89
C GLN B 714 84.51 -18.04 -12.80
N ILE B 715 83.66 -17.45 -13.64
CA ILE B 715 82.26 -17.86 -13.68
C ILE B 715 82.17 -19.31 -14.09
N GLU B 716 82.92 -19.71 -15.12
CA GLU B 716 82.89 -21.10 -15.56
C GLU B 716 83.49 -22.02 -14.50
N GLU B 717 84.54 -21.56 -13.81
CA GLU B 717 85.13 -22.35 -12.74
C GLU B 717 84.12 -22.62 -11.63
N LEU B 718 83.42 -21.56 -11.19
CA LEU B 718 82.41 -21.72 -10.15
C LEU B 718 81.25 -22.60 -10.62
N ALA B 719 80.86 -22.47 -11.88
CA ALA B 719 79.79 -23.31 -12.41
C ALA B 719 80.20 -24.78 -12.40
N ARG B 720 81.44 -25.06 -12.81
CA ARG B 720 81.92 -26.43 -12.79
C ARG B 720 82.04 -26.96 -11.37
N ALA B 721 82.45 -26.11 -10.43
CA ALA B 721 82.52 -26.52 -9.03
C ALA B 721 81.14 -26.86 -8.48
N CYS B 722 80.13 -26.06 -8.86
CA CYS B 722 78.76 -26.37 -8.43
C CYS B 722 78.26 -27.65 -9.09
N GLU B 723 78.62 -27.88 -10.35
CA GLU B 723 78.24 -29.11 -11.02
C GLU B 723 78.99 -30.31 -10.45
N ALA B 724 80.08 -30.04 -9.71
CA ALA B 724 80.82 -31.13 -9.07
C ALA B 724 80.15 -31.60 -7.80
N ASP B 725 79.54 -30.69 -7.05
CA ASP B 725 78.82 -31.03 -5.82
C ASP B 725 77.37 -31.41 -6.07
N GLY B 726 76.98 -31.58 -7.33
CA GLY B 726 75.62 -31.93 -7.67
C GLY B 726 74.60 -30.84 -7.42
N VAL B 727 74.90 -29.59 -7.75
CA VAL B 727 73.97 -28.50 -7.50
C VAL B 727 73.43 -27.99 -8.83
N ARG B 728 72.44 -27.09 -8.77
CA ARG B 728 71.90 -26.47 -9.96
C ARG B 728 72.71 -25.21 -10.27
N ALA B 729 73.09 -25.05 -11.54
CA ALA B 729 73.86 -23.90 -11.99
C ALA B 729 73.47 -23.58 -13.43
N ARG B 730 73.08 -22.32 -13.64
CA ARG B 730 72.60 -21.88 -14.95
C ARG B 730 73.44 -20.68 -15.38
N VAL B 731 74.40 -20.92 -16.28
CA VAL B 731 75.21 -19.84 -16.84
C VAL B 731 74.32 -18.91 -17.63
N ILE B 732 74.29 -17.64 -17.25
CA ILE B 732 73.36 -16.67 -17.83
C ILE B 732 73.90 -16.17 -19.17
N PRO B 733 73.10 -16.21 -20.24
CA PRO B 733 73.59 -15.76 -21.55
C PRO B 733 73.79 -14.25 -21.61
N VAL B 734 74.88 -13.78 -20.99
CA VAL B 734 75.16 -12.35 -20.90
C VAL B 734 76.68 -12.17 -21.01
N ASP B 735 77.11 -11.45 -22.04
CA ASP B 735 78.53 -11.24 -22.31
C ASP B 735 79.17 -10.25 -21.35
N TYR B 736 78.36 -9.52 -20.59
CA TYR B 736 78.89 -8.53 -19.66
C TYR B 736 78.75 -9.09 -18.26
N ALA B 737 79.19 -8.30 -17.29
CA ALA B 737 79.15 -8.67 -15.88
C ALA B 737 78.64 -7.48 -15.09
N SER B 738 77.31 -7.38 -15.00
CA SER B 738 76.71 -6.29 -14.25
C SER B 738 76.88 -6.52 -12.75
N HIS B 739 76.79 -5.42 -12.00
CA HIS B 739 76.86 -5.44 -10.54
C HIS B 739 78.21 -5.96 -10.04
N SER B 740 79.17 -6.06 -10.94
CA SER B 740 80.50 -6.55 -10.61
C SER B 740 81.43 -5.37 -10.38
N ARG B 741 82.73 -5.66 -10.34
CA ARG B 741 83.72 -4.60 -10.22
C ARG B 741 83.96 -3.92 -11.57
N GLN B 742 83.85 -4.69 -12.65
CA GLN B 742 84.18 -4.18 -13.97
C GLN B 742 83.30 -2.99 -14.34
N VAL B 743 82.11 -2.90 -13.76
CA VAL B 743 81.21 -1.78 -14.04
C VAL B 743 81.86 -0.46 -13.70
N GLU B 744 82.78 -0.45 -12.73
CA GLU B 744 83.49 0.79 -12.39
C GLU B 744 84.16 1.41 -13.61
N ILE B 745 84.57 0.57 -14.57
CA ILE B 745 85.21 1.09 -15.78
C ILE B 745 84.32 2.11 -16.47
N ILE B 746 83.01 1.85 -16.52
CA ILE B 746 82.11 2.75 -17.23
C ILE B 746 81.67 3.92 -16.37
N GLU B 747 82.11 3.99 -15.12
CA GLU B 747 81.67 5.06 -14.23
C GLU B 747 82.02 6.43 -14.81
N SER B 748 83.29 6.63 -15.17
CA SER B 748 83.69 7.91 -15.76
C SER B 748 82.88 8.23 -17.00
N GLU B 749 82.32 7.21 -17.65
CA GLU B 749 81.44 7.46 -18.78
C GLU B 749 80.02 7.78 -18.32
N LEU B 750 79.50 7.02 -17.36
CA LEU B 750 78.11 7.20 -16.95
C LEU B 750 77.86 8.60 -16.41
N ALA B 751 78.71 9.05 -15.50
CA ALA B 751 78.56 10.39 -14.94
C ALA B 751 78.65 11.47 -15.99
N GLU B 752 79.21 11.16 -17.16
CA GLU B 752 79.31 12.13 -18.24
C GLU B 752 78.03 12.17 -19.07
N VAL B 753 77.31 11.05 -19.13
CA VAL B 753 76.14 11.00 -20.00
C VAL B 753 74.84 11.09 -19.22
N LEU B 754 74.87 10.84 -17.91
CA LEU B 754 73.68 10.92 -17.09
C LEU B 754 73.68 12.13 -16.17
N ALA B 755 74.55 13.11 -16.42
CA ALA B 755 74.72 14.21 -15.49
C ALA B 755 73.50 15.14 -15.46
N GLY B 756 72.86 15.35 -16.60
CA GLY B 756 71.77 16.31 -16.66
C GLY B 756 70.45 15.84 -16.14
N LEU B 757 70.40 14.71 -15.46
CA LEU B 757 69.12 14.15 -15.03
C LEU B 757 68.44 15.08 -14.03
N SER B 758 67.10 15.13 -14.11
CA SER B 758 66.28 15.94 -13.22
C SER B 758 65.24 15.05 -12.56
N PRO B 759 65.63 14.20 -11.62
CA PRO B 759 64.67 13.32 -10.95
C PRO B 759 63.68 14.13 -10.13
N GLN B 760 62.50 13.56 -9.96
CA GLN B 760 61.43 14.19 -9.21
C GLN B 760 60.99 13.29 -8.07
N ALA B 761 60.21 13.86 -7.17
CA ALA B 761 59.65 13.10 -6.07
C ALA B 761 58.74 11.99 -6.61
N PRO B 762 58.89 10.76 -6.13
CA PRO B 762 58.07 9.66 -6.66
C PRO B 762 56.61 9.82 -6.27
N ARG B 763 55.75 9.86 -7.28
CA ARG B 763 54.31 9.89 -7.02
C ARG B 763 53.82 8.56 -6.46
N VAL B 764 54.14 7.46 -7.10
CA VAL B 764 53.91 6.13 -6.55
C VAL B 764 55.11 5.79 -5.68
N PRO B 765 54.93 5.18 -4.51
CA PRO B 765 56.08 4.77 -3.71
C PRO B 765 57.04 3.90 -4.52
N PHE B 766 58.33 4.05 -4.23
CA PHE B 766 59.40 3.45 -5.02
C PHE B 766 60.36 2.75 -4.07
N PHE B 767 60.23 1.43 -3.94
CA PHE B 767 61.12 0.66 -3.08
C PHE B 767 62.38 0.33 -3.87
N SER B 768 63.49 0.97 -3.53
CA SER B 768 64.78 0.68 -4.13
C SER B 768 65.34 -0.62 -3.61
N THR B 769 65.73 -1.50 -4.53
CA THR B 769 66.52 -2.68 -4.21
C THR B 769 68.01 -2.42 -4.31
N LEU B 770 68.40 -1.15 -4.40
CA LEU B 770 69.79 -0.75 -4.24
C LEU B 770 70.03 -0.15 -2.86
N GLU B 771 69.26 0.89 -2.52
CA GLU B 771 69.22 1.39 -1.16
C GLU B 771 68.50 0.43 -0.22
N GLY B 772 67.73 -0.50 -0.76
CA GLY B 772 67.05 -1.49 0.05
C GLY B 772 65.91 -0.95 0.88
N ALA B 773 65.27 0.12 0.43
CA ALA B 773 64.26 0.79 1.25
C ALA B 773 63.49 1.77 0.38
N TRP B 774 62.60 2.53 1.01
CA TRP B 774 61.80 3.48 0.26
C TRP B 774 62.67 4.61 -0.28
N ILE B 775 62.23 5.17 -1.40
CA ILE B 775 62.81 6.39 -1.97
C ILE B 775 61.74 7.46 -1.93
N THR B 776 61.93 8.47 -1.08
CA THR B 776 60.93 9.51 -0.92
C THR B 776 61.46 10.89 -1.27
N GLU B 777 62.66 10.98 -1.80
CA GLU B 777 63.26 12.25 -2.17
C GLU B 777 63.83 12.15 -3.57
N PRO B 778 63.89 13.28 -4.30
CA PRO B 778 64.37 13.24 -5.69
C PRO B 778 65.86 12.94 -5.80
N VAL B 779 66.26 11.74 -5.36
CA VAL B 779 67.68 11.36 -5.42
C VAL B 779 67.94 10.25 -6.41
N LEU B 780 67.35 10.29 -7.60
CA LEU B 780 67.58 9.29 -8.62
C LEU B 780 68.38 9.89 -9.77
N ASP B 781 69.51 10.51 -9.46
CA ASP B 781 70.34 11.13 -10.48
C ASP B 781 71.25 10.08 -11.11
N GLY B 782 72.16 10.53 -11.97
CA GLY B 782 73.05 9.62 -12.67
C GLY B 782 73.91 8.76 -11.76
N GLY B 783 74.34 9.32 -10.63
CA GLY B 783 75.09 8.52 -9.68
C GLY B 783 74.29 7.34 -9.17
N TYR B 784 73.00 7.55 -8.91
CA TYR B 784 72.13 6.45 -8.51
C TYR B 784 72.06 5.39 -9.59
N TRP B 785 72.02 5.80 -10.85
CA TRP B 785 71.89 4.84 -11.93
C TRP B 785 73.21 4.13 -12.21
N TYR B 786 74.33 4.70 -11.76
CA TYR B 786 75.58 3.95 -11.77
C TYR B 786 75.64 2.97 -10.60
N ARG B 787 75.18 3.40 -9.43
CA ARG B 787 75.17 2.52 -8.26
C ARG B 787 74.27 1.32 -8.49
N ASN B 788 73.10 1.54 -9.08
CA ASN B 788 72.18 0.47 -9.40
C ASN B 788 72.86 -0.60 -10.25
N LEU B 789 73.65 -0.18 -11.23
CA LEU B 789 74.30 -1.12 -12.13
C LEU B 789 75.57 -1.72 -11.52
N ARG B 790 76.16 -1.06 -10.53
CA ARG B 790 77.42 -1.52 -9.99
C ARG B 790 77.26 -2.36 -8.73
N HIS B 791 76.19 -2.17 -7.98
CA HIS B 791 76.02 -2.85 -6.71
C HIS B 791 74.97 -3.95 -6.80
N ARG B 792 74.86 -4.71 -5.72
CA ARG B 792 73.99 -5.88 -5.70
C ARG B 792 72.53 -5.50 -5.92
N VAL B 793 71.74 -6.48 -6.32
CA VAL B 793 70.29 -6.32 -6.36
C VAL B 793 69.73 -6.99 -5.12
N GLY B 794 69.12 -6.20 -4.25
CA GLY B 794 68.51 -6.75 -3.06
C GLY B 794 67.03 -6.99 -3.24
N PHE B 795 66.69 -7.93 -4.11
CA PHE B 795 65.28 -8.13 -4.44
C PHE B 795 64.56 -8.93 -3.35
N ALA B 796 65.17 -10.01 -2.88
CA ALA B 796 64.57 -10.75 -1.77
C ALA B 796 64.41 -9.88 -0.53
N PRO B 797 65.39 -9.07 -0.12
CA PRO B 797 65.12 -8.10 0.95
C PRO B 797 63.94 -7.20 0.65
N ALA B 798 63.83 -6.72 -0.59
CA ALA B 798 62.72 -5.85 -0.96
C ALA B 798 61.38 -6.53 -0.77
N VAL B 799 61.26 -7.78 -1.22
CA VAL B 799 59.97 -8.45 -1.16
C VAL B 799 59.65 -8.87 0.26
N GLU B 800 60.65 -9.30 1.02
CA GLU B 800 60.42 -9.58 2.43
C GLU B 800 59.96 -8.33 3.17
N THR B 801 60.54 -7.18 2.86
CA THR B 801 60.14 -5.94 3.51
C THR B 801 58.72 -5.56 3.13
N LEU B 802 58.44 -5.52 1.83
CA LEU B 802 57.11 -5.10 1.38
C LEU B 802 56.03 -6.07 1.84
N ALA B 803 56.39 -7.33 2.04
CA ALA B 803 55.39 -8.33 2.40
C ALA B 803 55.15 -8.35 3.89
N THR B 804 56.23 -8.45 4.67
CA THR B 804 56.11 -8.48 6.12
C THR B 804 55.62 -7.14 6.68
N ASP B 805 56.24 -6.04 6.24
CA ASP B 805 55.96 -4.73 6.84
C ASP B 805 54.76 -4.04 6.20
N GLU B 806 54.94 -3.49 5.00
CA GLU B 806 54.01 -2.51 4.47
C GLU B 806 52.72 -3.10 3.92
N GLY B 807 52.48 -4.39 4.13
CA GLY B 807 51.18 -4.95 3.81
C GLY B 807 50.95 -5.28 2.36
N PHE B 808 52.01 -5.45 1.58
CA PHE B 808 51.86 -5.76 0.18
C PHE B 808 51.61 -7.25 0.01
N THR B 809 50.47 -7.58 -0.60
CA THR B 809 50.02 -8.95 -0.74
C THR B 809 50.16 -9.47 -2.15
N HIS B 810 50.08 -8.62 -3.14
CA HIS B 810 50.11 -9.02 -4.54
C HIS B 810 51.25 -8.30 -5.24
N PHE B 811 52.06 -9.07 -5.95
CA PHE B 811 53.16 -8.55 -6.74
C PHE B 811 52.87 -8.85 -8.19
N VAL B 812 52.66 -7.81 -8.99
CA VAL B 812 52.34 -7.95 -10.40
C VAL B 812 53.63 -7.75 -11.19
N GLU B 813 54.21 -8.84 -11.67
CA GLU B 813 55.45 -8.76 -12.43
C GLU B 813 55.14 -8.18 -13.80
N VAL B 814 55.42 -6.90 -13.98
CA VAL B 814 55.17 -6.23 -15.26
C VAL B 814 56.38 -6.53 -16.13
N SER B 815 56.25 -7.57 -16.94
CA SER B 815 57.37 -8.12 -17.67
C SER B 815 56.87 -8.86 -18.90
N ALA B 816 57.80 -9.13 -19.82
CA ALA B 816 57.47 -9.91 -21.01
C ALA B 816 57.58 -11.40 -20.77
N HIS B 817 58.12 -11.80 -19.63
CA HIS B 817 58.23 -13.19 -19.24
C HIS B 817 58.53 -13.23 -17.75
N PRO B 818 57.79 -14.02 -16.96
CA PRO B 818 58.03 -14.03 -15.51
C PRO B 818 59.35 -14.68 -15.14
N VAL B 819 60.14 -14.03 -14.29
CA VAL B 819 61.46 -14.52 -13.92
C VAL B 819 61.67 -14.29 -12.43
N LEU B 820 60.72 -13.63 -11.78
CA LEU B 820 60.87 -13.27 -10.38
C LEU B 820 59.72 -13.78 -9.54
N THR B 821 58.58 -14.09 -10.17
CA THR B 821 57.44 -14.59 -9.43
C THR B 821 57.71 -15.95 -8.78
N MET B 822 58.60 -16.75 -9.36
CA MET B 822 59.03 -17.97 -8.68
C MET B 822 60.11 -17.70 -7.63
N ALA B 823 59.98 -16.63 -6.87
CA ALA B 823 60.98 -16.25 -5.88
C ALA B 823 60.40 -15.43 -4.75
N LEU B 824 59.15 -14.97 -4.89
CA LEU B 824 58.48 -14.29 -3.81
C LEU B 824 58.18 -15.28 -2.68
N PRO B 825 57.97 -14.78 -1.46
CA PRO B 825 57.56 -15.67 -0.38
C PRO B 825 56.27 -16.41 -0.72
N GLY B 826 56.07 -17.55 -0.06
CA GLY B 826 54.94 -18.40 -0.38
C GLY B 826 53.59 -17.79 -0.07
N THR B 827 53.56 -16.68 0.66
CA THR B 827 52.30 -16.13 1.11
C THR B 827 51.80 -15.00 0.23
N VAL B 828 52.68 -14.29 -0.44
CA VAL B 828 52.26 -13.23 -1.35
C VAL B 828 51.86 -13.84 -2.69
N THR B 829 50.89 -13.20 -3.35
CA THR B 829 50.47 -13.62 -4.67
C THR B 829 51.42 -13.02 -5.71
N GLY B 830 51.81 -13.85 -6.67
CA GLY B 830 52.60 -13.38 -7.80
C GLY B 830 51.78 -13.46 -9.08
N LEU B 831 51.78 -12.36 -9.83
CA LEU B 831 50.97 -12.24 -11.03
C LEU B 831 51.87 -11.78 -12.17
N ALA B 832 52.05 -12.64 -13.17
CA ALA B 832 52.83 -12.27 -14.33
C ALA B 832 51.97 -11.54 -15.34
N THR B 833 52.60 -11.09 -16.42
CA THR B 833 51.90 -10.38 -17.48
C THR B 833 51.94 -11.19 -18.77
N LEU B 834 53.05 -11.15 -19.47
CA LEU B 834 53.25 -11.92 -20.69
C LEU B 834 54.27 -13.02 -20.44
N ARG B 835 54.20 -14.06 -21.24
CA ARG B 835 55.18 -15.13 -21.23
C ARG B 835 55.85 -15.20 -22.59
N ARG B 836 56.93 -15.97 -22.67
CA ARG B 836 57.64 -16.12 -23.93
C ARG B 836 56.74 -16.79 -24.97
N ASP B 837 56.66 -16.16 -26.14
CA ASP B 837 55.85 -16.57 -27.28
C ASP B 837 54.35 -16.53 -26.99
N ASN B 838 53.94 -16.42 -25.73
CA ASN B 838 52.56 -16.13 -25.35
C ASN B 838 52.53 -14.65 -24.96
N GLY B 839 52.44 -13.77 -25.95
CA GLY B 839 52.47 -12.36 -25.67
C GLY B 839 51.46 -11.52 -26.41
N GLY B 840 50.29 -12.09 -26.71
CA GLY B 840 49.23 -11.38 -27.35
C GLY B 840 48.03 -11.18 -26.43
N GLN B 841 46.88 -10.91 -27.05
CA GLN B 841 45.69 -10.59 -26.27
C GLN B 841 45.20 -11.77 -25.46
N ASP B 842 45.37 -12.99 -25.98
CA ASP B 842 45.11 -14.18 -25.18
C ASP B 842 45.82 -14.11 -23.84
N ARG B 843 47.13 -13.84 -23.88
CA ARG B 843 47.92 -13.82 -22.66
C ARG B 843 47.57 -12.63 -21.78
N LEU B 844 47.24 -11.49 -22.40
CA LEU B 844 46.85 -10.33 -21.61
C LEU B 844 45.58 -10.59 -20.82
N VAL B 845 44.58 -11.20 -21.46
CA VAL B 845 43.35 -11.49 -20.75
C VAL B 845 43.55 -12.61 -19.74
N ALA B 846 44.44 -13.57 -20.03
CA ALA B 846 44.75 -14.58 -19.03
C ALA B 846 45.38 -13.95 -17.79
N SER B 847 46.29 -13.01 -17.98
CA SER B 847 46.93 -12.35 -16.85
C SER B 847 45.95 -11.47 -16.09
N LEU B 848 45.10 -10.74 -16.81
CA LEU B 848 44.07 -9.95 -16.14
C LEU B 848 43.09 -10.83 -15.39
N ALA B 849 42.80 -12.02 -15.92
CA ALA B 849 41.90 -12.94 -15.23
C ALA B 849 42.54 -13.51 -13.99
N GLU B 850 43.83 -13.86 -14.08
CA GLU B 850 44.52 -14.35 -12.89
C GLU B 850 44.67 -13.26 -11.84
N ALA B 851 44.71 -12.00 -12.27
CA ALA B 851 44.79 -10.90 -11.32
C ALA B 851 43.44 -10.64 -10.67
N TRP B 852 42.38 -10.58 -11.48
CA TRP B 852 41.06 -10.29 -10.96
C TRP B 852 40.51 -11.44 -10.14
N ALA B 853 40.87 -12.72 -10.53
CA ALA B 853 40.50 -13.88 -9.68
C ALA B 853 41.26 -13.74 -8.36
N ASN B 854 42.37 -12.99 -8.37
CA ASN B 854 43.15 -12.76 -7.13
C ASN B 854 42.60 -11.51 -6.43
N GLY B 855 41.32 -11.20 -6.66
CA GLY B 855 40.69 -10.03 -6.03
C GLY B 855 41.42 -8.74 -6.34
N LEU B 856 41.85 -8.56 -7.60
CA LEU B 856 42.49 -7.27 -7.99
C LEU B 856 41.43 -6.37 -8.64
N ALA B 857 41.66 -5.06 -8.63
CA ALA B 857 40.65 -4.11 -9.17
C ALA B 857 40.59 -4.23 -10.70
N VAL B 858 40.29 -5.41 -11.23
CA VAL B 858 40.14 -5.55 -12.66
C VAL B 858 38.75 -5.09 -13.08
N ASP B 859 38.70 -4.15 -14.03
CA ASP B 859 37.46 -3.68 -14.61
C ASP B 859 37.37 -4.18 -16.06
N TRP B 860 36.35 -4.98 -16.34
CA TRP B 860 36.25 -5.73 -17.58
C TRP B 860 35.68 -4.94 -18.74
N SER B 861 35.05 -3.79 -18.47
CA SER B 861 34.58 -2.87 -19.52
C SER B 861 35.53 -2.73 -20.72
N PRO B 862 36.82 -2.42 -20.57
CA PRO B 862 37.69 -2.28 -21.75
C PRO B 862 37.87 -3.56 -22.54
N LEU B 863 37.43 -4.71 -22.03
CA LEU B 863 37.44 -5.95 -22.80
C LEU B 863 36.07 -6.35 -23.30
N LEU B 864 35.02 -5.66 -22.89
CA LEU B 864 33.67 -6.01 -23.32
C LEU B 864 33.10 -4.95 -24.26
N SER B 872 21.05 -13.74 -23.31
CA SER B 872 21.33 -12.86 -22.19
C SER B 872 20.55 -13.28 -20.95
N ASP B 873 19.68 -14.28 -21.12
CA ASP B 873 18.92 -14.86 -20.02
C ASP B 873 19.73 -15.95 -19.31
N LEU B 874 20.91 -15.56 -18.85
CA LEU B 874 21.82 -16.50 -18.22
C LEU B 874 21.39 -16.80 -16.77
N PRO B 875 21.91 -17.88 -16.19
CA PRO B 875 21.43 -18.33 -14.88
C PRO B 875 21.54 -17.29 -13.78
N THR B 876 20.64 -17.39 -12.80
CA THR B 876 20.75 -16.66 -11.56
C THR B 876 21.56 -17.45 -10.52
N TYR B 877 21.83 -16.81 -9.40
CA TYR B 877 22.69 -17.37 -8.37
C TYR B 877 22.26 -18.76 -7.92
N ALA B 878 23.23 -19.66 -7.84
CA ALA B 878 23.05 -21.04 -7.38
C ALA B 878 23.05 -21.08 -5.85
N PHE B 879 21.93 -20.68 -5.26
CA PHE B 879 21.78 -20.71 -3.81
C PHE B 879 22.00 -22.11 -3.25
N GLN B 880 22.87 -22.20 -2.24
CA GLN B 880 23.18 -23.45 -1.55
C GLN B 880 22.24 -23.61 -0.35
N THR B 881 21.02 -24.03 -0.64
CA THR B 881 19.94 -23.95 0.34
C THR B 881 20.02 -25.09 1.34
N GLU B 882 20.09 -24.73 2.62
CA GLU B 882 20.06 -25.65 3.76
C GLU B 882 18.66 -25.70 4.34
N ARG B 883 18.27 -26.86 4.85
CA ARG B 883 17.02 -26.95 5.58
C ARG B 883 17.11 -26.18 6.90
N HIS B 884 16.17 -25.27 7.09
CA HIS B 884 16.00 -24.54 8.34
C HIS B 884 14.54 -24.60 8.74
N TRP B 885 14.28 -24.92 10.01
CA TRP B 885 12.91 -25.06 10.48
C TRP B 885 12.88 -24.82 11.98
N LEU B 886 11.67 -24.68 12.50
CA LEU B 886 11.43 -24.52 13.93
C LEU B 886 12.10 -25.62 14.76
#